data_7AHU
#
_entry.id   7AHU
#
_cell.length_a   63.130
_cell.length_b   105.250
_cell.length_c   145.780
_cell.angle_alpha   90.000
_cell.angle_beta   89.995
_cell.angle_gamma   90.000
#
_symmetry.space_group_name_H-M   'P 1 21 1'
#
loop_
_entity.id
_entity.type
_entity.pdbx_description
1 polymer 'Anti-FX Fab of mim8 light chain'
2 polymer 'Anti-FX Fab of mim8 heavy chain'
3 polymer 'Coagulation factor X'
4 polymer 'Coagulation factor X'
5 non-polymer L-alpha-glutamyl-N-{(1S)-4-{[amino(iminio)methyl]amino}-1-[(1S)-2-chloro-1-hydroxyethyl]butyl}glycinamide
6 non-polymer 'CALCIUM ION'
7 water water
#
loop_
_entity_poly.entity_id
_entity_poly.type
_entity_poly.pdbx_seq_one_letter_code
_entity_poly.pdbx_strand_id
1 'polypeptide(L)'
;EIVLTQSPGTLSLSPGERATLSCRASQSVSSSYLAWYQQKPGQAPRLLIYGQSSRTRGIPDRFSGSGSGTDFTLTISRLE
PEDFAVYYCQQFGDSQLFTFGQGTKLEIKRTVAAPSVFIFPPSDEQLKSGTASVVCLLNNFYPREAKVQWKVDNALQSGN
SQESVTEQDSKDSTYSLSSTLTLSKADYEKHKVYACEVTHQGLSSPVTKSFNRGEC
;
L,A
2 'polypeptide(L)'
;EVQLVQSGAEVKKPGESLRISCKGSGYSFSTSWIVWVRQMPGKGLEWMGMIDPSDSFTSYSPSFQGHVTISADKSISTAY
LQWSSLKASDTAMYYCARLHYYNSEEFDVWGQGTLVTVSSASTKGPSVFPLAPCSRSTSESTAALGCLVKDYFPEPVTVS
WNSGALTSGVHTFPAVLQSSGLYSLSSVVTVPSSSLGTKTYTCNVDHKPSNTKVDKRVESKY
;
H,B
3 'polypeptide(L)'
;IVGGQECKDGECPWQALLINEENEGFCGGTILSEFYILTAAHCLYQAKRFKVRVGDRNTEQEEGGEAVHEVEVVIKHNRF
TKETYDFDIAVLRLKTPITFRMNVAPACLPERDWAESTLMTQKTGIVSGFGRTHEKGRQSTRLKMLEVPYVDRNSCKLSS
SFIITQNMFCAGYDTKQEDACQGDSGGPHVTRFKDTYFVTGIVSWGEGCARKGKYGIYTKVTAFLKWIDRSMKTRGLPKA
K
;
C,E
4 'polypeptide(L)' MRKLCSLDNGDCDQFCHEEQNSVVCSCARGYTLADNGKACIPTGPYPCGKQTLERRKR D,F
#
loop_
_chem_comp.id
_chem_comp.type
_chem_comp.name
_chem_comp.formula
0GJ peptide-like L-alpha-glutamyl-N-{(1S)-4-{[amino(iminio)methyl]amino}-1-[(1S)-2-chloro-1-hydroxyethyl]butyl}glycinamide 'C14 H28 Cl N6 O5 1'
CA non-polymer 'CALCIUM ION' 'Ca 2'
#
# COMPACT_ATOMS: atom_id res chain seq x y z
N GLU A 1 2.47 -32.00 23.33
CA GLU A 1 3.53 -31.47 22.46
C GLU A 1 2.88 -31.09 21.13
N ILE A 2 3.21 -29.91 20.63
CA ILE A 2 2.70 -29.41 19.36
C ILE A 2 3.78 -29.40 18.29
N VAL A 3 3.52 -30.09 17.18
CA VAL A 3 4.44 -30.14 16.04
C VAL A 3 4.02 -28.98 15.15
N LEU A 4 4.98 -28.16 14.73
CA LEU A 4 4.70 -27.02 13.86
C LEU A 4 5.21 -27.28 12.47
N THR A 5 4.31 -27.14 11.49
CA THR A 5 4.67 -27.40 10.10
C THR A 5 4.55 -26.08 9.35
N GLN A 6 5.69 -25.59 8.86
CA GLN A 6 5.76 -24.34 8.12
C GLN A 6 5.67 -24.58 6.62
N SER A 7 5.12 -23.60 5.92
CA SER A 7 5.13 -23.79 4.48
C SER A 7 5.13 -22.47 3.70
N PRO A 8 5.80 -22.42 2.54
CA PRO A 8 6.57 -23.49 1.85
C PRO A 8 7.98 -23.71 2.41
N GLY A 9 8.65 -24.77 1.94
CA GLY A 9 10.06 -24.96 2.29
C GLY A 9 10.97 -23.86 1.78
N THR A 10 10.75 -23.43 0.54
CA THR A 10 11.51 -22.35 -0.06
C THR A 10 10.51 -21.45 -0.73
N LEU A 11 10.64 -20.16 -0.48
CA LEU A 11 9.79 -19.15 -1.07
C LEU A 11 10.70 -18.31 -1.94
N SER A 12 10.31 -18.13 -3.20
CA SER A 12 11.15 -17.45 -4.18
C SER A 12 10.42 -16.18 -4.60
N LEU A 13 11.00 -15.04 -4.25
CA LEU A 13 10.35 -13.76 -4.47
C LEU A 13 11.37 -12.71 -4.87
N SER A 14 10.83 -11.59 -5.39
CA SER A 14 11.61 -10.47 -5.89
C SER A 14 11.54 -9.30 -4.91
N PRO A 15 12.64 -8.58 -4.72
CA PRO A 15 12.57 -7.34 -3.95
C PRO A 15 11.38 -6.49 -4.38
N GLY A 16 10.69 -5.90 -3.40
CA GLY A 16 9.52 -5.10 -3.65
C GLY A 16 8.20 -5.81 -3.43
N GLU A 17 8.18 -7.12 -3.52
CA GLU A 17 6.94 -7.88 -3.44
C GLU A 17 6.57 -8.17 -1.99
N ARG A 18 5.33 -8.62 -1.81
CA ARG A 18 4.78 -8.99 -0.51
C ARG A 18 4.98 -10.49 -0.32
N ALA A 19 5.46 -10.90 0.86
CA ALA A 19 5.68 -12.29 1.26
C ALA A 19 4.75 -12.77 2.36
N THR A 20 4.20 -13.98 2.18
CA THR A 20 3.36 -14.65 3.17
C THR A 20 3.89 -16.04 3.51
N LEU A 21 4.26 -16.25 4.79
CA LEU A 21 4.82 -17.50 5.32
C LEU A 21 3.86 -18.17 6.28
N SER A 22 3.59 -19.47 6.08
CA SER A 22 2.61 -20.16 6.92
C SER A 22 3.25 -21.03 7.99
N CYS A 23 2.52 -21.23 9.08
CA CYS A 23 2.92 -22.17 10.13
C CYS A 23 1.64 -22.77 10.69
N ARG A 24 1.46 -24.09 10.64
CA ARG A 24 0.25 -24.61 11.26
C ARG A 24 0.61 -25.50 12.43
N ALA A 25 -0.07 -25.24 13.56
CA ALA A 25 0.09 -25.88 14.85
C ALA A 25 -1.04 -26.81 15.27
N SER A 26 -0.73 -27.86 16.02
CA SER A 26 -1.80 -28.71 16.51
C SER A 26 -2.44 -27.86 17.62
N GLN A 27 -3.50 -27.10 17.37
CA GLN A 27 -4.09 -26.46 18.55
C GLN A 27 -4.64 -27.55 19.47
N SER A 28 -3.80 -28.02 20.38
CA SER A 28 -4.09 -29.10 21.31
C SER A 28 -5.31 -28.80 22.19
N VAL A 29 -5.17 -28.96 23.50
CA VAL A 29 -6.24 -28.59 24.40
C VAL A 29 -6.01 -27.20 24.97
N SER A 30 -4.93 -26.53 24.54
CA SER A 30 -4.41 -25.29 25.09
C SER A 30 -3.92 -24.41 23.93
N SER A 31 -2.61 -24.47 23.65
CA SER A 31 -1.99 -23.67 22.61
C SER A 31 -2.23 -22.17 22.80
N SER A 32 -2.00 -21.34 21.75
CA SER A 32 -2.25 -19.91 21.86
C SER A 32 -2.01 -18.99 20.67
N TYR A 33 -0.73 -18.56 20.56
CA TYR A 33 -0.14 -17.69 19.54
C TYR A 33 1.34 -18.05 19.40
N LEU A 34 1.99 -17.56 18.32
CA LEU A 34 3.40 -17.85 18.10
C LEU A 34 4.34 -16.67 17.95
N ALA A 35 5.62 -16.96 18.28
CA ALA A 35 6.77 -16.09 17.99
C ALA A 35 7.47 -16.50 16.70
N TRP A 36 8.11 -15.55 16.03
CA TRP A 36 8.82 -15.79 14.77
C TRP A 36 10.22 -15.16 14.77
N TYR A 37 11.16 -15.83 14.11
CA TYR A 37 12.58 -15.45 14.08
C TYR A 37 13.10 -15.39 12.64
N GLN A 38 14.07 -14.50 12.41
CA GLN A 38 14.78 -14.41 11.15
C GLN A 38 16.22 -14.83 11.38
N GLN A 39 16.80 -15.60 10.46
CA GLN A 39 18.21 -15.99 10.53
C GLN A 39 18.90 -15.89 9.18
N LYS A 40 20.01 -15.09 9.12
CA LYS A 40 20.93 -14.89 8.00
C LYS A 40 22.20 -15.71 8.17
N PRO A 41 22.87 -16.02 7.06
CA PRO A 41 24.06 -16.89 7.11
C PRO A 41 25.13 -16.42 8.10
N GLY A 42 25.58 -17.33 8.94
CA GLY A 42 26.63 -17.02 9.89
C GLY A 42 26.22 -16.23 11.12
N GLN A 43 24.93 -15.98 11.33
CA GLN A 43 24.45 -15.16 12.42
C GLN A 43 23.56 -15.95 13.35
N ALA A 44 23.38 -15.43 14.57
CA ALA A 44 22.44 -16.03 15.52
C ALA A 44 21.03 -15.71 15.05
N PRO A 45 20.03 -16.50 15.44
CA PRO A 45 18.65 -16.12 15.13
C PRO A 45 18.30 -14.78 15.79
N ARG A 46 17.39 -14.07 15.15
CA ARG A 46 16.93 -12.77 15.63
C ARG A 46 15.41 -12.78 15.77
N LEU A 47 14.92 -12.46 16.97
CA LEU A 47 13.48 -12.38 17.23
C LEU A 47 12.87 -11.19 16.52
N LEU A 48 11.83 -11.41 15.74
CA LEU A 48 11.20 -10.31 15.03
C LEU A 48 9.94 -9.84 15.73
N ILE A 49 8.93 -10.72 15.76
CA ILE A 49 7.60 -10.42 16.30
C ILE A 49 7.07 -11.59 17.14
N TYR A 50 6.18 -11.31 18.10
CA TYR A 50 5.77 -12.39 19.00
C TYR A 50 4.48 -12.04 19.73
N GLY A 51 3.88 -13.07 20.34
CA GLY A 51 2.68 -12.96 21.16
C GLY A 51 1.52 -12.56 20.29
N GLN A 52 0.44 -12.12 20.96
CA GLN A 52 -0.75 -11.72 20.21
C GLN A 52 -0.44 -10.56 19.28
N SER A 53 0.29 -9.55 19.77
CA SER A 53 0.53 -8.39 18.93
C SER A 53 1.73 -7.54 19.35
N SER A 54 2.77 -8.19 19.89
CA SER A 54 3.97 -7.50 20.32
C SER A 54 4.97 -7.47 19.17
N ARG A 55 5.84 -6.46 19.15
CA ARG A 55 6.89 -6.47 18.14
C ARG A 55 8.21 -6.13 18.78
N THR A 56 9.27 -6.78 18.35
CA THR A 56 10.58 -6.40 18.85
C THR A 56 10.95 -5.01 18.33
N ARG A 57 11.69 -4.28 19.15
CA ARG A 57 12.14 -2.93 18.84
C ARG A 57 12.92 -2.91 17.53
N GLY A 58 12.54 -2.01 16.60
CA GLY A 58 13.28 -1.94 15.36
C GLY A 58 12.68 -2.71 14.21
N ILE A 59 11.61 -3.47 14.45
CA ILE A 59 11.02 -4.19 13.33
C ILE A 59 10.10 -3.25 12.57
N PRO A 60 10.32 -3.07 11.27
CA PRO A 60 9.56 -2.08 10.50
C PRO A 60 8.11 -2.50 10.41
N ASP A 61 7.26 -1.52 10.16
CA ASP A 61 5.87 -1.89 10.22
C ASP A 61 5.46 -2.72 9.00
N ARG A 62 6.38 -2.97 8.06
CA ARG A 62 6.11 -3.92 6.97
C ARG A 62 5.96 -5.35 7.48
N PHE A 63 6.44 -5.66 8.69
CA PHE A 63 6.32 -7.00 9.29
C PHE A 63 5.06 -7.07 10.15
N SER A 64 4.20 -8.07 9.90
CA SER A 64 3.03 -8.27 10.76
C SER A 64 2.65 -9.75 10.83
N GLY A 65 2.01 -10.14 11.92
CA GLY A 65 1.59 -11.52 12.13
C GLY A 65 0.10 -11.70 12.37
N SER A 66 -0.43 -12.86 11.99
CA SER A 66 -1.85 -13.12 12.24
C SER A 66 -2.12 -14.64 12.31
N GLY A 67 -3.31 -14.98 12.80
CA GLY A 67 -3.79 -16.36 12.88
C GLY A 67 -4.28 -16.68 14.27
N SER A 68 -4.77 -17.91 14.42
CA SER A 68 -5.25 -18.40 15.72
C SER A 68 -5.49 -19.90 15.64
N GLY A 69 -5.60 -20.52 16.82
CA GLY A 69 -5.86 -21.94 16.78
C GLY A 69 -4.71 -22.76 16.26
N THR A 70 -4.88 -23.30 15.04
CA THR A 70 -3.83 -24.04 14.41
C THR A 70 -3.19 -23.31 13.25
N ASP A 71 -3.66 -22.12 12.89
CA ASP A 71 -3.25 -21.54 11.62
C ASP A 71 -2.64 -20.16 11.81
N PHE A 72 -1.37 -19.98 11.43
CA PHE A 72 -0.73 -18.69 11.69
C PHE A 72 0.04 -18.30 10.43
N THR A 73 0.22 -16.98 10.19
CA THR A 73 1.08 -16.51 9.11
C THR A 73 1.94 -15.35 9.61
N LEU A 74 3.06 -15.10 8.93
CA LEU A 74 3.81 -13.84 8.97
C LEU A 74 3.89 -13.21 7.59
N THR A 75 3.55 -11.92 7.47
CA THR A 75 3.57 -11.18 6.20
C THR A 75 4.58 -10.02 6.19
N ILE A 76 5.40 -9.94 5.12
CA ILE A 76 6.29 -8.81 4.81
C ILE A 76 5.81 -8.02 3.57
N SER A 77 5.34 -6.78 3.77
CA SER A 77 4.65 -6.02 2.73
C SER A 77 5.55 -5.66 1.54
N ARG A 78 6.85 -5.39 1.79
CA ARG A 78 7.75 -4.91 0.74
C ARG A 78 9.17 -5.39 1.04
N LEU A 79 9.64 -6.31 0.20
CA LEU A 79 10.92 -6.97 0.46
C LEU A 79 12.08 -6.01 0.19
N GLU A 80 13.05 -6.02 1.10
CA GLU A 80 14.32 -5.34 0.96
C GLU A 80 15.43 -6.33 0.70
N PRO A 81 16.53 -5.89 0.08
CA PRO A 81 17.63 -6.82 -0.17
C PRO A 81 18.06 -7.45 1.14
N GLU A 82 17.99 -6.65 2.20
CA GLU A 82 18.35 -7.07 3.54
C GLU A 82 17.33 -8.03 4.15
N ASP A 83 16.19 -8.26 3.51
CA ASP A 83 15.13 -9.09 4.11
C ASP A 83 15.19 -10.58 3.78
N PHE A 84 16.05 -11.01 2.85
CA PHE A 84 16.15 -12.41 2.42
C PHE A 84 16.96 -13.31 3.36
N ALA A 85 16.31 -14.38 3.86
CA ALA A 85 16.78 -15.16 5.00
C ALA A 85 15.89 -16.37 5.29
N VAL A 86 16.21 -17.17 6.34
CA VAL A 86 15.34 -18.25 6.82
C VAL A 86 14.47 -17.75 7.96
N TYR A 87 13.22 -18.18 8.01
CA TYR A 87 12.30 -17.75 9.06
C TYR A 87 11.76 -18.96 9.81
N TYR A 88 11.70 -18.85 11.13
CA TYR A 88 11.20 -19.94 11.97
C TYR A 88 10.01 -19.47 12.80
N CYS A 89 8.96 -20.27 12.85
CA CYS A 89 7.92 -20.03 13.83
C CYS A 89 8.29 -20.82 15.08
N GLN A 90 7.65 -20.48 16.19
CA GLN A 90 7.99 -21.11 17.45
C GLN A 90 6.76 -21.02 18.34
N GLN A 91 6.37 -22.16 18.90
CA GLN A 91 5.29 -22.31 19.86
C GLN A 91 5.81 -22.71 21.23
N PHE A 92 4.94 -22.49 22.21
CA PHE A 92 5.03 -23.02 23.56
C PHE A 92 3.65 -23.47 24.00
N GLY A 93 3.55 -24.65 24.64
CA GLY A 93 2.34 -24.78 25.45
C GLY A 93 2.83 -24.88 26.88
N ASP A 94 2.02 -24.56 27.91
CA ASP A 94 2.53 -24.56 29.28
C ASP A 94 3.10 -25.93 29.67
N SER A 95 2.31 -26.96 29.42
CA SER A 95 2.58 -28.34 29.76
C SER A 95 3.53 -28.96 28.75
N GLN A 96 3.56 -28.38 27.53
CA GLN A 96 4.20 -28.90 26.32
C GLN A 96 5.57 -28.30 25.98
N LEU A 97 6.04 -27.30 26.71
CA LEU A 97 7.33 -26.63 26.42
C LEU A 97 7.34 -25.98 25.02
N PHE A 98 8.53 -25.87 24.39
CA PHE A 98 8.80 -25.14 23.14
C PHE A 98 8.98 -26.06 21.92
N THR A 99 8.52 -25.58 20.74
CA THR A 99 8.81 -26.20 19.45
C THR A 99 8.98 -25.18 18.33
N PHE A 100 9.79 -25.54 17.33
CA PHE A 100 10.04 -24.74 16.12
C PHE A 100 9.50 -25.39 14.84
N GLY A 101 9.19 -24.54 13.89
CA GLY A 101 8.96 -24.95 12.50
C GLY A 101 10.25 -25.34 11.79
N GLN A 102 10.11 -25.84 10.56
CA GLN A 102 11.27 -26.35 9.85
C GLN A 102 12.03 -25.27 9.07
N GLY A 103 11.51 -24.06 9.01
CA GLY A 103 12.19 -22.93 8.39
C GLY A 103 11.67 -22.69 7.00
N THR A 104 11.63 -21.43 6.59
CA THR A 104 11.37 -21.06 5.21
C THR A 104 12.53 -20.20 4.70
N LYS A 105 13.11 -20.58 3.56
CA LYS A 105 14.16 -19.79 2.94
C LYS A 105 13.49 -18.75 2.04
N LEU A 106 13.79 -17.50 2.29
CA LEU A 106 13.32 -16.40 1.48
C LEU A 106 14.44 -16.06 0.51
N GLU A 107 14.24 -16.38 -0.75
CA GLU A 107 15.31 -16.16 -1.70
C GLU A 107 14.87 -15.18 -2.77
N ILE A 108 15.87 -14.65 -3.48
CA ILE A 108 15.62 -13.63 -4.48
C ILE A 108 15.23 -14.36 -5.76
N LYS A 109 14.08 -14.02 -6.30
CA LYS A 109 13.74 -14.49 -7.61
C LYS A 109 14.37 -13.54 -8.60
N ARG A 110 15.24 -14.08 -9.45
CA ARG A 110 15.84 -13.32 -10.52
C ARG A 110 15.51 -14.07 -11.80
N THR A 111 15.93 -13.52 -12.94
CA THR A 111 15.66 -14.24 -14.17
C THR A 111 16.52 -15.51 -14.23
N VAL A 112 16.01 -16.49 -14.98
CA VAL A 112 16.73 -17.72 -15.25
C VAL A 112 18.11 -17.37 -15.83
N ALA A 113 19.15 -18.06 -15.33
CA ALA A 113 20.53 -17.93 -15.84
C ALA A 113 21.18 -19.30 -15.96
N ALA A 114 21.66 -19.65 -17.17
CA ALA A 114 22.32 -20.93 -17.41
C ALA A 114 23.69 -20.96 -16.74
N PRO A 115 24.11 -22.12 -16.23
CA PRO A 115 25.46 -22.24 -15.68
C PRO A 115 26.52 -22.18 -16.75
N SER A 116 27.67 -21.64 -16.37
CA SER A 116 28.88 -21.97 -17.08
C SER A 116 29.36 -23.30 -16.55
N VAL A 117 29.75 -24.22 -17.43
CA VAL A 117 30.09 -25.55 -16.99
C VAL A 117 31.55 -25.79 -17.30
N PHE A 118 32.25 -26.37 -16.36
CA PHE A 118 33.66 -26.67 -16.54
C PHE A 118 34.02 -28.01 -15.92
N ILE A 119 34.93 -28.75 -16.56
CA ILE A 119 35.48 -29.97 -15.99
C ILE A 119 36.98 -29.81 -15.80
N PHE A 120 37.51 -30.34 -14.67
CA PHE A 120 38.92 -30.34 -14.31
C PHE A 120 39.39 -31.77 -14.02
N PRO A 121 40.49 -32.23 -14.62
CA PRO A 121 41.03 -33.57 -14.35
C PRO A 121 41.79 -33.61 -13.05
N PRO A 122 42.05 -34.79 -12.48
CA PRO A 122 42.98 -34.85 -11.34
C PRO A 122 44.39 -34.47 -11.74
N SER A 123 45.11 -33.86 -10.81
CA SER A 123 46.48 -33.48 -11.10
C SER A 123 47.36 -34.70 -11.01
N ASP A 124 48.46 -34.65 -11.77
CA ASP A 124 49.42 -35.74 -11.66
C ASP A 124 49.95 -35.82 -10.25
N GLU A 125 50.10 -34.66 -9.60
CA GLU A 125 50.59 -34.64 -8.24
C GLU A 125 49.64 -35.41 -7.34
N GLN A 126 48.32 -35.16 -7.48
CA GLN A 126 47.34 -35.88 -6.67
C GLN A 126 47.38 -37.35 -6.99
N LEU A 127 47.52 -37.66 -8.28
CA LEU A 127 47.49 -39.04 -8.77
C LEU A 127 48.60 -39.85 -8.13
N LYS A 128 49.77 -39.25 -7.95
CA LYS A 128 50.87 -39.97 -7.31
C LYS A 128 50.53 -40.33 -5.87
N SER A 129 49.53 -39.67 -5.28
CA SER A 129 49.12 -39.97 -3.90
C SER A 129 48.06 -41.07 -3.83
N GLY A 130 47.64 -41.59 -4.98
CA GLY A 130 46.79 -42.75 -5.04
C GLY A 130 45.32 -42.50 -5.29
N THR A 131 44.90 -41.25 -5.45
CA THR A 131 43.49 -40.93 -5.66
C THR A 131 43.35 -39.94 -6.80
N ALA A 132 42.23 -40.02 -7.48
CA ALA A 132 41.92 -39.08 -8.54
C ALA A 132 40.60 -38.43 -8.19
N SER A 133 40.62 -37.10 -8.03
CA SER A 133 39.43 -36.28 -7.93
C SER A 133 39.25 -35.51 -9.22
N VAL A 134 38.06 -35.61 -9.80
CA VAL A 134 37.68 -34.90 -11.01
C VAL A 134 36.56 -33.95 -10.61
N VAL A 135 36.66 -32.69 -11.03
CA VAL A 135 35.74 -31.67 -10.53
C VAL A 135 34.92 -31.05 -11.66
N CYS A 136 33.61 -30.93 -11.45
CA CYS A 136 32.72 -30.23 -12.36
C CYS A 136 32.11 -29.01 -11.67
N LEU A 137 32.23 -27.84 -12.31
CA LEU A 137 31.75 -26.58 -11.76
C LEU A 137 30.60 -26.03 -12.58
N LEU A 138 29.51 -25.65 -11.90
CA LEU A 138 28.41 -24.94 -12.52
C LEU A 138 28.42 -23.56 -11.87
N ASN A 139 28.68 -22.54 -12.68
CA ASN A 139 29.01 -21.20 -12.24
C ASN A 139 27.90 -20.23 -12.64
N ASN A 140 27.29 -19.57 -11.65
CA ASN A 140 26.35 -18.47 -11.83
C ASN A 140 25.10 -18.91 -12.61
N PHE A 141 24.29 -19.69 -11.93
CA PHE A 141 23.06 -20.15 -12.54
C PHE A 141 21.95 -19.81 -11.56
N TYR A 142 20.73 -19.81 -12.08
CA TYR A 142 19.52 -19.58 -11.35
C TYR A 142 18.44 -20.25 -12.17
N PRO A 143 17.51 -21.01 -11.58
CA PRO A 143 17.28 -21.29 -10.16
C PRO A 143 18.25 -22.32 -9.57
N ARG A 144 18.15 -22.58 -8.27
CA ARG A 144 19.11 -23.49 -7.64
C ARG A 144 19.09 -24.88 -8.25
N GLU A 145 17.94 -25.36 -8.71
CA GLU A 145 17.87 -26.75 -9.12
C GLU A 145 18.79 -27.00 -10.33
N ALA A 146 19.60 -28.05 -10.21
CA ALA A 146 20.59 -28.43 -11.21
C ALA A 146 20.94 -29.90 -11.02
N LYS A 147 21.11 -30.62 -12.13
CA LYS A 147 21.48 -32.03 -12.15
C LYS A 147 22.88 -32.19 -12.72
N VAL A 148 23.76 -32.83 -11.97
CA VAL A 148 25.13 -33.08 -12.39
C VAL A 148 25.32 -34.59 -12.40
N GLN A 149 25.62 -35.14 -13.57
CA GLN A 149 25.79 -36.56 -13.78
C GLN A 149 27.22 -36.85 -14.21
N TRP A 150 27.85 -37.76 -13.50
CA TRP A 150 29.20 -38.24 -13.79
C TRP A 150 29.16 -39.47 -14.67
N LYS A 151 29.97 -39.49 -15.72
CA LYS A 151 30.08 -40.65 -16.58
C LYS A 151 31.55 -41.06 -16.76
N VAL A 152 31.87 -42.33 -16.54
CA VAL A 152 33.23 -42.83 -16.79
C VAL A 152 33.07 -43.85 -17.90
N ASP A 153 33.60 -43.53 -19.08
CA ASP A 153 33.38 -44.33 -20.29
C ASP A 153 31.91 -44.63 -20.47
N ASN A 154 31.10 -43.58 -20.29
CA ASN A 154 29.65 -43.56 -20.45
C ASN A 154 28.91 -44.33 -19.36
N ALA A 155 29.59 -44.81 -18.33
CA ALA A 155 28.96 -45.46 -17.18
C ALA A 155 28.66 -44.39 -16.13
N LEU A 156 27.39 -44.25 -15.78
CA LEU A 156 27.02 -43.30 -14.75
C LEU A 156 27.57 -43.69 -13.40
N GLN A 157 28.26 -42.74 -12.76
CA GLN A 157 28.86 -42.93 -11.45
C GLN A 157 27.90 -42.39 -10.40
N SER A 158 27.54 -43.23 -9.45
CA SER A 158 26.64 -42.83 -8.39
C SER A 158 27.23 -43.22 -7.05
N GLY A 159 27.25 -42.30 -6.10
CA GLY A 159 27.70 -42.66 -4.77
C GLY A 159 29.16 -42.42 -4.54
N ASN A 160 29.88 -41.91 -5.53
CA ASN A 160 31.30 -41.63 -5.42
C ASN A 160 31.54 -40.17 -5.74
N SER A 161 30.54 -39.32 -5.49
CA SER A 161 30.74 -37.90 -5.68
C SER A 161 30.13 -37.11 -4.52
N GLN A 162 30.61 -35.88 -4.37
CA GLN A 162 30.10 -34.91 -3.42
C GLN A 162 29.94 -33.52 -4.02
N GLU A 163 28.88 -32.84 -3.61
CA GLU A 163 28.54 -31.51 -4.08
C GLU A 163 28.73 -30.47 -2.98
N SER A 164 29.02 -29.27 -3.41
CA SER A 164 29.03 -28.12 -2.53
C SER A 164 28.36 -27.02 -3.33
N VAL A 165 27.56 -26.18 -2.67
CA VAL A 165 26.81 -25.16 -3.40
C VAL A 165 26.90 -23.82 -2.68
N THR A 166 27.05 -22.77 -3.45
CA THR A 166 27.03 -21.47 -2.83
C THR A 166 25.59 -21.02 -2.53
N GLU A 167 25.47 -20.02 -1.66
CA GLU A 167 24.25 -19.26 -1.43
C GLU A 167 23.94 -18.33 -2.60
N GLN A 168 22.66 -17.99 -2.71
CA GLN A 168 22.21 -17.13 -3.79
C GLN A 168 23.08 -15.89 -3.74
N ASP A 169 23.65 -15.51 -4.89
CA ASP A 169 24.63 -14.45 -4.86
C ASP A 169 24.02 -13.13 -4.46
N SER A 170 24.75 -12.41 -3.61
CA SER A 170 24.23 -11.18 -3.04
C SER A 170 24.23 -10.04 -4.06
N LYS A 171 25.07 -10.16 -5.09
CA LYS A 171 25.14 -9.11 -6.09
C LYS A 171 24.24 -9.41 -7.27
N ASP A 172 24.35 -10.62 -7.83
CA ASP A 172 23.65 -11.02 -9.05
C ASP A 172 22.64 -12.15 -8.84
N SER A 173 22.48 -12.64 -7.61
CA SER A 173 21.47 -13.64 -7.24
C SER A 173 21.69 -14.98 -7.94
N THR A 174 22.90 -15.29 -8.37
CA THR A 174 23.13 -16.59 -8.98
C THR A 174 23.70 -17.57 -7.96
N TYR A 175 23.74 -18.84 -8.34
CA TYR A 175 24.38 -19.86 -7.54
C TYR A 175 25.60 -20.45 -8.23
N SER A 176 26.50 -21.01 -7.44
CA SER A 176 27.56 -21.82 -8.03
C SER A 176 27.65 -23.13 -7.25
N LEU A 177 28.10 -24.17 -7.93
CA LEU A 177 28.08 -25.51 -7.33
C LEU A 177 29.28 -26.26 -7.87
N SER A 178 29.90 -27.06 -7.01
CA SER A 178 30.91 -27.99 -7.45
C SER A 178 30.44 -29.41 -7.18
N SER A 179 30.89 -30.31 -8.05
CA SER A 179 30.72 -31.74 -7.86
C SER A 179 32.10 -32.35 -8.00
N THR A 180 32.47 -33.17 -7.04
CA THR A 180 33.77 -33.79 -6.99
C THR A 180 33.58 -35.29 -7.03
N LEU A 181 34.19 -35.93 -8.02
CA LEU A 181 34.22 -37.37 -8.22
C LEU A 181 35.54 -37.90 -7.69
N THR A 182 35.49 -38.91 -6.83
CA THR A 182 36.68 -39.47 -6.21
C THR A 182 36.84 -40.93 -6.58
N LEU A 183 37.99 -41.29 -7.16
CA LEU A 183 38.30 -42.65 -7.57
C LEU A 183 39.65 -43.04 -7.02
N SER A 184 39.84 -44.34 -6.79
CA SER A 184 41.19 -44.86 -6.56
C SER A 184 42.02 -44.68 -7.82
N LYS A 185 43.34 -44.56 -7.66
CA LYS A 185 44.17 -44.52 -8.86
C LYS A 185 43.94 -45.75 -9.75
N ALA A 186 43.88 -46.97 -9.18
CA ALA A 186 43.67 -48.15 -10.01
C ALA A 186 42.35 -48.09 -10.77
N ASP A 187 41.28 -47.69 -10.08
CA ASP A 187 40.01 -47.54 -10.74
C ASP A 187 40.10 -46.38 -11.70
N TYR A 188 40.77 -45.32 -11.30
CA TYR A 188 40.88 -44.21 -12.22
C TYR A 188 41.57 -44.68 -13.51
N GLU A 189 42.59 -45.54 -13.37
CA GLU A 189 43.43 -46.03 -14.46
C GLU A 189 42.74 -47.07 -15.31
N LYS A 190 41.57 -47.51 -14.91
CA LYS A 190 40.81 -48.50 -15.66
C LYS A 190 39.92 -47.91 -16.75
N HIS A 191 39.87 -46.59 -16.92
CA HIS A 191 38.87 -46.00 -17.81
C HIS A 191 39.47 -44.87 -18.64
N LYS A 192 38.78 -44.56 -19.74
CA LYS A 192 39.25 -43.60 -20.74
C LYS A 192 38.53 -42.26 -20.66
N VAL A 193 37.20 -42.25 -20.79
CA VAL A 193 36.44 -41.01 -20.96
C VAL A 193 35.85 -40.58 -19.62
N TYR A 194 36.19 -39.40 -19.14
CA TYR A 194 35.64 -38.85 -17.91
C TYR A 194 34.76 -37.66 -18.29
N ALA A 195 33.47 -37.71 -17.97
CA ALA A 195 32.55 -36.69 -18.47
C ALA A 195 31.61 -36.20 -17.36
N CYS A 196 31.29 -34.92 -17.43
CA CYS A 196 30.28 -34.29 -16.59
C CYS A 196 29.13 -33.83 -17.46
N GLU A 197 27.91 -34.20 -17.10
CA GLU A 197 26.72 -33.75 -17.80
C GLU A 197 25.83 -32.97 -16.86
N VAL A 198 25.51 -31.74 -17.25
CA VAL A 198 24.77 -30.82 -16.43
C VAL A 198 23.44 -30.62 -17.13
N THR A 199 22.39 -30.85 -16.37
CA THR A 199 21.03 -30.60 -16.77
C THR A 199 20.54 -29.44 -15.92
N HIS A 200 19.91 -28.45 -16.56
CA HIS A 200 19.49 -27.27 -15.83
C HIS A 200 18.37 -26.56 -16.56
N GLN A 201 17.49 -25.98 -15.74
CA GLN A 201 16.33 -25.23 -16.20
C GLN A 201 16.70 -24.26 -17.32
N GLY A 202 17.87 -23.65 -17.21
CA GLY A 202 18.33 -22.65 -18.16
C GLY A 202 19.05 -23.26 -19.34
N LEU A 203 19.18 -24.58 -19.36
CA LEU A 203 19.88 -25.27 -20.43
C LEU A 203 18.80 -25.88 -21.31
N SER A 204 18.74 -25.42 -22.58
CA SER A 204 17.75 -25.96 -23.49
C SER A 204 17.96 -27.44 -23.75
N SER A 205 19.22 -27.89 -23.77
CA SER A 205 19.58 -29.30 -23.79
C SER A 205 20.70 -29.49 -22.77
N PRO A 206 20.90 -30.70 -22.25
CA PRO A 206 22.02 -30.92 -21.33
C PRO A 206 23.38 -30.65 -21.94
N VAL A 207 24.29 -30.10 -21.12
CA VAL A 207 25.65 -29.76 -21.53
C VAL A 207 26.64 -30.78 -20.97
N THR A 208 27.50 -31.33 -21.82
CA THR A 208 28.54 -32.27 -21.41
C THR A 208 29.94 -31.68 -21.62
N LYS A 209 30.75 -31.72 -20.58
CA LYS A 209 32.17 -31.41 -20.65
C LYS A 209 32.94 -32.69 -20.35
N SER A 210 34.00 -32.96 -21.10
CA SER A 210 34.69 -34.23 -20.89
C SER A 210 36.19 -34.11 -21.15
N PHE A 211 36.90 -35.17 -20.75
CA PHE A 211 38.31 -35.37 -21.11
C PHE A 211 38.58 -36.87 -21.21
N ASN A 212 39.71 -37.22 -21.81
CA ASN A 212 40.17 -38.60 -21.90
C ASN A 212 41.30 -38.79 -20.89
N ARG A 213 41.19 -39.86 -20.09
CA ARG A 213 42.16 -40.11 -19.03
C ARG A 213 43.56 -40.11 -19.61
N GLY A 214 44.46 -39.47 -18.90
CA GLY A 214 45.86 -39.50 -19.25
C GLY A 214 46.31 -38.45 -20.24
N GLU A 215 45.41 -37.65 -20.79
CA GLU A 215 45.86 -36.67 -21.75
C GLU A 215 46.03 -35.35 -21.02
N CYS A 216 45.80 -35.42 -19.72
CA CYS A 216 45.80 -34.34 -18.76
C CYS A 216 47.03 -34.43 -17.87
N GLU B 1 25.15 -2.52 27.68
CA GLU B 1 24.51 -3.29 26.61
C GLU B 1 24.31 -4.69 27.10
N VAL B 2 23.09 -5.19 26.98
CA VAL B 2 22.84 -6.58 27.35
C VAL B 2 23.35 -7.47 26.23
N GLN B 3 24.13 -8.48 26.62
CA GLN B 3 24.67 -9.45 25.70
C GLN B 3 24.72 -10.82 26.36
N LEU B 4 24.62 -11.82 25.50
CA LEU B 4 25.01 -13.17 25.85
C LEU B 4 26.19 -13.47 24.95
N VAL B 5 27.31 -13.88 25.56
CA VAL B 5 28.55 -14.17 24.85
C VAL B 5 28.98 -15.58 25.18
N GLN B 6 29.15 -16.40 24.14
CA GLN B 6 29.46 -17.78 24.37
C GLN B 6 30.95 -17.98 24.14
N SER B 7 31.50 -19.03 24.75
CA SER B 7 32.88 -19.47 24.53
C SER B 7 33.05 -19.99 23.10
N GLY B 8 34.33 -20.18 22.69
CA GLY B 8 34.64 -20.43 21.29
C GLY B 8 34.48 -21.87 20.85
N ALA B 9 34.75 -22.08 19.56
CA ALA B 9 34.56 -23.39 18.95
C ALA B 9 35.39 -24.44 19.65
N GLU B 10 34.83 -25.64 19.74
CA GLU B 10 35.42 -26.83 20.37
C GLU B 10 35.55 -27.96 19.34
N VAL B 11 36.65 -28.71 19.42
CA VAL B 11 36.87 -29.87 18.58
C VAL B 11 37.27 -31.06 19.48
N LYS B 12 36.43 -32.11 19.51
CA LYS B 12 36.55 -33.22 20.45
C LYS B 12 36.33 -34.53 19.71
N LYS B 13 36.77 -35.65 20.32
CA LYS B 13 36.58 -37.06 19.92
C LYS B 13 35.44 -37.72 20.69
N PRO B 14 34.78 -38.73 20.13
CA PRO B 14 33.75 -39.44 20.89
C PRO B 14 34.27 -39.97 22.20
N GLY B 15 33.44 -39.87 23.23
CA GLY B 15 33.77 -40.32 24.56
C GLY B 15 34.38 -39.27 25.45
N GLU B 16 34.84 -38.17 24.88
CA GLU B 16 35.33 -37.08 25.71
C GLU B 16 34.17 -36.31 26.31
N SER B 17 34.39 -35.70 27.48
CA SER B 17 33.45 -34.77 28.09
C SER B 17 33.74 -33.37 27.59
N LEU B 18 32.74 -32.48 27.74
CA LEU B 18 32.86 -31.10 27.26
C LEU B 18 31.86 -30.18 27.97
N ARG B 19 32.33 -28.99 28.33
CA ARG B 19 31.49 -27.93 28.89
C ARG B 19 31.64 -26.61 28.15
N ILE B 20 30.54 -26.12 27.56
CA ILE B 20 30.56 -24.81 26.91
C ILE B 20 29.83 -23.82 27.83
N SER B 21 30.11 -22.54 27.67
CA SER B 21 29.64 -21.50 28.61
C SER B 21 28.93 -20.41 27.89
N CYS B 22 28.11 -19.70 28.65
CA CYS B 22 27.26 -18.65 28.09
C CYS B 22 27.19 -17.54 29.15
N LYS B 23 27.80 -16.37 28.85
CA LYS B 23 27.91 -15.26 29.80
C LYS B 23 26.97 -14.11 29.51
N GLY B 24 26.22 -13.70 30.53
CA GLY B 24 25.32 -12.57 30.41
C GLY B 24 25.96 -11.31 30.94
N SER B 25 25.70 -10.19 30.25
CA SER B 25 26.15 -8.90 30.75
C SER B 25 25.11 -7.83 30.42
N GLY B 26 25.13 -6.73 31.19
CA GLY B 26 24.21 -5.62 30.95
C GLY B 26 22.81 -5.77 31.53
N TYR B 27 22.58 -6.79 32.34
CA TYR B 27 21.29 -7.05 32.95
C TYR B 27 21.55 -8.02 34.09
N SER B 28 20.57 -8.22 34.94
CA SER B 28 20.80 -9.15 36.03
C SER B 28 20.55 -10.58 35.53
N PHE B 29 21.59 -11.41 35.57
CA PHE B 29 21.50 -12.74 34.97
C PHE B 29 20.48 -13.61 35.70
N SER B 30 20.41 -13.42 37.01
CA SER B 30 19.55 -14.25 37.85
C SER B 30 18.08 -14.09 37.49
N THR B 31 17.69 -12.98 36.84
CA THR B 31 16.31 -12.49 36.69
C THR B 31 15.62 -13.06 35.46
N SER B 32 16.35 -13.82 34.64
CA SER B 32 15.89 -14.41 33.39
C SER B 32 16.31 -15.86 33.28
N TRP B 33 15.41 -16.69 32.76
CA TRP B 33 15.83 -18.05 32.46
C TRP B 33 16.76 -18.02 31.26
N ILE B 34 17.67 -18.99 31.20
CA ILE B 34 18.62 -19.10 30.10
C ILE B 34 18.37 -20.44 29.43
N VAL B 35 18.10 -20.39 28.14
CA VAL B 35 17.77 -21.58 27.34
C VAL B 35 18.93 -21.91 26.42
N TRP B 36 19.08 -23.21 26.14
CA TRP B 36 20.00 -23.70 25.11
C TRP B 36 19.24 -24.23 23.91
N VAL B 37 19.81 -23.99 22.71
CA VAL B 37 19.18 -24.24 21.40
C VAL B 37 20.24 -24.92 20.53
N ARG B 38 19.86 -26.04 19.88
CA ARG B 38 20.76 -26.77 18.96
C ARG B 38 20.49 -26.50 17.49
N GLN B 39 21.53 -26.45 16.68
CA GLN B 39 21.31 -26.36 15.25
C GLN B 39 22.30 -27.32 14.59
N MET B 40 21.82 -28.50 14.20
CA MET B 40 22.68 -29.43 13.51
C MET B 40 23.12 -28.80 12.20
N PRO B 41 24.27 -29.21 11.65
CA PRO B 41 24.76 -28.58 10.42
C PRO B 41 23.72 -28.71 9.33
N GLY B 42 23.33 -27.57 8.77
CA GLY B 42 22.34 -27.56 7.70
C GLY B 42 20.94 -27.83 8.17
N LYS B 43 20.71 -27.91 9.46
CA LYS B 43 19.41 -28.31 9.95
C LYS B 43 18.80 -27.15 10.73
N GLY B 44 17.66 -27.42 11.36
CA GLY B 44 16.91 -26.39 12.05
C GLY B 44 17.28 -26.29 13.53
N LEU B 45 16.53 -25.41 14.22
CA LEU B 45 16.76 -25.15 15.63
C LEU B 45 16.02 -26.21 16.43
N GLU B 46 16.65 -26.64 17.53
CA GLU B 46 16.10 -27.62 18.46
C GLU B 46 16.24 -27.10 19.88
N TRP B 47 15.12 -26.92 20.57
CA TRP B 47 15.17 -26.56 21.98
C TRP B 47 15.57 -27.74 22.87
N MET B 48 16.60 -27.54 23.69
CA MET B 48 17.17 -28.57 24.56
C MET B 48 16.71 -28.50 26.01
N GLY B 49 16.59 -27.30 26.57
CA GLY B 49 16.28 -27.13 27.98
C GLY B 49 16.58 -25.71 28.45
N MET B 50 16.27 -25.48 29.73
CA MET B 50 16.42 -24.14 30.29
C MET B 50 16.79 -24.23 31.75
N ILE B 51 17.35 -23.13 32.28
CA ILE B 51 17.71 -23.02 33.69
C ILE B 51 17.27 -21.65 34.20
N ASP B 52 16.80 -21.63 35.45
CA ASP B 52 16.57 -20.41 36.21
C ASP B 52 17.83 -20.22 37.02
N PRO B 53 18.68 -19.25 36.70
CA PRO B 53 19.95 -19.09 37.40
C PRO B 53 19.82 -18.66 38.87
N SER B 54 18.66 -18.15 39.31
CA SER B 54 18.52 -17.72 40.70
C SER B 54 18.64 -18.89 41.67
N ASP B 55 18.13 -20.05 41.29
CA ASP B 55 18.13 -21.24 42.11
C ASP B 55 18.61 -22.46 41.32
N SER B 56 19.04 -22.27 40.07
CA SER B 56 19.59 -23.34 39.24
C SER B 56 18.51 -24.35 38.90
N PHE B 57 17.26 -23.91 38.79
CA PHE B 57 16.19 -24.85 38.46
C PHE B 57 16.24 -25.17 36.99
N THR B 58 16.03 -26.43 36.62
CA THR B 58 16.24 -26.82 35.22
C THR B 58 15.07 -27.65 34.71
N SER B 59 14.84 -27.54 33.41
CA SER B 59 13.82 -28.33 32.73
C SER B 59 14.37 -28.73 31.38
N TYR B 60 14.39 -30.03 31.05
CA TYR B 60 15.03 -30.47 29.82
C TYR B 60 13.95 -30.91 28.85
N SER B 61 14.24 -30.73 27.56
CA SER B 61 13.43 -31.38 26.55
C SER B 61 13.54 -32.90 26.76
N PRO B 62 12.43 -33.63 26.61
CA PRO B 62 12.48 -35.09 26.73
C PRO B 62 13.41 -35.74 25.73
N SER B 63 13.60 -35.07 24.59
CA SER B 63 14.46 -35.58 23.56
C SER B 63 15.91 -35.50 23.98
N PHE B 64 16.23 -34.63 24.93
CA PHE B 64 17.59 -34.34 25.37
C PHE B 64 17.88 -34.74 26.79
N GLN B 65 16.87 -35.00 27.59
CA GLN B 65 17.10 -35.42 28.96
C GLN B 65 18.00 -36.65 29.06
N GLY B 66 18.99 -36.57 29.96
CA GLY B 66 19.94 -37.63 30.22
C GLY B 66 21.18 -37.62 29.33
N HIS B 67 21.16 -36.84 28.25
CA HIS B 67 22.25 -36.77 27.29
C HIS B 67 23.09 -35.51 27.49
N VAL B 68 22.54 -34.51 28.19
CA VAL B 68 23.18 -33.24 28.46
C VAL B 68 22.84 -32.75 29.86
N THR B 69 23.69 -31.85 30.35
CA THR B 69 23.53 -31.17 31.62
C THR B 69 23.49 -29.66 31.42
N ILE B 70 22.49 -29.00 32.00
CA ILE B 70 22.47 -27.55 32.05
C ILE B 70 22.85 -27.16 33.47
N SER B 71 23.73 -26.17 33.62
CA SER B 71 24.13 -25.75 34.97
C SER B 71 24.34 -24.24 34.93
N ALA B 72 24.62 -23.67 36.10
CA ALA B 72 24.85 -22.24 36.16
C ALA B 72 25.74 -21.90 37.35
N ASP B 73 26.42 -20.78 37.21
CA ASP B 73 27.24 -20.18 38.25
C ASP B 73 26.81 -18.72 38.29
N LYS B 74 25.85 -18.42 39.18
CA LYS B 74 25.30 -17.06 39.19
C LYS B 74 26.33 -16.02 39.63
N SER B 75 27.36 -16.40 40.40
CA SER B 75 28.36 -15.41 40.83
C SER B 75 29.10 -14.79 39.64
N ILE B 76 29.27 -15.52 38.54
CA ILE B 76 29.90 -14.98 37.35
C ILE B 76 28.91 -14.92 36.18
N SER B 77 27.62 -14.97 36.46
CA SER B 77 26.64 -14.77 35.40
C SER B 77 26.88 -15.72 34.24
N THR B 78 27.18 -16.97 34.53
CA THR B 78 27.46 -17.89 33.44
C THR B 78 26.59 -19.13 33.54
N ALA B 79 26.09 -19.56 32.39
CA ALA B 79 25.40 -20.82 32.23
C ALA B 79 26.25 -21.79 31.43
N TYR B 80 25.97 -23.06 31.59
CA TYR B 80 26.81 -24.08 30.99
C TYR B 80 25.98 -25.20 30.41
N LEU B 81 26.57 -25.87 29.42
CA LEU B 81 26.03 -27.07 28.80
C LEU B 81 27.16 -28.08 28.80
N GLN B 82 26.87 -29.27 29.26
CA GLN B 82 27.96 -30.20 29.49
C GLN B 82 27.53 -31.58 29.01
N TRP B 83 28.48 -32.32 28.44
CA TRP B 83 28.29 -33.72 28.14
C TRP B 83 29.36 -34.53 28.85
N SER B 84 28.97 -35.65 29.45
CA SER B 84 29.97 -36.54 30.03
C SER B 84 30.61 -37.40 28.92
N SER B 85 29.82 -37.76 27.90
CA SER B 85 30.26 -38.68 26.85
C SER B 85 29.69 -38.29 25.51
N LEU B 86 30.51 -37.66 24.69
CA LEU B 86 30.13 -37.17 23.39
C LEU B 86 29.95 -38.29 22.35
N LYS B 87 29.07 -38.02 21.38
CA LYS B 87 28.86 -38.80 20.17
C LYS B 87 29.09 -37.91 18.97
N ALA B 88 29.39 -38.54 17.83
CA ALA B 88 29.55 -37.78 16.59
C ALA B 88 28.33 -36.94 16.29
N SER B 89 27.15 -37.44 16.64
CA SER B 89 25.88 -36.76 16.40
C SER B 89 25.70 -35.50 17.23
N ASP B 90 26.56 -35.24 18.18
CA ASP B 90 26.46 -33.95 18.85
C ASP B 90 27.08 -32.82 18.03
N THR B 91 27.67 -33.11 16.87
CA THR B 91 28.27 -32.07 16.04
C THR B 91 27.21 -31.09 15.55
N ALA B 92 27.33 -29.83 15.96
CA ALA B 92 26.29 -28.83 15.73
C ALA B 92 26.72 -27.48 16.28
N MET B 93 25.96 -26.46 15.93
CA MET B 93 26.04 -25.15 16.60
C MET B 93 25.12 -25.13 17.80
N TYR B 94 25.56 -24.52 18.87
CA TYR B 94 24.74 -24.41 20.08
C TYR B 94 24.61 -22.94 20.46
N TYR B 95 23.38 -22.49 20.66
CA TYR B 95 23.12 -21.11 21.05
C TYR B 95 22.55 -21.05 22.46
N CYS B 96 22.95 -20.04 23.22
CA CYS B 96 22.17 -19.66 24.40
C CYS B 96 21.30 -18.46 24.07
N ALA B 97 20.22 -18.35 24.84
CA ALA B 97 19.24 -17.31 24.59
C ALA B 97 18.46 -17.03 25.85
N ARG B 98 17.95 -15.81 26.00
CA ARG B 98 17.30 -15.46 27.27
C ARG B 98 15.81 -15.64 27.08
N LEU B 99 15.20 -16.38 28.02
CA LEU B 99 13.78 -16.49 28.31
C LEU B 99 13.25 -15.68 29.51
N HIS B 100 12.48 -14.62 29.27
CA HIS B 100 12.06 -13.70 30.34
C HIS B 100 11.32 -14.40 31.50
N TYR B 101 10.44 -13.75 32.24
CA TYR B 101 9.98 -14.58 33.36
C TYR B 101 8.53 -15.02 33.42
N TYR B 102 7.67 -14.13 33.86
CA TYR B 102 6.32 -14.60 34.06
C TYR B 102 5.66 -15.12 32.79
N ASN B 103 5.32 -14.26 31.86
CA ASN B 103 4.63 -14.80 30.69
C ASN B 103 5.43 -14.81 29.40
N SER B 104 6.76 -14.71 29.41
CA SER B 104 7.39 -14.88 28.11
C SER B 104 7.28 -16.30 27.55
N GLU B 105 7.27 -16.33 26.22
CA GLU B 105 7.16 -17.50 25.35
C GLU B 105 8.15 -17.43 24.20
N GLU B 106 9.25 -16.69 24.34
CA GLU B 106 10.11 -16.37 23.21
C GLU B 106 11.44 -15.88 23.72
N PHE B 107 12.43 -15.87 22.82
CA PHE B 107 13.80 -15.60 23.24
C PHE B 107 14.27 -14.28 22.66
N ASP B 108 14.53 -13.31 23.51
CA ASP B 108 14.78 -11.95 23.06
C ASP B 108 16.26 -11.71 22.71
N VAL B 109 17.18 -12.27 23.47
CA VAL B 109 18.60 -12.04 23.30
C VAL B 109 19.29 -13.40 23.08
N TRP B 110 20.18 -13.47 22.08
CA TRP B 110 20.87 -14.71 21.72
C TRP B 110 22.37 -14.48 21.83
N GLY B 111 23.09 -15.47 22.35
CA GLY B 111 24.54 -15.55 22.21
C GLY B 111 24.95 -15.73 20.75
N GLN B 112 26.26 -15.59 20.50
CA GLN B 112 26.69 -15.64 19.10
C GLN B 112 26.79 -17.07 18.56
N GLY B 113 26.64 -18.10 19.40
CA GLY B 113 26.78 -19.47 18.99
C GLY B 113 28.15 -20.03 19.27
N THR B 114 28.16 -21.31 19.64
CA THR B 114 29.37 -22.11 19.79
C THR B 114 29.36 -23.32 18.88
N LEU B 115 30.41 -23.44 18.07
CA LEU B 115 30.61 -24.55 17.15
C LEU B 115 31.19 -25.75 17.90
N VAL B 116 30.48 -26.88 17.92
CA VAL B 116 30.99 -28.12 18.51
C VAL B 116 31.20 -29.19 17.42
N THR B 117 32.44 -29.71 17.36
CA THR B 117 32.84 -30.78 16.41
C THR B 117 33.21 -32.05 17.15
N VAL B 118 32.55 -33.16 16.82
CA VAL B 118 32.86 -34.47 17.42
C VAL B 118 33.27 -35.43 16.30
N SER B 119 34.49 -35.95 16.36
CA SER B 119 35.03 -36.79 15.30
C SER B 119 36.14 -37.69 15.82
N SER B 120 36.27 -38.89 15.24
CA SER B 120 37.47 -39.67 15.54
C SER B 120 38.70 -39.10 14.86
N ALA B 121 38.52 -38.17 13.93
CA ALA B 121 39.63 -37.60 13.19
C ALA B 121 40.55 -36.81 14.11
N SER B 122 41.80 -36.66 13.67
CA SER B 122 42.80 -35.85 14.35
C SER B 122 43.24 -34.69 13.45
N THR B 123 43.76 -33.63 14.08
CA THR B 123 44.17 -32.45 13.33
C THR B 123 45.05 -32.87 12.16
N LYS B 124 44.77 -32.37 10.97
CA LYS B 124 45.59 -32.70 9.82
C LYS B 124 45.55 -31.55 8.84
N GLY B 125 46.70 -31.19 8.29
CA GLY B 125 46.73 -30.16 7.27
C GLY B 125 46.34 -30.64 5.89
N PRO B 126 45.88 -29.72 5.05
CA PRO B 126 45.41 -30.09 3.71
C PRO B 126 46.55 -30.27 2.70
N SER B 127 46.22 -31.01 1.64
CA SER B 127 46.96 -30.90 0.40
C SER B 127 46.20 -29.95 -0.51
N VAL B 128 46.93 -29.16 -1.29
CA VAL B 128 46.33 -28.16 -2.17
C VAL B 128 46.73 -28.55 -3.57
N PHE B 129 45.73 -28.84 -4.41
CA PHE B 129 45.99 -29.31 -5.77
C PHE B 129 45.42 -28.32 -6.80
N PRO B 130 46.07 -28.16 -7.93
CA PRO B 130 45.55 -27.24 -8.96
C PRO B 130 44.32 -27.78 -9.66
N LEU B 131 43.44 -26.85 -10.04
CA LEU B 131 42.32 -27.09 -10.94
C LEU B 131 42.52 -26.30 -12.25
N ALA B 132 42.92 -27.02 -13.31
CA ALA B 132 43.18 -26.43 -14.61
C ALA B 132 42.54 -27.30 -15.68
N PRO B 133 42.00 -26.73 -16.77
CA PRO B 133 41.39 -27.57 -17.81
C PRO B 133 42.43 -28.52 -18.40
N CYS B 134 41.96 -29.69 -18.89
CA CYS B 134 42.89 -30.67 -19.47
C CYS B 134 43.76 -30.06 -20.55
N SER B 135 43.21 -29.15 -21.33
CA SER B 135 44.11 -28.50 -22.26
C SER B 135 43.78 -27.02 -22.22
N ARG B 136 44.84 -26.21 -22.19
CA ARG B 136 44.73 -24.77 -22.38
C ARG B 136 44.39 -24.47 -23.85
N SER B 137 43.13 -24.14 -24.08
CA SER B 137 42.66 -23.88 -25.42
C SER B 137 41.81 -22.64 -25.28
N THR B 138 40.83 -22.82 -24.40
CA THR B 138 39.78 -21.93 -23.96
C THR B 138 38.61 -22.07 -24.93
N SER B 139 37.41 -21.68 -24.50
CA SER B 139 36.22 -21.61 -25.34
C SER B 139 35.36 -20.38 -25.03
N GLU B 140 35.91 -19.17 -25.04
CA GLU B 140 37.15 -18.74 -25.65
C GLU B 140 37.73 -17.65 -24.77
N SER B 141 36.88 -16.67 -24.46
CA SER B 141 37.29 -15.46 -23.75
C SER B 141 37.50 -15.61 -22.24
N THR B 142 36.83 -16.56 -21.56
CA THR B 142 37.02 -16.67 -20.12
C THR B 142 37.57 -18.05 -19.79
N ALA B 143 38.37 -18.11 -18.74
CA ALA B 143 38.92 -19.38 -18.29
C ALA B 143 38.68 -19.52 -16.80
N ALA B 144 38.55 -20.75 -16.34
CA ALA B 144 38.43 -21.02 -14.91
C ALA B 144 39.67 -21.74 -14.41
N LEU B 145 40.09 -21.37 -13.21
CA LEU B 145 41.20 -21.99 -12.48
C LEU B 145 40.76 -22.21 -11.04
N GLY B 146 41.50 -23.03 -10.32
CA GLY B 146 41.10 -23.20 -8.93
C GLY B 146 42.12 -23.96 -8.14
N CYS B 147 41.79 -24.19 -6.86
CA CYS B 147 42.54 -25.07 -5.99
C CYS B 147 41.58 -25.98 -5.26
N LEU B 148 41.92 -27.25 -5.18
CA LEU B 148 41.15 -28.21 -4.40
C LEU B 148 41.94 -28.41 -3.11
N VAL B 149 41.31 -28.15 -1.96
CA VAL B 149 41.94 -28.19 -0.65
C VAL B 149 41.38 -29.41 0.06
N LYS B 150 42.14 -30.49 0.04
CA LYS B 150 41.66 -31.82 0.35
C LYS B 150 42.30 -32.39 1.62
N ASP B 151 41.48 -33.10 2.40
CA ASP B 151 41.93 -33.97 3.48
C ASP B 151 42.46 -33.15 4.64
N TYR B 152 41.62 -32.28 5.20
CA TYR B 152 42.03 -31.50 6.36
C TYR B 152 41.03 -31.69 7.48
N PHE B 153 41.48 -31.38 8.69
CA PHE B 153 40.60 -31.45 9.83
C PHE B 153 41.18 -30.61 10.95
N PRO B 154 40.36 -29.87 11.71
CA PRO B 154 38.93 -29.62 11.48
C PRO B 154 38.79 -28.46 10.56
N GLU B 155 37.56 -28.02 10.33
CA GLU B 155 37.38 -26.71 9.73
C GLU B 155 37.92 -25.66 10.70
N PRO B 156 38.25 -24.47 10.22
CA PRO B 156 38.19 -24.00 8.85
C PRO B 156 39.57 -23.83 8.21
N VAL B 157 39.50 -23.61 6.90
CA VAL B 157 40.57 -23.10 6.07
C VAL B 157 40.14 -21.75 5.53
N THR B 158 41.10 -20.87 5.34
CA THR B 158 40.82 -19.62 4.64
C THR B 158 41.54 -19.66 3.31
N VAL B 159 40.93 -19.08 2.29
CA VAL B 159 41.52 -19.04 0.98
C VAL B 159 41.43 -17.62 0.44
N SER B 160 42.56 -17.12 -0.05
CA SER B 160 42.67 -15.91 -0.84
C SER B 160 43.36 -16.17 -2.19
N TRP B 161 43.33 -15.20 -3.09
CA TRP B 161 44.00 -15.29 -4.39
C TRP B 161 44.97 -14.13 -4.58
N ASN B 162 46.19 -14.45 -5.01
CA ASN B 162 47.23 -13.45 -5.26
C ASN B 162 47.35 -12.51 -4.07
N SER B 163 47.39 -13.09 -2.87
CA SER B 163 47.59 -12.32 -1.64
C SER B 163 46.48 -11.29 -1.42
N GLY B 164 45.30 -11.58 -1.94
CA GLY B 164 44.15 -10.70 -1.82
C GLY B 164 43.96 -9.72 -2.95
N ALA B 165 44.91 -9.65 -3.88
CA ALA B 165 44.77 -8.72 -4.98
C ALA B 165 43.75 -9.18 -6.00
N LEU B 166 43.43 -10.47 -6.02
CA LEU B 166 42.46 -11.00 -6.97
C LEU B 166 41.24 -11.44 -6.16
N THR B 167 40.14 -10.72 -6.33
CA THR B 167 38.91 -11.02 -5.61
C THR B 167 37.71 -11.20 -6.55
N SER B 168 37.72 -10.56 -7.72
CA SER B 168 36.59 -10.65 -8.62
C SER B 168 36.50 -12.04 -9.20
N GLY B 169 35.30 -12.59 -9.22
CA GLY B 169 35.07 -13.91 -9.75
C GLY B 169 35.49 -15.07 -8.89
N VAL B 170 35.95 -14.86 -7.65
CA VAL B 170 36.33 -15.97 -6.78
C VAL B 170 35.09 -16.58 -6.13
N HIS B 171 35.06 -17.90 -6.06
CA HIS B 171 34.07 -18.65 -5.28
C HIS B 171 34.85 -19.66 -4.46
N THR B 172 34.83 -19.54 -3.14
CA THR B 172 35.43 -20.54 -2.26
C THR B 172 34.30 -21.33 -1.61
N PHE B 173 34.21 -22.63 -1.94
CA PHE B 173 33.06 -23.45 -1.57
C PHE B 173 33.07 -23.95 -0.13
N PRO B 174 31.90 -24.09 0.45
CA PRO B 174 31.78 -24.79 1.74
C PRO B 174 32.37 -26.19 1.67
N ALA B 175 33.01 -26.59 2.75
CA ALA B 175 33.56 -27.92 2.81
C ALA B 175 32.46 -28.97 2.85
N VAL B 176 32.81 -30.15 2.36
CA VAL B 176 32.03 -31.37 2.49
C VAL B 176 32.86 -32.25 3.37
N LEU B 177 32.20 -33.07 4.18
CA LEU B 177 32.83 -34.06 5.03
C LEU B 177 32.85 -35.37 4.24
N GLN B 178 34.05 -35.90 4.01
CA GLN B 178 34.28 -37.11 3.22
C GLN B 178 34.09 -38.33 4.10
N SER B 179 33.97 -39.49 3.45
CA SER B 179 33.77 -40.72 4.22
C SER B 179 34.95 -40.99 5.14
N SER B 180 36.13 -40.44 4.81
CA SER B 180 37.28 -40.55 5.67
C SER B 180 37.16 -39.76 6.98
N GLY B 181 36.16 -38.88 7.12
CA GLY B 181 36.14 -38.03 8.30
C GLY B 181 36.93 -36.74 8.15
N LEU B 182 37.55 -36.51 6.99
CA LEU B 182 38.30 -35.31 6.67
C LEU B 182 37.46 -34.39 5.78
N TYR B 183 37.69 -33.10 5.92
CA TYR B 183 36.97 -32.13 5.12
C TYR B 183 37.70 -31.85 3.81
N SER B 184 36.96 -31.26 2.87
CA SER B 184 37.50 -30.88 1.58
C SER B 184 36.69 -29.71 1.04
N LEU B 185 37.36 -28.73 0.46
CA LEU B 185 36.65 -27.65 -0.22
C LEU B 185 37.41 -27.29 -1.47
N SER B 186 36.77 -26.51 -2.33
CA SER B 186 37.42 -26.03 -3.54
C SER B 186 37.19 -24.54 -3.74
N SER B 187 38.22 -23.84 -4.24
CA SER B 187 38.16 -22.42 -4.57
C SER B 187 38.43 -22.23 -6.05
N VAL B 188 37.59 -21.45 -6.72
CA VAL B 188 37.72 -21.24 -8.15
C VAL B 188 37.70 -19.76 -8.46
N VAL B 189 38.19 -19.43 -9.65
CA VAL B 189 38.22 -18.07 -10.19
C VAL B 189 38.09 -18.11 -11.71
N THR B 190 37.39 -17.11 -12.27
CA THR B 190 37.27 -16.88 -13.71
C THR B 190 38.27 -15.78 -14.05
N VAL B 191 38.99 -15.96 -15.17
CA VAL B 191 40.12 -15.11 -15.52
C VAL B 191 40.10 -14.81 -17.02
N PRO B 192 40.80 -13.76 -17.46
CA PRO B 192 40.89 -13.49 -18.90
C PRO B 192 41.70 -14.58 -19.61
N SER B 193 41.14 -15.15 -20.69
CA SER B 193 41.93 -16.11 -21.45
C SER B 193 43.25 -15.50 -21.91
N SER B 194 43.25 -14.19 -22.20
CA SER B 194 44.42 -13.47 -22.69
C SER B 194 45.51 -13.29 -21.64
N SER B 195 45.22 -13.57 -20.37
CA SER B 195 46.15 -13.37 -19.26
C SER B 195 47.02 -14.59 -18.90
N LEU B 196 46.69 -15.79 -19.38
CA LEU B 196 47.37 -17.01 -18.89
C LEU B 196 48.87 -17.06 -19.16
N GLY B 197 49.37 -16.43 -20.23
CA GLY B 197 50.81 -16.42 -20.49
C GLY B 197 51.66 -15.39 -19.77
N THR B 198 51.05 -14.33 -19.23
CA THR B 198 51.76 -13.20 -18.65
C THR B 198 51.74 -13.19 -17.13
N LYS B 199 50.64 -13.65 -16.54
CA LYS B 199 50.33 -13.50 -15.14
C LYS B 199 50.30 -14.81 -14.38
N THR B 200 50.79 -14.75 -13.14
CA THR B 200 50.74 -15.87 -12.22
C THR B 200 49.47 -15.78 -11.39
N TYR B 201 48.93 -16.94 -11.05
CA TYR B 201 47.74 -17.06 -10.22
C TYR B 201 48.11 -18.03 -9.12
N THR B 202 48.01 -17.59 -7.88
CA THR B 202 48.43 -18.40 -6.74
C THR B 202 47.30 -18.38 -5.72
N CYS B 203 46.86 -19.56 -5.27
CA CYS B 203 45.89 -19.58 -4.19
C CYS B 203 46.61 -19.71 -2.85
N ASN B 204 46.12 -18.95 -1.87
CA ASN B 204 46.70 -18.84 -0.54
C ASN B 204 45.76 -19.47 0.48
N VAL B 205 46.23 -20.57 1.07
CA VAL B 205 45.49 -21.45 1.94
C VAL B 205 46.04 -21.34 3.35
N ASP B 206 45.14 -21.17 4.31
CA ASP B 206 45.53 -21.19 5.72
C ASP B 206 44.66 -22.22 6.42
N HIS B 207 45.31 -23.11 7.15
CA HIS B 207 44.65 -24.04 8.04
C HIS B 207 45.28 -23.81 9.40
N LYS B 208 44.67 -22.91 10.17
CA LYS B 208 45.27 -22.51 11.43
C LYS B 208 45.36 -23.65 12.44
N PRO B 209 44.44 -24.63 12.49
CA PRO B 209 44.55 -25.68 13.50
C PRO B 209 45.82 -26.48 13.41
N SER B 210 46.41 -26.56 12.23
CA SER B 210 47.65 -27.29 12.02
C SER B 210 48.85 -26.38 11.72
N ASN B 211 48.67 -25.06 11.83
CA ASN B 211 49.73 -24.11 11.52
C ASN B 211 50.20 -24.25 10.07
N THR B 212 49.26 -24.58 9.18
CA THR B 212 49.53 -24.81 7.78
C THR B 212 49.24 -23.58 6.96
N LYS B 213 50.23 -23.09 6.21
CA LYS B 213 50.04 -22.01 5.25
C LYS B 213 50.61 -22.51 3.93
N VAL B 214 49.85 -22.38 2.84
CA VAL B 214 50.27 -22.85 1.54
C VAL B 214 49.99 -21.78 0.49
N ASP B 215 50.98 -21.56 -0.36
CA ASP B 215 50.85 -20.79 -1.59
C ASP B 215 51.04 -21.78 -2.74
N LYS B 216 49.98 -22.00 -3.51
CA LYS B 216 49.99 -23.00 -4.58
C LYS B 216 49.89 -22.27 -5.90
N ARG B 217 50.97 -22.30 -6.66
CA ARG B 217 50.94 -21.83 -8.03
C ARG B 217 50.17 -22.79 -8.92
N VAL B 218 49.24 -22.24 -9.70
CA VAL B 218 48.37 -23.02 -10.59
C VAL B 218 48.71 -22.64 -12.02
N GLU B 219 49.08 -23.63 -12.82
CA GLU B 219 49.31 -23.38 -14.24
C GLU B 219 49.25 -24.70 -14.98
N SER B 220 48.89 -24.64 -16.26
CA SER B 220 48.86 -25.80 -17.14
C SER B 220 50.25 -26.19 -17.68
N LYS B 221 50.36 -27.47 -18.12
CA LYS B 221 51.56 -27.93 -18.83
C LYS B 221 51.50 -27.40 -20.27
N TYR B 222 50.31 -27.56 -20.89
CA TYR B 222 49.87 -27.20 -22.27
C TYR B 222 48.50 -26.54 -22.20
N GLU C 1 2.15 22.17 -30.15
CA GLU C 1 1.34 21.29 -29.30
C GLU C 1 2.19 20.66 -28.19
N ILE C 2 1.61 20.63 -27.00
CA ILE C 2 2.25 20.07 -25.82
C ILE C 2 1.58 18.72 -25.55
N VAL C 3 2.42 17.71 -25.49
CA VAL C 3 2.05 16.33 -25.25
C VAL C 3 2.00 16.10 -23.75
N LEU C 4 0.90 15.50 -23.30
CA LEU C 4 0.71 15.20 -21.91
C LEU C 4 0.89 13.72 -21.81
N THR C 5 1.78 13.31 -20.91
CA THR C 5 2.09 11.92 -20.78
C THR C 5 1.64 11.47 -19.42
N GLN C 6 0.67 10.58 -19.43
CA GLN C 6 0.13 10.02 -18.21
C GLN C 6 0.91 8.75 -17.98
N SER C 7 1.08 8.39 -16.72
CA SER C 7 1.75 7.13 -16.50
C SER C 7 1.33 6.53 -15.18
N PRO C 8 1.24 5.18 -15.10
CA PRO C 8 1.52 4.21 -16.18
C PRO C 8 0.36 4.09 -17.14
N GLY C 9 0.50 3.36 -18.25
CA GLY C 9 -0.66 3.09 -19.07
C GLY C 9 -1.70 2.33 -18.28
N THR C 10 -1.26 1.33 -17.49
CA THR C 10 -2.13 0.56 -16.61
C THR C 10 -1.42 0.46 -15.28
N LEU C 11 -2.15 0.75 -14.21
CA LEU C 11 -1.70 0.68 -12.82
C LEU C 11 -2.55 -0.40 -12.19
N SER C 12 -1.93 -1.35 -11.51
CA SER C 12 -2.68 -2.50 -11.00
C SER C 12 -2.67 -2.53 -9.49
N LEU C 13 -3.85 -2.35 -8.89
CA LEU C 13 -4.00 -2.27 -7.46
C LEU C 13 -5.31 -2.93 -7.06
N SER C 14 -5.46 -3.21 -5.72
CA SER C 14 -6.55 -3.85 -4.95
C SER C 14 -7.34 -2.84 -4.11
N PRO C 15 -8.66 -3.00 -3.96
CA PRO C 15 -9.42 -2.15 -3.03
C PRO C 15 -8.76 -1.94 -1.67
N GLY C 16 -8.83 -0.69 -1.14
CA GLY C 16 -8.19 -0.37 0.11
C GLY C 16 -6.87 0.35 -0.03
N GLU C 17 -6.23 0.19 -1.18
CA GLU C 17 -4.91 0.67 -1.51
C GLU C 17 -4.90 2.13 -1.98
N ARG C 18 -3.68 2.70 -2.05
CA ARG C 18 -3.46 4.08 -2.49
C ARG C 18 -3.13 4.09 -3.98
N ALA C 19 -3.74 4.98 -4.75
CA ALA C 19 -3.44 5.11 -6.18
C ALA C 19 -2.77 6.46 -6.47
N THR C 20 -1.68 6.44 -7.26
CA THR C 20 -1.00 7.65 -7.72
C THR C 20 -0.89 7.68 -9.25
N LEU C 21 -1.53 8.66 -9.91
CA LEU C 21 -1.50 8.76 -11.37
C LEU C 21 -0.72 10.01 -11.79
N SER C 22 0.27 9.84 -12.67
CA SER C 22 1.09 10.99 -13.05
C SER C 22 0.73 11.57 -14.41
N CYS C 23 1.02 12.88 -14.59
CA CYS C 23 0.87 13.49 -15.90
C CYS C 23 1.95 14.57 -16.06
N ARG C 24 2.83 14.45 -17.05
CA ARG C 24 3.84 15.49 -17.25
C ARG C 24 3.68 16.13 -18.62
N ALA C 25 3.73 17.47 -18.66
CA ALA C 25 3.53 18.15 -19.94
C ALA C 25 4.78 18.75 -20.55
N SER C 26 4.87 18.68 -21.87
CA SER C 26 5.96 19.28 -22.64
C SER C 26 5.66 20.78 -22.69
N GLN C 27 5.80 21.47 -21.54
CA GLN C 27 5.60 22.91 -21.68
C GLN C 27 6.75 23.70 -22.32
N SER C 28 6.36 24.95 -22.61
CA SER C 28 7.07 26.05 -23.24
C SER C 28 6.79 27.20 -22.26
N VAL C 29 6.31 28.36 -22.71
CA VAL C 29 5.93 29.44 -21.80
C VAL C 29 4.42 29.42 -21.58
N SER C 30 4.00 29.02 -20.35
CA SER C 30 2.62 28.71 -19.91
C SER C 30 2.59 27.55 -18.92
N SER C 31 1.68 26.60 -19.16
CA SER C 31 1.40 25.41 -18.34
C SER C 31 0.99 25.71 -16.90
N SER C 32 1.11 24.69 -16.05
CA SER C 32 0.81 24.76 -14.62
C SER C 32 -0.69 24.72 -14.30
N TYR C 33 -1.56 24.27 -15.23
CA TYR C 33 -3.01 24.17 -14.94
C TYR C 33 -3.75 23.07 -15.72
N LEU C 34 -4.06 21.93 -15.06
CA LEU C 34 -4.88 20.85 -15.67
C LEU C 34 -6.09 20.39 -14.84
N ALA C 35 -7.08 19.85 -15.58
CA ALA C 35 -8.28 19.08 -15.24
C ALA C 35 -8.05 17.56 -15.39
N TRP C 36 -8.83 16.75 -14.66
CA TRP C 36 -8.75 15.28 -14.72
C TRP C 36 -10.14 14.68 -14.90
N TYR C 37 -10.19 13.57 -15.67
CA TYR C 37 -11.38 12.83 -16.12
C TYR C 37 -11.35 11.32 -15.86
N GLN C 38 -12.53 10.77 -15.68
CA GLN C 38 -12.76 9.34 -15.56
C GLN C 38 -13.55 8.80 -16.74
N GLN C 39 -13.17 7.63 -17.23
CA GLN C 39 -13.90 6.92 -18.28
C GLN C 39 -14.03 5.43 -18.01
N LYS C 40 -15.29 4.95 -17.97
CA LYS C 40 -15.63 3.54 -17.87
C LYS C 40 -16.00 3.02 -19.26
N PRO C 41 -15.85 1.71 -19.53
CA PRO C 41 -16.11 1.22 -20.89
C PRO C 41 -17.50 1.61 -21.36
N GLY C 42 -17.58 2.19 -22.55
CA GLY C 42 -18.91 2.50 -23.06
C GLY C 42 -19.63 3.68 -22.46
N GLN C 43 -19.00 4.46 -21.58
CA GLN C 43 -19.66 5.56 -20.88
C GLN C 43 -18.97 6.86 -21.24
N ALA C 44 -19.69 7.96 -20.99
CA ALA C 44 -19.07 9.24 -21.23
C ALA C 44 -18.00 9.53 -20.17
N PRO C 45 -17.03 10.36 -20.51
CA PRO C 45 -16.07 10.83 -19.51
C PRO C 45 -16.76 11.59 -18.39
N ARG C 46 -16.15 11.54 -17.21
CA ARG C 46 -16.70 12.22 -16.03
C ARG C 46 -15.63 13.16 -15.47
N LEU C 47 -15.99 14.44 -15.33
CA LEU C 47 -15.07 15.41 -14.77
C LEU C 47 -14.89 15.16 -13.27
N LEU C 48 -13.62 15.05 -12.86
CA LEU C 48 -13.25 14.79 -11.48
C LEU C 48 -12.80 16.04 -10.71
N ILE C 49 -11.66 16.62 -11.10
CA ILE C 49 -11.05 17.76 -10.43
C ILE C 49 -10.57 18.73 -11.49
N TYR C 50 -10.48 19.99 -11.12
CA TYR C 50 -10.13 21.02 -12.08
C TYR C 50 -9.69 22.30 -11.40
N GLY C 51 -9.06 23.18 -12.19
CA GLY C 51 -8.65 24.46 -11.69
C GLY C 51 -7.56 24.22 -10.64
N GLN C 52 -7.31 25.27 -9.84
CA GLN C 52 -6.30 25.14 -8.80
C GLN C 52 -6.66 24.03 -7.84
N SER C 53 -7.93 23.98 -7.42
CA SER C 53 -8.29 22.98 -6.44
C SER C 53 -9.78 22.64 -6.35
N SER C 54 -10.48 22.65 -7.50
CA SER C 54 -11.90 22.34 -7.52
C SER C 54 -12.20 20.86 -7.76
N ARG C 55 -13.35 20.40 -7.23
CA ARG C 55 -13.83 19.05 -7.46
C ARG C 55 -15.30 19.14 -7.82
N THR C 56 -15.72 18.29 -8.76
CA THR C 56 -17.11 18.18 -9.17
C THR C 56 -17.97 17.64 -8.03
N ARG C 57 -19.24 18.07 -8.04
CA ARG C 57 -20.19 17.70 -7.01
C ARG C 57 -20.21 16.19 -6.88
N GLY C 58 -20.02 15.67 -5.67
CA GLY C 58 -20.07 14.24 -5.56
C GLY C 58 -18.72 13.59 -5.64
N ILE C 59 -17.68 14.37 -5.92
CA ILE C 59 -16.38 13.73 -5.98
C ILE C 59 -15.90 13.67 -4.54
N PRO C 60 -15.59 12.47 -4.06
CA PRO C 60 -15.26 12.28 -2.65
C PRO C 60 -13.95 12.93 -2.27
N ASP C 61 -13.84 13.22 -0.98
CA ASP C 61 -12.67 13.98 -0.55
C ASP C 61 -11.42 13.10 -0.55
N ARG C 62 -11.59 11.81 -0.87
CA ARG C 62 -10.48 10.88 -1.08
C ARG C 62 -9.63 11.22 -2.29
N PHE C 63 -10.20 12.00 -3.18
CA PHE C 63 -9.60 12.50 -4.41
C PHE C 63 -8.97 13.86 -4.26
N SER C 64 -7.71 13.99 -4.65
CA SER C 64 -7.12 15.32 -4.63
C SER C 64 -6.12 15.41 -5.77
N GLY C 65 -5.89 16.62 -6.25
CA GLY C 65 -4.96 16.84 -7.33
C GLY C 65 -3.90 17.81 -6.86
N SER C 66 -2.73 17.68 -7.44
CA SER C 66 -1.69 18.61 -7.07
C SER C 66 -0.69 18.69 -8.21
N GLY C 67 0.18 19.67 -8.15
CA GLY C 67 1.25 19.86 -9.11
C GLY C 67 1.27 21.26 -9.65
N SER C 68 2.25 21.49 -10.52
CA SER C 68 2.45 22.77 -11.20
C SER C 68 3.48 22.58 -12.30
N GLY C 69 3.54 23.55 -13.20
CA GLY C 69 4.51 23.48 -14.27
C GLY C 69 4.34 22.41 -15.33
N THR C 70 5.21 21.41 -15.27
CA THR C 70 5.11 20.29 -16.19
C THR C 70 4.65 19.06 -15.47
N ASP C 71 4.45 19.16 -14.17
CA ASP C 71 4.27 18.01 -13.32
C ASP C 71 2.97 18.05 -12.55
N PHE C 72 2.11 17.06 -12.79
CA PHE C 72 0.83 17.14 -12.12
C PHE C 72 0.57 15.71 -11.64
N THR C 73 -0.20 15.56 -10.56
CA THR C 73 -0.61 14.25 -10.14
C THR C 73 -2.08 14.29 -9.76
N LEU C 74 -2.70 13.09 -9.77
CA LEU C 74 -3.96 12.79 -9.12
C LEU C 74 -3.72 11.73 -8.06
N THR C 75 -4.18 11.97 -6.83
CA THR C 75 -3.99 11.01 -5.75
C THR C 75 -5.35 10.50 -5.23
N ILE C 76 -5.52 9.16 -5.11
CA ILE C 76 -6.65 8.50 -4.42
C ILE C 76 -6.21 7.78 -3.14
N SER C 77 -6.63 8.31 -1.99
CA SER C 77 -6.11 7.87 -0.70
C SER C 77 -6.48 6.41 -0.37
N ARG C 78 -7.69 5.97 -0.75
CA ARG C 78 -8.17 4.65 -0.38
C ARG C 78 -9.12 4.14 -1.44
N LEU C 79 -8.70 3.11 -2.17
CA LEU C 79 -9.48 2.66 -3.31
C LEU C 79 -10.77 1.96 -2.88
N GLU C 80 -11.87 2.30 -3.55
CA GLU C 80 -13.13 1.57 -3.45
C GLU C 80 -13.33 0.80 -4.75
N PRO C 81 -14.15 -0.25 -4.74
CA PRO C 81 -14.34 -1.05 -5.97
C PRO C 81 -14.78 -0.25 -7.19
N GLU C 82 -15.60 0.79 -7.02
CA GLU C 82 -16.11 1.58 -8.13
C GLU C 82 -15.05 2.50 -8.76
N ASP C 83 -13.84 2.58 -8.19
CA ASP C 83 -12.83 3.53 -8.67
C ASP C 83 -11.89 3.01 -9.78
N PHE C 84 -11.91 1.73 -10.12
CA PHE C 84 -11.01 1.20 -11.15
C PHE C 84 -11.55 1.50 -12.54
N ALA C 85 -10.76 2.20 -13.36
CA ALA C 85 -11.26 2.84 -14.58
C ALA C 85 -10.12 3.50 -15.35
N VAL C 86 -10.41 4.14 -16.47
CA VAL C 86 -9.39 4.91 -17.14
C VAL C 86 -9.46 6.36 -16.69
N TYR C 87 -8.31 6.99 -16.54
CA TYR C 87 -8.21 8.37 -16.13
C TYR C 87 -7.45 9.16 -17.18
N TYR C 88 -7.92 10.36 -17.48
CA TYR C 88 -7.30 11.23 -18.46
C TYR C 88 -6.95 12.56 -17.80
N CYS C 89 -5.73 13.04 -18.02
CA CYS C 89 -5.52 14.41 -17.63
C CYS C 89 -5.85 15.23 -18.85
N GLN C 90 -6.07 16.52 -18.65
CA GLN C 90 -6.48 17.36 -19.75
C GLN C 90 -6.08 18.78 -19.45
N GLN C 91 -5.40 19.40 -20.41
CA GLN C 91 -5.00 20.78 -20.38
C GLN C 91 -5.67 21.68 -21.42
N PHE C 92 -5.32 22.94 -21.27
CA PHE C 92 -5.50 24.02 -22.22
C PHE C 92 -4.06 24.49 -22.48
N GLY C 93 -3.68 24.67 -23.75
CA GLY C 93 -2.37 25.25 -23.92
C GLY C 93 -2.51 26.59 -24.55
N ASP C 94 -1.51 27.48 -24.40
CA ASP C 94 -1.71 28.83 -24.93
C ASP C 94 -2.02 28.75 -26.40
N SER C 95 -1.15 28.07 -27.16
CA SER C 95 -1.27 27.96 -28.61
C SER C 95 -2.19 26.82 -29.03
N GLN C 96 -2.32 25.81 -28.17
CA GLN C 96 -2.96 24.54 -28.52
C GLN C 96 -4.38 24.26 -28.01
N LEU C 97 -4.96 25.08 -27.16
CA LEU C 97 -6.30 24.71 -26.66
C LEU C 97 -6.24 23.35 -25.96
N PHE C 98 -7.34 22.60 -25.97
CA PHE C 98 -7.41 21.38 -25.17
C PHE C 98 -6.46 20.27 -25.63
N THR C 99 -5.94 19.54 -24.66
CA THR C 99 -5.22 18.31 -24.94
C THR C 99 -5.49 17.30 -23.83
N PHE C 100 -5.43 16.03 -24.20
CA PHE C 100 -5.58 14.92 -23.29
C PHE C 100 -4.30 14.11 -23.14
N GLY C 101 -4.14 13.50 -21.99
CA GLY C 101 -3.15 12.46 -21.85
C GLY C 101 -3.62 11.23 -22.60
N GLN C 102 -2.73 10.23 -22.68
CA GLN C 102 -2.99 9.02 -23.46
C GLN C 102 -3.74 7.98 -22.66
N GLY C 103 -3.97 8.23 -21.37
CA GLY C 103 -4.78 7.43 -20.48
C GLY C 103 -3.97 6.52 -19.57
N THR C 104 -4.52 6.32 -18.37
CA THR C 104 -4.05 5.31 -17.42
C THR C 104 -5.18 4.36 -17.03
N LYS C 105 -4.95 3.05 -17.17
CA LYS C 105 -5.92 2.05 -16.72
C LYS C 105 -5.66 1.69 -15.27
N LEU C 106 -6.63 1.88 -14.42
CA LEU C 106 -6.57 1.44 -13.05
C LEU C 106 -7.31 0.13 -12.99
N GLU C 107 -6.58 -0.96 -12.78
CA GLU C 107 -7.19 -2.27 -12.80
C GLU C 107 -7.02 -2.90 -11.43
N ILE C 108 -7.81 -3.94 -11.20
CA ILE C 108 -7.86 -4.58 -9.90
C ILE C 108 -6.71 -5.58 -9.81
N LYS C 109 -5.88 -5.43 -8.79
CA LYS C 109 -4.87 -6.44 -8.51
C LYS C 109 -5.51 -7.55 -7.71
N ARG C 110 -5.45 -8.74 -8.28
CA ARG C 110 -5.88 -9.98 -7.66
C ARG C 110 -4.67 -10.90 -7.72
N THR C 111 -4.77 -12.10 -7.16
CA THR C 111 -3.65 -13.01 -7.24
C THR C 111 -3.47 -13.51 -8.67
N VAL C 112 -2.22 -13.87 -9.00
CA VAL C 112 -1.93 -14.48 -10.30
C VAL C 112 -2.82 -15.71 -10.48
N ALA C 113 -3.37 -15.87 -11.69
CA ALA C 113 -4.16 -17.04 -12.04
C ALA C 113 -3.81 -17.52 -13.43
N ALA C 114 -3.38 -18.78 -13.54
CA ALA C 114 -3.03 -19.34 -14.83
C ALA C 114 -4.32 -19.55 -15.63
N PRO C 115 -4.29 -19.36 -16.94
CA PRO C 115 -5.47 -19.66 -17.74
C PRO C 115 -5.75 -21.13 -17.87
N SER C 116 -7.03 -21.46 -17.96
CA SER C 116 -7.41 -22.71 -18.57
C SER C 116 -7.39 -22.54 -20.08
N VAL C 117 -6.82 -23.51 -20.78
CA VAL C 117 -6.65 -23.38 -22.23
C VAL C 117 -7.45 -24.48 -22.89
N PHE C 118 -8.12 -24.13 -23.98
CA PHE C 118 -8.88 -25.09 -24.73
C PHE C 118 -8.67 -24.76 -26.19
N ILE C 119 -8.60 -25.78 -27.02
CA ILE C 119 -8.52 -25.55 -28.45
C ILE C 119 -9.76 -26.17 -29.08
N PHE C 120 -10.33 -25.47 -30.09
CA PHE C 120 -11.49 -25.92 -30.83
C PHE C 120 -11.20 -25.94 -32.33
N PRO C 121 -11.47 -27.06 -33.01
CA PRO C 121 -11.29 -27.13 -34.48
C PRO C 121 -12.44 -26.48 -35.23
N PRO C 122 -12.24 -26.15 -36.51
CA PRO C 122 -13.37 -25.72 -37.35
C PRO C 122 -14.40 -26.80 -37.63
N SER C 123 -15.65 -26.35 -37.78
CA SER C 123 -16.77 -27.23 -38.09
C SER C 123 -16.79 -27.57 -39.59
N ASP C 124 -17.34 -28.74 -39.89
CA ASP C 124 -17.54 -29.20 -41.28
C ASP C 124 -18.44 -28.26 -42.06
N GLU C 125 -19.44 -27.70 -41.39
CA GLU C 125 -20.38 -26.81 -42.05
C GLU C 125 -19.67 -25.62 -42.64
N GLN C 126 -18.81 -24.99 -41.85
CA GLN C 126 -18.06 -23.85 -42.38
C GLN C 126 -17.15 -24.29 -43.51
N LEU C 127 -16.51 -25.47 -43.35
CA LEU C 127 -15.53 -25.92 -44.33
C LEU C 127 -16.16 -26.05 -45.69
N LYS C 128 -17.40 -26.51 -45.76
CA LYS C 128 -17.96 -26.57 -47.10
C LYS C 128 -18.07 -25.16 -47.70
N SER C 129 -18.03 -24.09 -46.88
CA SER C 129 -18.09 -22.72 -47.39
C SER C 129 -16.70 -22.13 -47.70
N GLY C 130 -15.63 -22.88 -47.47
CA GLY C 130 -14.32 -22.47 -47.92
C GLY C 130 -13.35 -21.89 -46.91
N THR C 131 -13.73 -21.77 -45.64
CA THR C 131 -12.83 -21.19 -44.65
C THR C 131 -12.87 -22.06 -43.41
N ALA C 132 -11.74 -22.10 -42.70
CA ALA C 132 -11.59 -22.77 -41.42
C ALA C 132 -11.09 -21.75 -40.40
N SER C 133 -11.86 -21.54 -39.32
CA SER C 133 -11.42 -20.78 -38.16
C SER C 133 -11.12 -21.75 -37.02
N VAL C 134 -9.93 -21.61 -36.44
CA VAL C 134 -9.47 -22.44 -35.32
C VAL C 134 -9.33 -21.52 -34.11
N VAL C 135 -9.87 -21.95 -32.98
CA VAL C 135 -9.97 -21.08 -31.81
C VAL C 135 -9.21 -21.62 -30.63
N CYS C 136 -8.45 -20.74 -29.99
CA CYS C 136 -7.77 -21.04 -28.74
C CYS C 136 -8.37 -20.14 -27.66
N LEU C 137 -8.79 -20.74 -26.56
CA LEU C 137 -9.42 -20.03 -25.45
C LEU C 137 -8.52 -20.06 -24.23
N LEU C 138 -8.33 -18.88 -23.62
CA LEU C 138 -7.65 -18.70 -22.35
C LEU C 138 -8.70 -18.22 -21.35
N ASN C 139 -8.96 -19.02 -20.32
CA ASN C 139 -10.10 -18.83 -19.44
C ASN C 139 -9.66 -18.44 -18.03
N ASN C 140 -10.06 -17.24 -17.59
CA ASN C 140 -9.99 -16.78 -16.20
C ASN C 140 -8.54 -16.82 -15.68
N PHE C 141 -7.76 -15.89 -16.20
CA PHE C 141 -6.36 -15.80 -15.83
C PHE C 141 -6.04 -14.38 -15.37
N TYR C 142 -4.91 -14.27 -14.68
CA TYR C 142 -4.43 -12.97 -14.21
C TYR C 142 -2.93 -13.13 -14.04
N PRO C 143 -2.10 -12.17 -14.48
CA PRO C 143 -2.41 -10.87 -15.08
C PRO C 143 -2.88 -10.88 -16.53
N ARG C 144 -3.19 -9.69 -17.03
CA ARG C 144 -3.76 -9.53 -18.36
C ARG C 144 -2.83 -10.04 -19.47
N GLU C 145 -1.52 -9.90 -19.28
CA GLU C 145 -0.53 -10.24 -20.30
C GLU C 145 -0.45 -11.75 -20.58
N ALA C 146 -0.52 -12.16 -21.85
CA ALA C 146 -0.50 -13.59 -22.20
C ALA C 146 -0.05 -13.74 -23.65
N LYS C 147 0.79 -14.75 -23.93
CA LYS C 147 1.25 -15.00 -25.30
C LYS C 147 0.69 -16.31 -25.84
N VAL C 148 0.04 -16.22 -26.98
CA VAL C 148 -0.57 -17.33 -27.67
C VAL C 148 0.09 -17.45 -29.03
N GLN C 149 0.72 -18.59 -29.29
CA GLN C 149 1.48 -18.84 -30.51
C GLN C 149 0.78 -19.95 -31.28
N TRP C 150 0.46 -19.71 -32.54
CA TRP C 150 -0.13 -20.72 -33.41
C TRP C 150 0.92 -21.49 -34.21
N LYS C 151 0.80 -22.82 -34.20
CA LYS C 151 1.67 -23.66 -35.01
C LYS C 151 0.86 -24.64 -35.84
N VAL C 152 1.13 -24.71 -37.15
CA VAL C 152 0.51 -25.65 -38.06
C VAL C 152 1.66 -26.52 -38.57
N ASP C 153 1.68 -27.81 -38.15
CA ASP C 153 2.81 -28.72 -38.40
C ASP C 153 4.13 -28.06 -38.01
N ASN C 154 4.07 -27.41 -36.86
CA ASN C 154 5.12 -26.70 -36.13
C ASN C 154 5.54 -25.40 -36.83
N ALA C 155 4.85 -24.97 -37.90
CA ALA C 155 5.14 -23.67 -38.51
C ALA C 155 4.28 -22.63 -37.82
N LEU C 156 4.93 -21.65 -37.20
CA LEU C 156 4.23 -20.57 -36.53
C LEU C 156 3.53 -19.68 -37.56
N GLN C 157 2.24 -19.46 -37.33
CA GLN C 157 1.42 -18.61 -38.19
C GLN C 157 1.39 -17.22 -37.58
N SER C 158 1.76 -16.21 -38.39
CA SER C 158 1.78 -14.83 -37.93
C SER C 158 1.07 -13.95 -38.95
N GLY C 159 0.18 -13.09 -38.46
CA GLY C 159 -0.47 -12.08 -39.29
C GLY C 159 -1.78 -12.48 -39.89
N ASN C 160 -2.24 -13.69 -39.60
CA ASN C 160 -3.49 -14.24 -40.08
C ASN C 160 -4.34 -14.67 -38.90
N SER C 161 -4.16 -14.04 -37.74
CA SER C 161 -4.98 -14.33 -36.58
C SER C 161 -5.37 -13.04 -35.89
N GLN C 162 -6.46 -13.12 -35.11
CA GLN C 162 -6.89 -12.01 -34.28
C GLN C 162 -7.27 -12.45 -32.89
N GLU C 163 -6.95 -11.63 -31.91
CA GLU C 163 -7.22 -11.91 -30.52
C GLU C 163 -8.33 -10.96 -30.06
N SER C 164 -9.12 -11.42 -29.10
CA SER C 164 -10.11 -10.62 -28.41
C SER C 164 -10.03 -10.97 -26.92
N VAL C 165 -10.22 -9.98 -26.04
CA VAL C 165 -10.06 -10.20 -24.61
C VAL C 165 -11.25 -9.58 -23.86
N THR C 166 -11.71 -10.26 -22.83
CA THR C 166 -12.77 -9.71 -22.01
C THR C 166 -12.25 -8.65 -21.05
N GLU C 167 -13.17 -7.86 -20.51
CA GLU C 167 -12.89 -6.99 -19.38
C GLU C 167 -12.70 -7.78 -18.10
N GLN C 168 -11.95 -7.23 -17.16
CA GLN C 168 -11.71 -7.91 -15.90
C GLN C 168 -13.03 -8.29 -15.24
N ASP C 169 -13.14 -9.55 -14.85
CA ASP C 169 -14.40 -10.07 -14.35
C ASP C 169 -14.75 -9.40 -13.01
N SER C 170 -16.03 -9.05 -12.83
CA SER C 170 -16.44 -8.28 -11.65
C SER C 170 -16.48 -9.10 -10.37
N LYS C 171 -16.58 -10.42 -10.49
CA LYS C 171 -16.66 -11.29 -9.32
C LYS C 171 -15.28 -11.76 -8.92
N ASP C 172 -14.51 -12.28 -9.88
CA ASP C 172 -13.23 -12.91 -9.57
C ASP C 172 -12.04 -12.15 -10.15
N SER C 173 -12.25 -11.03 -10.82
CA SER C 173 -11.19 -10.14 -11.29
C SER C 173 -10.24 -10.78 -12.29
N THR C 174 -10.65 -11.83 -13.00
CA THR C 174 -9.80 -12.44 -14.01
C THR C 174 -10.14 -11.96 -15.41
N TYR C 175 -9.26 -12.33 -16.34
CA TYR C 175 -9.48 -12.13 -17.76
C TYR C 175 -9.65 -13.46 -18.49
N SER C 176 -10.31 -13.36 -19.61
CA SER C 176 -10.40 -14.43 -20.57
C SER C 176 -10.07 -13.84 -21.93
N LEU C 177 -9.56 -14.68 -22.82
CA LEU C 177 -9.05 -14.22 -24.10
C LEU C 177 -9.34 -15.32 -25.12
N SER C 178 -9.71 -14.92 -26.32
CA SER C 178 -9.79 -15.85 -27.43
C SER C 178 -8.79 -15.41 -28.47
N SER C 179 -8.22 -16.37 -29.20
CA SER C 179 -7.40 -16.10 -30.37
C SER C 179 -7.98 -16.94 -31.50
N THR C 180 -8.23 -16.31 -32.65
CA THR C 180 -8.83 -16.97 -33.80
C THR C 180 -7.92 -16.94 -35.03
N LEU C 181 -7.62 -18.14 -35.54
CA LEU C 181 -6.86 -18.42 -36.75
C LEU C 181 -7.77 -18.72 -37.92
N THR C 182 -7.54 -18.04 -39.07
CA THR C 182 -8.37 -18.20 -40.27
C THR C 182 -7.53 -18.70 -41.46
N LEU C 183 -7.93 -19.85 -42.03
CA LEU C 183 -7.25 -20.45 -43.18
C LEU C 183 -8.27 -20.77 -44.26
N SER C 184 -7.82 -20.79 -45.51
CA SER C 184 -8.62 -21.34 -46.59
C SER C 184 -8.86 -22.85 -46.42
N LYS C 185 -9.96 -23.34 -46.97
CA LYS C 185 -10.17 -24.79 -46.98
C LYS C 185 -9.01 -25.49 -47.68
N ALA C 186 -8.60 -24.96 -48.85
CA ALA C 186 -7.51 -25.57 -49.59
C ALA C 186 -6.23 -25.54 -48.77
N ASP C 187 -5.97 -24.40 -48.13
CA ASP C 187 -4.82 -24.26 -47.26
C ASP C 187 -4.96 -25.09 -45.99
N TYR C 188 -6.14 -25.09 -45.40
CA TYR C 188 -6.35 -25.83 -44.15
C TYR C 188 -6.06 -27.32 -44.31
N GLU C 189 -6.45 -27.92 -45.42
CA GLU C 189 -6.35 -29.37 -45.69
C GLU C 189 -4.95 -29.91 -46.00
N LYS C 190 -3.93 -29.07 -46.12
CA LYS C 190 -2.58 -29.48 -46.42
C LYS C 190 -1.79 -29.90 -45.19
N HIS C 191 -2.37 -29.82 -43.99
CA HIS C 191 -1.64 -30.02 -42.75
C HIS C 191 -2.44 -30.83 -41.74
N LYS C 192 -1.74 -31.40 -40.78
CA LYS C 192 -2.35 -32.29 -39.81
C LYS C 192 -2.55 -31.64 -38.44
N VAL C 193 -1.47 -31.14 -37.82
CA VAL C 193 -1.49 -30.71 -36.42
C VAL C 193 -1.68 -29.21 -36.32
N TYR C 194 -2.73 -28.82 -35.61
CA TYR C 194 -3.04 -27.43 -35.31
C TYR C 194 -2.84 -27.27 -33.81
N ALA C 195 -1.95 -26.37 -33.38
CA ALA C 195 -1.58 -26.31 -31.98
C ALA C 195 -1.56 -24.87 -31.50
N CYS C 196 -1.96 -24.69 -30.25
CA CYS C 196 -1.88 -23.42 -29.57
C CYS C 196 -0.88 -23.56 -28.43
N GLU C 197 0.09 -22.65 -28.37
CA GLU C 197 1.04 -22.65 -27.27
C GLU C 197 0.94 -21.35 -26.51
N VAL C 198 0.68 -21.46 -25.21
CA VAL C 198 0.44 -20.31 -24.37
C VAL C 198 1.56 -20.22 -23.35
N THR C 199 2.20 -19.07 -23.30
CA THR C 199 3.18 -18.72 -22.29
C THR C 199 2.58 -17.62 -21.45
N HIS C 200 2.64 -17.78 -20.14
CA HIS C 200 2.02 -16.84 -19.23
C HIS C 200 2.69 -16.98 -17.88
N GLN C 201 2.75 -15.85 -17.19
CA GLN C 201 3.33 -15.73 -15.86
C GLN C 201 2.86 -16.90 -15.00
N GLY C 202 1.60 -17.31 -15.17
CA GLY C 202 1.08 -18.35 -14.31
C GLY C 202 1.36 -19.75 -14.78
N LEU C 203 2.04 -19.90 -15.92
CA LEU C 203 2.35 -21.21 -16.47
C LEU C 203 3.83 -21.49 -16.19
N SER C 204 4.09 -22.56 -15.42
CA SER C 204 5.46 -22.95 -15.09
C SER C 204 6.27 -23.33 -16.31
N SER C 205 5.64 -23.95 -17.29
CA SER C 205 6.17 -24.26 -18.62
C SER C 205 5.08 -23.85 -19.60
N PRO C 206 5.42 -23.59 -20.86
CA PRO C 206 4.36 -23.27 -21.81
C PRO C 206 3.38 -24.41 -21.93
N VAL C 207 2.11 -24.06 -22.08
CA VAL C 207 1.08 -25.08 -22.22
C VAL C 207 0.70 -25.10 -23.69
N THR C 208 0.76 -26.28 -24.29
CA THR C 208 0.35 -26.44 -25.66
C THR C 208 -0.87 -27.34 -25.66
N LYS C 209 -1.95 -26.89 -26.26
CA LYS C 209 -3.06 -27.78 -26.50
C LYS C 209 -3.13 -27.90 -28.01
N SER C 210 -3.34 -29.12 -28.47
CA SER C 210 -3.30 -29.29 -29.90
C SER C 210 -4.24 -30.39 -30.34
N PHE C 211 -4.44 -30.46 -31.65
CA PHE C 211 -5.14 -31.60 -32.21
C PHE C 211 -4.60 -31.88 -33.60
N ASN C 212 -4.89 -33.08 -34.08
CA ASN C 212 -4.57 -33.52 -35.43
C ASN C 212 -5.86 -33.50 -36.25
N ARG C 213 -5.81 -32.89 -37.42
CA ARG C 213 -7.01 -32.76 -38.25
C ARG C 213 -7.66 -34.12 -38.44
N GLY C 214 -8.99 -34.15 -38.33
CA GLY C 214 -9.77 -35.36 -38.57
C GLY C 214 -9.99 -36.26 -37.37
N GLU C 215 -9.43 -35.94 -36.21
CA GLU C 215 -9.50 -36.75 -34.99
C GLU C 215 -10.62 -36.26 -34.04
N CYS C 216 -11.42 -35.27 -34.46
CA CYS C 216 -12.47 -34.68 -33.61
C CYS C 216 -13.89 -35.10 -34.01
N GLU D 1 -32.22 18.38 -14.03
CA GLU D 1 -30.97 17.79 -14.50
C GLU D 1 -30.46 18.49 -15.75
N VAL D 2 -29.21 18.94 -15.72
CA VAL D 2 -28.60 19.49 -16.92
C VAL D 2 -28.19 18.30 -17.79
N GLN D 3 -28.58 18.31 -19.06
CA GLN D 3 -28.21 17.23 -19.97
C GLN D 3 -27.95 17.70 -21.38
N LEU D 4 -27.06 16.94 -22.04
CA LEU D 4 -26.85 16.90 -23.48
C LEU D 4 -27.20 15.47 -23.90
N VAL D 5 -28.08 15.35 -24.88
CA VAL D 5 -28.57 14.07 -25.41
C VAL D 5 -28.28 14.03 -26.91
N GLN D 6 -27.59 12.98 -27.33
CA GLN D 6 -27.15 12.88 -28.71
C GLN D 6 -28.04 11.95 -29.51
N SER D 7 -28.00 12.14 -30.84
CA SER D 7 -28.66 11.27 -31.80
C SER D 7 -28.02 9.88 -31.80
N GLY D 8 -28.69 8.92 -32.45
CA GLY D 8 -28.33 7.52 -32.32
C GLY D 8 -27.18 7.10 -33.25
N ALA D 9 -26.82 5.81 -33.15
CA ALA D 9 -25.68 5.27 -33.90
C ALA D 9 -25.88 5.45 -35.40
N GLU D 10 -24.79 5.71 -36.10
CA GLU D 10 -24.78 5.92 -37.54
C GLU D 10 -23.94 4.88 -38.23
N VAL D 11 -24.42 4.43 -39.41
CA VAL D 11 -23.71 3.51 -40.28
C VAL D 11 -23.76 4.10 -41.69
N LYS D 12 -22.59 4.41 -42.25
CA LYS D 12 -22.51 5.18 -43.48
C LYS D 12 -21.52 4.55 -44.43
N LYS D 13 -21.59 4.93 -45.63
CA LYS D 13 -20.56 4.44 -46.52
C LYS D 13 -19.47 5.49 -46.63
N PRO D 14 -18.22 5.11 -46.91
CA PRO D 14 -17.22 6.14 -47.14
C PRO D 14 -17.72 7.03 -48.26
N GLY D 15 -17.53 8.33 -48.10
CA GLY D 15 -17.97 9.30 -49.07
C GLY D 15 -19.38 9.83 -48.85
N GLU D 16 -20.18 9.16 -48.02
CA GLU D 16 -21.50 9.70 -47.69
C GLU D 16 -21.35 10.81 -46.67
N SER D 17 -22.30 11.74 -46.68
CA SER D 17 -22.35 12.77 -45.65
C SER D 17 -23.14 12.33 -44.43
N LEU D 18 -22.90 13.04 -43.34
CA LEU D 18 -23.51 12.77 -42.05
C LEU D 18 -23.45 13.99 -41.14
N ARG D 19 -24.56 14.25 -40.45
CA ARG D 19 -24.67 15.27 -39.41
C ARG D 19 -25.23 14.65 -38.14
N ILE D 20 -24.45 14.67 -37.06
CA ILE D 20 -24.91 14.16 -35.77
C ILE D 20 -25.24 15.34 -34.85
N SER D 21 -26.07 15.06 -33.83
CA SER D 21 -26.67 16.13 -33.03
C SER D 21 -26.43 15.93 -31.53
N CYS D 22 -26.54 17.06 -30.86
CA CYS D 22 -26.26 17.13 -29.43
C CYS D 22 -27.27 18.15 -28.95
N LYS D 23 -28.26 17.72 -28.18
CA LYS D 23 -29.35 18.56 -27.74
C LYS D 23 -29.19 18.92 -26.29
N GLY D 24 -29.26 20.22 -25.96
CA GLY D 24 -29.15 20.62 -24.58
C GLY D 24 -30.52 20.82 -23.93
N SER D 25 -30.60 20.38 -22.67
CA SER D 25 -31.77 20.56 -21.83
C SER D 25 -31.26 20.76 -20.41
N GLY D 26 -32.09 21.39 -19.58
CA GLY D 26 -31.76 21.59 -18.18
C GLY D 26 -30.87 22.76 -17.87
N TYR D 27 -30.58 23.61 -18.85
CA TYR D 27 -29.76 24.79 -18.70
C TYR D 27 -30.05 25.63 -19.94
N SER D 28 -29.64 26.89 -19.92
CA SER D 28 -29.92 27.68 -21.10
C SER D 28 -28.81 27.38 -22.11
N PHE D 29 -29.20 26.83 -23.26
CA PHE D 29 -28.19 26.37 -24.20
C PHE D 29 -27.31 27.48 -24.75
N SER D 30 -27.88 28.65 -24.97
CA SER D 30 -27.11 29.73 -25.59
C SER D 30 -25.88 30.16 -24.80
N THR D 31 -25.85 29.90 -23.48
CA THR D 31 -24.92 30.53 -22.53
C THR D 31 -23.59 29.80 -22.34
N SER D 32 -23.41 28.62 -22.93
CA SER D 32 -22.23 27.77 -22.79
C SER D 32 -21.79 27.24 -24.16
N TRP D 33 -20.49 27.20 -24.39
CA TRP D 33 -19.98 26.62 -25.61
C TRP D 33 -20.18 25.11 -25.62
N ILE D 34 -20.31 24.55 -26.81
CA ILE D 34 -20.52 23.14 -27.01
C ILE D 34 -19.32 22.62 -27.75
N VAL D 35 -18.65 21.67 -27.13
CA VAL D 35 -17.41 21.12 -27.62
C VAL D 35 -17.70 19.74 -28.18
N TRP D 36 -17.04 19.41 -29.29
CA TRP D 36 -17.08 18.06 -29.83
C TRP D 36 -15.71 17.47 -29.65
N VAL D 37 -15.70 16.17 -29.28
CA VAL D 37 -14.57 15.33 -28.88
C VAL D 37 -14.67 13.95 -29.54
N ARG D 38 -13.57 13.47 -30.13
CA ARG D 38 -13.52 12.16 -30.78
C ARG D 38 -12.87 11.11 -29.90
N GLN D 39 -13.37 9.88 -30.00
CA GLN D 39 -12.77 8.74 -29.32
C GLN D 39 -12.70 7.55 -30.28
N MET D 40 -11.53 7.29 -30.85
CA MET D 40 -11.35 6.12 -31.69
C MET D 40 -11.53 4.83 -30.88
N PRO D 41 -11.91 3.73 -31.52
CA PRO D 41 -12.17 2.51 -30.76
C PRO D 41 -10.94 2.13 -29.97
N GLY D 42 -11.13 1.98 -28.65
CA GLY D 42 -10.06 1.59 -27.74
C GLY D 42 -9.04 2.65 -27.40
N LYS D 43 -9.26 3.91 -27.81
CA LYS D 43 -8.26 4.97 -27.66
C LYS D 43 -8.75 6.05 -26.70
N GLY D 44 -7.96 7.14 -26.61
CA GLY D 44 -8.22 8.22 -25.67
C GLY D 44 -9.07 9.31 -26.27
N LEU D 45 -9.27 10.37 -25.47
CA LEU D 45 -10.13 11.47 -25.91
C LEU D 45 -9.35 12.41 -26.80
N GLU D 46 -10.01 12.91 -27.83
CA GLU D 46 -9.42 13.85 -28.75
C GLU D 46 -10.40 14.99 -28.96
N TRP D 47 -9.99 16.19 -28.57
CA TRP D 47 -10.78 17.39 -28.84
C TRP D 47 -10.74 17.81 -30.29
N MET D 48 -11.93 17.98 -30.84
CA MET D 48 -12.19 18.32 -32.22
C MET D 48 -12.45 19.79 -32.39
N GLY D 49 -13.20 20.41 -31.47
CA GLY D 49 -13.55 21.80 -31.69
C GLY D 49 -14.68 22.23 -30.79
N MET D 50 -15.07 23.52 -30.94
CA MET D 50 -16.13 24.08 -30.09
C MET D 50 -16.91 25.12 -30.86
N ILE D 51 -18.14 25.37 -30.36
CA ILE D 51 -19.02 26.39 -30.93
C ILE D 51 -19.68 27.15 -29.79
N ASP D 52 -19.88 28.44 -29.99
CA ASP D 52 -20.73 29.22 -29.11
C ASP D 52 -22.09 29.18 -29.78
N PRO D 53 -23.08 28.47 -29.23
CA PRO D 53 -24.35 28.33 -29.95
C PRO D 53 -25.09 29.64 -30.11
N SER D 54 -24.72 30.65 -29.32
CA SER D 54 -25.39 31.95 -29.37
C SER D 54 -25.15 32.64 -30.71
N ASP D 55 -23.95 32.51 -31.27
CA ASP D 55 -23.62 33.20 -32.50
C ASP D 55 -22.92 32.27 -33.50
N SER D 56 -22.78 31.00 -33.16
CA SER D 56 -22.20 29.97 -34.02
C SER D 56 -20.71 30.19 -34.30
N PHE D 57 -20.03 30.97 -33.46
CA PHE D 57 -18.60 31.19 -33.63
C PHE D 57 -17.85 29.94 -33.18
N THR D 58 -16.86 29.54 -33.98
CA THR D 58 -16.28 28.22 -33.91
C THR D 58 -14.77 28.29 -33.85
N SER D 59 -14.19 27.28 -33.23
CA SER D 59 -12.75 27.12 -33.15
C SER D 59 -12.48 25.63 -33.31
N TYR D 60 -11.64 25.23 -34.28
CA TYR D 60 -11.46 23.82 -34.54
C TYR D 60 -10.08 23.45 -34.05
N SER D 61 -9.92 22.21 -33.60
CA SER D 61 -8.57 21.68 -33.41
C SER D 61 -7.90 21.69 -34.78
N PRO D 62 -6.62 22.04 -34.86
CA PRO D 62 -5.92 21.99 -36.16
C PRO D 62 -5.91 20.62 -36.79
N SER D 63 -5.95 19.58 -35.98
CA SER D 63 -5.94 18.22 -36.50
C SER D 63 -7.27 17.91 -37.16
N PHE D 64 -8.32 18.64 -36.79
CA PHE D 64 -9.68 18.40 -37.26
C PHE D 64 -10.18 19.56 -38.09
N GLN D 65 -9.52 20.71 -38.01
CA GLN D 65 -9.90 21.89 -38.79
C GLN D 65 -9.93 21.56 -40.28
N GLY D 66 -11.00 21.97 -40.95
CA GLY D 66 -11.12 21.71 -42.36
C GLY D 66 -11.71 20.36 -42.72
N HIS D 67 -11.81 19.45 -41.76
CA HIS D 67 -12.29 18.10 -41.99
C HIS D 67 -13.74 17.89 -41.53
N VAL D 68 -14.22 18.77 -40.63
CA VAL D 68 -15.57 18.76 -40.07
C VAL D 68 -16.03 20.20 -39.87
N THR D 69 -17.35 20.39 -39.79
CA THR D 69 -17.96 21.67 -39.48
C THR D 69 -18.86 21.49 -38.26
N ILE D 70 -18.71 22.37 -37.25
CA ILE D 70 -19.63 22.39 -36.11
C ILE D 70 -20.60 23.55 -36.34
N SER D 71 -21.88 23.32 -36.05
CA SER D 71 -22.91 24.36 -36.22
C SER D 71 -23.95 24.27 -35.09
N ALA D 72 -24.89 25.22 -35.06
CA ALA D 72 -25.92 25.19 -34.03
C ALA D 72 -27.17 25.87 -34.56
N ASP D 73 -28.30 25.48 -33.98
CA ASP D 73 -29.61 26.06 -34.26
C ASP D 73 -30.13 26.37 -32.87
N LYS D 74 -29.88 27.62 -32.46
CA LYS D 74 -30.20 28.04 -31.11
C LYS D 74 -31.70 28.05 -30.84
N SER D 75 -32.50 28.20 -31.90
CA SER D 75 -33.95 28.21 -31.75
C SER D 75 -34.45 26.89 -31.21
N ILE D 76 -33.72 25.80 -31.48
CA ILE D 76 -34.08 24.49 -30.98
C ILE D 76 -33.04 23.96 -30.02
N SER D 77 -32.18 24.82 -29.47
CA SER D 77 -31.25 24.41 -28.43
C SER D 77 -30.43 23.20 -28.87
N THR D 78 -29.98 23.16 -30.13
CA THR D 78 -29.23 21.98 -30.60
C THR D 78 -27.92 22.38 -31.26
N ALA D 79 -26.86 21.63 -30.97
CA ALA D 79 -25.58 21.76 -31.67
C ALA D 79 -25.31 20.55 -32.55
N TYR D 80 -24.46 20.74 -33.55
CA TYR D 80 -24.24 19.73 -34.57
C TYR D 80 -22.76 19.58 -34.92
N LEU D 81 -22.44 18.39 -35.43
CA LEU D 81 -21.13 18.06 -35.98
C LEU D 81 -21.37 17.41 -37.33
N GLN D 82 -20.62 17.86 -38.35
CA GLN D 82 -20.90 17.51 -39.74
C GLN D 82 -19.63 17.13 -40.48
N TRP D 83 -19.78 16.14 -41.38
CA TRP D 83 -18.72 15.77 -42.31
C TRP D 83 -19.25 15.91 -43.72
N SER D 84 -18.44 16.47 -44.62
CA SER D 84 -18.88 16.50 -46.01
C SER D 84 -18.66 15.15 -46.70
N SER D 85 -17.57 14.45 -46.36
CA SER D 85 -17.25 13.19 -47.04
C SER D 85 -16.60 12.26 -46.03
N LEU D 86 -17.36 11.30 -45.54
CA LEU D 86 -16.83 10.40 -44.52
C LEU D 86 -15.83 9.42 -45.09
N LYS D 87 -14.92 9.00 -44.24
CA LYS D 87 -13.97 7.93 -44.51
C LYS D 87 -14.15 6.85 -43.46
N ALA D 88 -13.71 5.64 -43.82
CA ALA D 88 -13.73 4.55 -42.86
C ALA D 88 -13.00 4.94 -41.59
N SER D 89 -11.97 5.76 -41.74
CA SER D 89 -11.20 6.21 -40.61
C SER D 89 -11.97 7.19 -39.72
N ASP D 90 -13.13 7.66 -40.15
CA ASP D 90 -13.94 8.45 -39.24
C ASP D 90 -14.73 7.59 -38.25
N THR D 91 -14.63 6.26 -38.37
CA THR D 91 -15.31 5.33 -37.49
C THR D 91 -14.77 5.49 -36.06
N ALA D 92 -15.67 5.88 -35.13
CA ALA D 92 -15.32 6.26 -33.75
C ALA D 92 -16.58 6.60 -32.96
N MET D 93 -16.41 6.73 -31.65
CA MET D 93 -17.44 7.34 -30.79
C MET D 93 -17.22 8.85 -30.75
N TYR D 94 -18.31 9.62 -30.75
CA TYR D 94 -18.24 11.07 -30.70
C TYR D 94 -19.05 11.63 -29.54
N TYR D 95 -18.42 12.48 -28.72
CA TYR D 95 -19.13 13.09 -27.60
C TYR D 95 -19.25 14.59 -27.78
N CYS D 96 -20.38 15.15 -27.38
CA CYS D 96 -20.47 16.57 -27.10
C CYS D 96 -20.37 16.79 -25.60
N ALA D 97 -19.93 17.98 -25.24
CA ALA D 97 -19.67 18.36 -23.85
C ALA D 97 -19.74 19.87 -23.69
N ARG D 98 -20.11 20.38 -22.51
CA ARG D 98 -20.31 21.81 -22.36
C ARG D 98 -19.06 22.44 -21.76
N LEU D 99 -18.60 23.54 -22.39
CA LEU D 99 -17.63 24.50 -21.86
C LEU D 99 -18.21 25.80 -21.28
N HIS D 100 -18.19 25.96 -19.95
CA HIS D 100 -18.87 27.10 -19.37
C HIS D 100 -18.31 28.37 -20.01
N TYR D 101 -19.09 29.44 -19.95
CA TYR D 101 -18.71 30.67 -20.63
C TYR D 101 -17.37 31.36 -20.38
N TYR D 102 -17.28 32.22 -19.38
CA TYR D 102 -16.06 33.00 -19.19
C TYR D 102 -14.71 32.33 -18.94
N ASN D 103 -14.44 31.82 -17.74
CA ASN D 103 -13.14 31.25 -17.48
C ASN D 103 -13.11 29.74 -17.33
N SER D 104 -14.13 29.01 -17.79
CA SER D 104 -13.96 27.57 -17.74
C SER D 104 -12.88 27.10 -18.71
N GLU D 105 -12.22 25.99 -18.37
CA GLU D 105 -11.17 25.41 -19.22
C GLU D 105 -11.39 23.90 -19.27
N GLU D 106 -12.59 23.40 -19.04
CA GLU D 106 -12.78 21.97 -18.80
C GLU D 106 -14.24 21.65 -19.02
N PHE D 107 -14.56 20.35 -19.13
CA PHE D 107 -15.91 19.97 -19.56
C PHE D 107 -16.66 19.27 -18.43
N ASP D 108 -17.71 19.91 -17.95
CA ASP D 108 -18.40 19.43 -16.76
C ASP D 108 -19.51 18.43 -17.09
N VAL D 109 -20.24 18.63 -18.19
CA VAL D 109 -21.38 17.82 -18.57
C VAL D 109 -21.13 17.20 -19.94
N TRP D 110 -21.42 15.90 -20.09
CA TRP D 110 -21.15 15.18 -21.33
C TRP D 110 -22.44 14.57 -21.88
N GLY D 111 -22.58 14.60 -23.22
CA GLY D 111 -23.56 13.78 -23.92
C GLY D 111 -23.30 12.29 -23.78
N GLN D 112 -24.28 11.49 -24.23
CA GLN D 112 -24.15 10.05 -24.03
C GLN D 112 -23.23 9.39 -25.06
N GLY D 113 -22.80 10.14 -26.07
CA GLY D 113 -22.00 9.53 -27.10
C GLY D 113 -22.84 9.12 -28.29
N THR D 114 -22.24 9.26 -29.47
CA THR D 114 -22.80 8.75 -30.70
C THR D 114 -21.80 7.79 -31.33
N LEU D 115 -22.20 6.57 -31.63
CA LEU D 115 -21.32 5.65 -32.34
C LEU D 115 -21.46 5.85 -33.83
N VAL D 116 -20.39 6.28 -34.53
CA VAL D 116 -20.42 6.33 -36.00
C VAL D 116 -19.52 5.23 -36.57
N THR D 117 -20.12 4.35 -37.39
CA THR D 117 -19.45 3.26 -38.09
C THR D 117 -19.59 3.54 -39.58
N VAL D 118 -18.44 3.65 -40.27
CA VAL D 118 -18.29 3.88 -41.70
C VAL D 118 -17.50 2.75 -42.37
N SER D 119 -18.11 2.09 -43.35
CA SER D 119 -17.47 0.92 -43.97
C SER D 119 -18.05 0.73 -45.37
N SER D 120 -17.25 0.19 -46.29
CA SER D 120 -17.81 -0.22 -47.58
C SER D 120 -18.72 -1.43 -47.46
N ALA D 121 -18.74 -2.10 -46.31
CA ALA D 121 -19.56 -3.28 -46.12
C ALA D 121 -21.01 -2.91 -46.22
N SER D 122 -21.82 -3.92 -46.51
CA SER D 122 -23.26 -3.78 -46.54
C SER D 122 -23.85 -4.67 -45.45
N THR D 123 -25.07 -4.32 -45.02
CA THR D 123 -25.70 -5.06 -43.92
C THR D 123 -25.63 -6.56 -44.17
N LYS D 124 -25.21 -7.31 -43.15
CA LYS D 124 -25.16 -8.75 -43.31
C LYS D 124 -25.38 -9.42 -41.96
N GLY D 125 -26.22 -10.47 -41.91
CA GLY D 125 -26.42 -11.24 -40.70
C GLY D 125 -25.31 -12.27 -40.51
N PRO D 126 -25.06 -12.69 -39.28
CA PRO D 126 -23.97 -13.63 -39.03
C PRO D 126 -24.34 -15.08 -39.30
N SER D 127 -23.30 -15.89 -39.51
CA SER D 127 -23.37 -17.34 -39.35
C SER D 127 -22.87 -17.74 -37.97
N VAL D 128 -23.49 -18.75 -37.39
CA VAL D 128 -23.16 -19.24 -36.05
C VAL D 128 -22.71 -20.69 -36.16
N PHE D 129 -21.47 -20.95 -35.74
CA PHE D 129 -20.85 -22.28 -35.82
C PHE D 129 -20.54 -22.81 -34.42
N PRO D 130 -20.66 -24.11 -34.19
CA PRO D 130 -20.35 -24.64 -32.86
C PRO D 130 -18.86 -24.68 -32.58
N LEU D 131 -18.53 -24.48 -31.29
CA LEU D 131 -17.21 -24.68 -30.70
C LEU D 131 -17.20 -25.80 -29.65
N ALA D 132 -16.65 -26.97 -30.00
CA ALA D 132 -16.65 -28.08 -29.06
C ALA D 132 -15.27 -28.71 -29.04
N PRO D 133 -14.79 -29.17 -27.88
CA PRO D 133 -13.45 -29.77 -27.82
C PRO D 133 -13.36 -30.96 -28.76
N CYS D 134 -12.15 -31.20 -29.25
CA CYS D 134 -11.96 -32.30 -30.19
C CYS D 134 -12.51 -33.59 -29.63
N SER D 135 -12.34 -33.83 -28.33
CA SER D 135 -12.98 -34.98 -27.74
C SER D 135 -13.54 -34.58 -26.39
N ARG D 136 -14.74 -35.04 -26.08
CA ARG D 136 -15.16 -34.91 -24.70
C ARG D 136 -14.32 -35.90 -23.93
N SER D 137 -13.34 -35.38 -23.22
CA SER D 137 -12.40 -36.15 -22.45
C SER D 137 -12.40 -35.30 -21.21
N THR D 138 -12.05 -34.03 -21.46
CA THR D 138 -11.95 -32.95 -20.48
C THR D 138 -10.56 -33.05 -19.89
N SER D 139 -10.08 -31.98 -19.27
CA SER D 139 -8.81 -32.04 -18.54
C SER D 139 -8.92 -31.28 -17.23
N GLU D 140 -9.92 -31.57 -16.41
CA GLU D 140 -10.77 -32.78 -16.33
C GLU D 140 -12.17 -32.40 -15.92
N SER D 141 -12.26 -31.60 -14.86
CA SER D 141 -13.53 -31.26 -14.25
C SER D 141 -14.27 -30.23 -15.08
N THR D 142 -13.57 -29.42 -15.86
CA THR D 142 -14.24 -28.39 -16.64
C THR D 142 -14.00 -28.63 -18.12
N ALA D 143 -14.99 -28.26 -18.90
CA ALA D 143 -14.95 -28.35 -20.34
C ALA D 143 -15.35 -26.99 -20.86
N ALA D 144 -14.86 -26.61 -22.04
CA ALA D 144 -15.26 -25.36 -22.65
C ALA D 144 -16.09 -25.62 -23.89
N LEU D 145 -17.13 -24.79 -24.07
CA LEU D 145 -17.99 -24.79 -25.25
C LEU D 145 -18.21 -23.37 -25.75
N GLY D 146 -18.69 -23.25 -26.98
CA GLY D 146 -18.96 -21.90 -27.45
C GLY D 146 -19.70 -21.85 -28.78
N CYS D 147 -19.92 -20.62 -29.24
CA CYS D 147 -20.44 -20.34 -30.56
C CYS D 147 -19.61 -19.26 -31.21
N LEU D 148 -19.26 -19.43 -32.48
CA LEU D 148 -18.57 -18.40 -33.24
C LEU D 148 -19.60 -17.72 -34.14
N VAL D 149 -19.76 -16.40 -33.98
CA VAL D 149 -20.75 -15.59 -34.68
C VAL D 149 -19.99 -14.72 -35.67
N LYS D 150 -19.97 -15.17 -36.93
CA LYS D 150 -19.02 -14.68 -37.93
C LYS D 150 -19.66 -13.93 -39.09
N ASP D 151 -18.97 -12.87 -39.52
CA ASP D 151 -19.21 -12.24 -40.79
C ASP D 151 -20.54 -11.48 -40.83
N TYR D 152 -20.70 -10.52 -39.92
CA TYR D 152 -21.90 -9.71 -39.88
C TYR D 152 -21.51 -8.23 -39.94
N PHE D 153 -22.49 -7.42 -40.32
CA PHE D 153 -22.28 -5.99 -40.34
C PHE D 153 -23.66 -5.33 -40.36
N PRO D 154 -23.86 -4.22 -39.64
CA PRO D 154 -22.91 -3.64 -38.70
C PRO D 154 -23.05 -4.29 -37.37
N GLU D 155 -22.31 -3.77 -36.40
CA GLU D 155 -22.59 -4.09 -35.03
C GLU D 155 -23.95 -3.53 -34.62
N PRO D 156 -24.55 -4.06 -33.56
CA PRO D 156 -24.05 -5.16 -32.74
C PRO D 156 -24.86 -6.45 -32.89
N VAL D 157 -24.31 -7.54 -32.35
CA VAL D 157 -25.10 -8.72 -32.10
C VAL D 157 -25.08 -8.93 -30.60
N THR D 158 -26.18 -9.43 -30.05
CA THR D 158 -26.20 -9.86 -28.65
C THR D 158 -26.38 -11.37 -28.63
N VAL D 159 -25.75 -12.01 -27.64
CA VAL D 159 -25.81 -13.46 -27.46
C VAL D 159 -26.12 -13.79 -26.00
N SER D 160 -27.10 -14.67 -25.79
CA SER D 160 -27.38 -15.32 -24.51
C SER D 160 -27.33 -16.82 -24.67
N TRP D 161 -27.39 -17.54 -23.55
CA TRP D 161 -27.38 -19.00 -23.52
C TRP D 161 -28.61 -19.54 -22.81
N ASN D 162 -29.25 -20.51 -23.45
CA ASN D 162 -30.46 -21.16 -22.97
C ASN D 162 -31.47 -20.10 -22.56
N SER D 163 -31.65 -19.12 -23.47
CA SER D 163 -32.63 -18.07 -23.33
C SER D 163 -32.39 -17.24 -22.07
N GLY D 164 -31.14 -17.13 -21.62
CA GLY D 164 -30.80 -16.36 -20.45
C GLY D 164 -30.73 -17.13 -19.13
N ALA D 165 -31.09 -18.41 -19.13
CA ALA D 165 -31.04 -19.17 -17.87
C ALA D 165 -29.63 -19.53 -17.42
N LEU D 166 -28.65 -19.53 -18.31
CA LEU D 166 -27.28 -19.89 -17.92
C LEU D 166 -26.41 -18.63 -18.05
N THR D 167 -25.97 -18.09 -16.92
CA THR D 167 -25.13 -16.88 -16.92
C THR D 167 -23.78 -16.91 -16.18
N SER D 168 -23.64 -17.70 -15.12
CA SER D 168 -22.40 -17.68 -14.38
C SER D 168 -21.25 -18.29 -15.18
N GLY D 169 -20.11 -17.63 -15.18
CA GLY D 169 -18.95 -18.15 -15.89
C GLY D 169 -18.95 -18.00 -17.40
N VAL D 170 -19.92 -17.32 -17.97
CA VAL D 170 -19.97 -17.10 -19.41
C VAL D 170 -19.03 -15.94 -19.72
N HIS D 171 -18.27 -16.04 -20.81
CA HIS D 171 -17.50 -14.91 -21.33
C HIS D 171 -17.80 -14.71 -22.81
N THR D 172 -18.41 -13.58 -23.15
CA THR D 172 -18.67 -13.16 -24.53
C THR D 172 -17.68 -12.05 -24.90
N PHE D 173 -16.83 -12.33 -25.85
CA PHE D 173 -15.72 -11.47 -26.19
C PHE D 173 -16.19 -10.29 -27.05
N PRO D 174 -15.53 -9.16 -26.92
CA PRO D 174 -15.75 -8.04 -27.85
C PRO D 174 -15.55 -8.45 -29.30
N ALA D 175 -16.38 -7.88 -30.18
CA ALA D 175 -16.24 -8.17 -31.60
C ALA D 175 -14.94 -7.61 -32.13
N VAL D 176 -14.43 -8.26 -33.17
CA VAL D 176 -13.30 -7.82 -33.98
C VAL D 176 -13.81 -7.51 -35.37
N LEU D 177 -13.17 -6.52 -36.02
CA LEU D 177 -13.47 -6.17 -37.40
C LEU D 177 -12.51 -6.97 -38.26
N GLN D 178 -13.07 -7.78 -39.14
CA GLN D 178 -12.24 -8.62 -39.99
C GLN D 178 -11.78 -7.88 -41.24
N SER D 179 -10.75 -8.46 -41.87
CA SER D 179 -10.20 -7.90 -43.10
C SER D 179 -11.21 -7.91 -44.23
N SER D 180 -12.19 -8.80 -44.16
CA SER D 180 -13.29 -8.83 -45.12
C SER D 180 -14.18 -7.62 -44.94
N GLY D 181 -13.99 -6.84 -43.88
CA GLY D 181 -14.87 -5.75 -43.54
C GLY D 181 -16.06 -6.12 -42.68
N LEU D 182 -16.17 -7.38 -42.31
CA LEU D 182 -17.22 -7.93 -41.46
C LEU D 182 -16.74 -8.11 -40.04
N TYR D 183 -17.67 -7.99 -39.10
CA TYR D 183 -17.29 -8.20 -37.70
C TYR D 183 -17.44 -9.67 -37.38
N SER D 184 -16.79 -10.06 -36.29
CA SER D 184 -16.84 -11.42 -35.81
C SER D 184 -16.62 -11.42 -34.30
N LEU D 185 -17.39 -12.25 -33.60
CA LEU D 185 -17.15 -12.42 -32.17
C LEU D 185 -17.36 -13.89 -31.84
N SER D 186 -16.94 -14.26 -30.63
CA SER D 186 -17.12 -15.60 -30.08
C SER D 186 -17.63 -15.55 -28.65
N SER D 187 -18.52 -16.49 -28.30
CA SER D 187 -19.05 -16.64 -26.94
C SER D 187 -18.69 -18.00 -26.37
N VAL D 188 -18.18 -18.02 -25.13
CA VAL D 188 -17.73 -19.25 -24.49
C VAL D 188 -18.34 -19.43 -23.10
N VAL D 189 -18.30 -20.69 -22.65
CA VAL D 189 -18.72 -21.04 -21.30
C VAL D 189 -17.87 -22.20 -20.81
N THR D 190 -17.51 -22.16 -19.53
CA THR D 190 -16.85 -23.27 -18.88
C THR D 190 -17.91 -24.02 -18.09
N VAL D 191 -17.89 -25.34 -18.16
CA VAL D 191 -18.98 -26.14 -17.57
C VAL D 191 -18.38 -27.40 -16.94
N PRO D 192 -19.12 -28.04 -16.02
CA PRO D 192 -18.67 -29.31 -15.45
C PRO D 192 -18.67 -30.43 -16.48
N SER D 193 -17.55 -31.15 -16.57
CA SER D 193 -17.47 -32.31 -17.45
C SER D 193 -18.56 -33.34 -17.20
N SER D 194 -19.01 -33.49 -15.95
CA SER D 194 -20.04 -34.47 -15.64
C SER D 194 -21.42 -34.12 -16.20
N SER D 195 -21.63 -32.88 -16.66
CA SER D 195 -22.91 -32.40 -17.17
C SER D 195 -23.16 -32.56 -18.66
N LEU D 196 -22.15 -32.83 -19.49
CA LEU D 196 -22.35 -32.74 -20.95
C LEU D 196 -23.40 -33.71 -21.50
N GLY D 197 -23.59 -34.86 -20.87
CA GLY D 197 -24.60 -35.83 -21.29
C GLY D 197 -26.01 -35.59 -20.81
N THR D 198 -26.20 -34.73 -19.81
CA THR D 198 -27.49 -34.54 -19.16
C THR D 198 -28.18 -33.26 -19.59
N LYS D 199 -27.43 -32.20 -19.89
CA LYS D 199 -27.99 -30.88 -20.12
C LYS D 199 -27.72 -30.47 -21.57
N THR D 200 -28.69 -29.78 -22.16
CA THR D 200 -28.55 -29.22 -23.50
C THR D 200 -27.99 -27.82 -23.35
N TYR D 201 -27.17 -27.43 -24.32
CA TYR D 201 -26.56 -26.11 -24.32
C TYR D 201 -26.88 -25.50 -25.67
N THR D 202 -27.54 -24.35 -25.66
CA THR D 202 -28.00 -23.71 -26.87
C THR D 202 -27.61 -22.23 -26.81
N CYS D 203 -26.92 -21.72 -27.82
CA CYS D 203 -26.69 -20.28 -27.86
C CYS D 203 -27.76 -19.59 -28.69
N ASN D 204 -28.22 -18.44 -28.18
CA ASN D 204 -29.29 -17.64 -28.76
C ASN D 204 -28.71 -16.30 -29.24
N VAL D 205 -28.68 -16.10 -30.56
CA VAL D 205 -28.01 -14.96 -31.21
C VAL D 205 -29.06 -14.06 -31.84
N ASP D 206 -28.93 -12.74 -31.60
CA ASP D 206 -29.78 -11.71 -32.20
C ASP D 206 -28.91 -10.65 -32.86
N HIS D 207 -29.21 -10.33 -34.12
CA HIS D 207 -28.61 -9.21 -34.87
C HIS D 207 -29.73 -8.31 -35.40
N LYS D 208 -30.13 -7.29 -34.63
CA LYS D 208 -31.30 -6.49 -35.02
C LYS D 208 -31.13 -5.75 -36.34
N PRO D 209 -29.94 -5.27 -36.76
CA PRO D 209 -29.88 -4.55 -38.03
C PRO D 209 -30.33 -5.41 -39.22
N SER D 210 -30.24 -6.74 -39.12
CA SER D 210 -30.68 -7.63 -40.20
C SER D 210 -31.90 -8.46 -39.85
N ASN D 211 -32.54 -8.23 -38.70
CA ASN D 211 -33.69 -9.04 -38.28
C ASN D 211 -33.33 -10.52 -38.19
N THR D 212 -32.10 -10.80 -37.77
CA THR D 212 -31.58 -12.16 -37.69
C THR D 212 -31.65 -12.74 -36.28
N LYS D 213 -32.31 -13.91 -36.16
CA LYS D 213 -32.36 -14.68 -34.91
C LYS D 213 -31.92 -16.13 -35.17
N VAL D 214 -30.99 -16.64 -34.36
CA VAL D 214 -30.46 -18.00 -34.51
C VAL D 214 -30.40 -18.70 -33.15
N ASP D 215 -30.86 -19.96 -33.11
CA ASP D 215 -30.66 -20.89 -31.99
C ASP D 215 -29.74 -22.04 -32.41
N LYS D 216 -28.56 -22.11 -31.80
CA LYS D 216 -27.53 -23.10 -32.17
C LYS D 216 -27.30 -24.09 -31.04
N ARG D 217 -27.68 -25.35 -31.23
CA ARG D 217 -27.27 -26.38 -30.27
C ARG D 217 -25.77 -26.70 -30.37
N VAL D 218 -25.11 -26.69 -29.22
CA VAL D 218 -23.67 -26.94 -29.09
C VAL D 218 -23.51 -28.24 -28.30
N GLU D 219 -22.75 -29.18 -28.86
CA GLU D 219 -22.53 -30.41 -28.10
C GLU D 219 -21.30 -31.16 -28.57
N SER D 220 -20.77 -31.96 -27.64
CA SER D 220 -19.65 -32.82 -27.95
C SER D 220 -20.17 -34.04 -28.74
N LYS D 221 -19.26 -34.71 -29.47
CA LYS D 221 -19.66 -35.96 -30.14
C LYS D 221 -19.78 -37.15 -29.19
N TYR D 222 -18.82 -37.29 -28.29
CA TYR D 222 -18.65 -38.38 -27.31
C TYR D 222 -18.34 -37.69 -26.02
N ILE E 1 -15.54 -3.31 49.09
CA ILE E 1 -14.75 -2.23 49.68
C ILE E 1 -15.66 -1.35 50.52
N VAL E 2 -15.14 -0.78 51.60
CA VAL E 2 -15.87 0.19 52.42
C VAL E 2 -15.20 1.56 52.25
N GLY E 3 -15.96 2.47 51.72
CA GLY E 3 -15.48 3.80 51.47
C GLY E 3 -14.87 3.91 50.10
N GLY E 4 -13.87 4.78 49.97
CA GLY E 4 -13.17 5.02 48.73
C GLY E 4 -14.08 5.60 47.67
N GLN E 5 -13.74 5.34 46.41
CA GLN E 5 -14.45 5.95 45.28
C GLN E 5 -15.00 4.89 44.35
N GLU E 6 -15.36 5.31 43.14
CA GLU E 6 -15.72 4.41 42.05
C GLU E 6 -14.73 4.64 40.91
N CYS E 7 -14.40 3.56 40.20
CA CYS E 7 -13.32 3.58 39.21
C CYS E 7 -13.87 4.21 37.94
N LYS E 8 -13.36 5.38 37.53
CA LYS E 8 -13.80 5.85 36.23
C LYS E 8 -13.33 4.88 35.14
N ASP E 9 -13.89 5.10 33.94
CA ASP E 9 -13.81 4.09 32.88
C ASP E 9 -12.37 3.96 32.40
N GLY E 10 -11.88 2.73 32.42
CA GLY E 10 -10.56 2.41 31.98
C GLY E 10 -9.48 2.62 33.02
N GLU E 11 -9.87 3.00 34.24
CA GLU E 11 -8.87 3.28 35.27
C GLU E 11 -8.55 2.05 36.12
N CYS E 12 -9.38 1.02 36.05
CA CYS E 12 -9.12 -0.26 36.72
C CYS E 12 -9.32 -1.41 35.74
N PRO E 13 -8.58 -1.44 34.63
CA PRO E 13 -8.91 -2.39 33.56
C PRO E 13 -8.42 -3.81 33.82
N TRP E 14 -7.55 -4.03 34.80
CA TRP E 14 -7.05 -5.35 35.18
C TRP E 14 -7.97 -6.05 36.13
N GLN E 15 -9.11 -5.46 36.44
CA GLN E 15 -10.05 -6.08 37.36
C GLN E 15 -10.70 -7.24 36.61
N ALA E 16 -10.73 -8.39 37.25
CA ALA E 16 -11.57 -9.50 36.85
C ALA E 16 -12.57 -9.74 37.97
N LEU E 17 -13.57 -10.55 37.64
CA LEU E 17 -14.63 -10.93 38.56
C LEU E 17 -14.96 -12.36 38.31
N LEU E 18 -14.85 -13.17 39.33
CA LEU E 18 -15.24 -14.54 39.17
C LEU E 18 -16.71 -14.68 39.48
N ILE E 19 -17.40 -15.44 38.65
CA ILE E 19 -18.85 -15.55 38.70
C ILE E 19 -19.14 -17.03 38.75
N ASN E 20 -20.14 -17.39 39.55
CA ASN E 20 -20.47 -18.80 39.77
C ASN E 20 -21.44 -19.28 38.69
N GLU E 21 -22.16 -20.34 39.05
CA GLU E 21 -23.15 -20.96 38.18
C GLU E 21 -24.34 -20.05 37.93
N GLU E 22 -24.75 -19.28 38.96
CA GLU E 22 -25.79 -18.25 38.91
C GLU E 22 -25.34 -16.92 38.31
N ASN E 23 -24.24 -16.91 37.56
CA ASN E 23 -23.70 -15.71 36.90
C ASN E 23 -23.68 -14.50 37.84
N GLU E 24 -23.08 -14.69 39.02
CA GLU E 24 -23.06 -13.71 40.10
C GLU E 24 -21.64 -13.57 40.67
N GLY E 25 -21.24 -12.33 40.97
CA GLY E 25 -19.86 -12.04 41.25
C GLY E 25 -19.64 -12.30 42.73
N PHE E 26 -18.64 -13.12 43.04
CA PHE E 26 -18.37 -13.50 44.42
C PHE E 26 -16.93 -13.28 44.88
N CYS E 27 -15.97 -13.13 43.96
CA CYS E 27 -14.55 -12.88 44.28
C CYS E 27 -13.97 -12.09 43.13
N GLY E 28 -12.93 -11.34 43.42
CA GLY E 28 -12.18 -10.66 42.38
C GLY E 28 -10.98 -11.48 41.85
N GLY E 29 -10.38 -10.94 40.78
CA GLY E 29 -9.17 -11.48 40.18
C GLY E 29 -8.38 -10.37 39.54
N THR E 30 -7.13 -10.66 39.18
CA THR E 30 -6.30 -9.65 38.49
C THR E 30 -5.80 -10.25 37.19
N ILE E 31 -5.98 -9.52 36.09
CA ILE E 31 -5.55 -9.92 34.75
C ILE E 31 -4.05 -9.66 34.64
N LEU E 32 -3.30 -10.72 34.40
CA LEU E 32 -1.85 -10.71 34.27
C LEU E 32 -1.36 -10.76 32.84
N SER E 33 -2.14 -11.35 31.93
CA SER E 33 -1.79 -11.51 30.53
C SER E 33 -3.08 -11.77 29.75
N GLU E 34 -2.94 -12.08 28.47
CA GLU E 34 -4.11 -12.42 27.66
C GLU E 34 -4.82 -13.66 28.19
N PHE E 35 -4.09 -14.53 28.90
CA PHE E 35 -4.49 -15.88 29.26
C PHE E 35 -4.57 -16.16 30.74
N TYR E 36 -3.99 -15.31 31.60
CA TYR E 36 -3.80 -15.62 33.03
C TYR E 36 -4.49 -14.64 33.97
N ILE E 37 -5.18 -15.19 34.98
CA ILE E 37 -5.82 -14.42 36.04
C ILE E 37 -5.21 -14.80 37.38
N LEU E 38 -4.95 -13.81 38.24
CA LEU E 38 -4.45 -13.98 39.61
C LEU E 38 -5.59 -13.88 40.61
N THR E 39 -5.66 -14.79 41.58
CA THR E 39 -6.72 -14.72 42.58
C THR E 39 -6.26 -15.30 43.90
N ALA E 40 -7.15 -15.26 44.89
CA ALA E 40 -6.89 -15.79 46.22
C ALA E 40 -7.27 -17.26 46.22
N ALA E 41 -6.51 -18.08 46.93
CA ALA E 41 -6.83 -19.51 46.94
C ALA E 41 -8.20 -19.79 47.56
N HIS E 42 -8.54 -19.09 48.65
CA HIS E 42 -9.78 -19.40 49.39
C HIS E 42 -11.03 -19.08 48.61
N CYS E 43 -10.93 -18.26 47.58
CA CYS E 43 -12.11 -18.03 46.77
C CYS E 43 -12.56 -19.31 46.07
N LEU E 44 -11.68 -20.30 45.97
CA LEU E 44 -12.03 -21.52 45.24
C LEU E 44 -12.99 -22.37 46.03
N TYR E 45 -13.15 -22.09 47.33
CA TYR E 45 -14.04 -22.88 48.15
C TYR E 45 -15.40 -22.22 48.25
N GLN E 46 -15.53 -21.02 47.69
CA GLN E 46 -16.77 -20.27 47.73
C GLN E 46 -17.62 -20.50 46.49
N ALA E 47 -17.32 -21.52 45.69
CA ALA E 47 -18.11 -21.83 44.51
C ALA E 47 -17.69 -23.19 43.97
N LYS E 48 -18.69 -23.96 43.52
CA LYS E 48 -18.42 -25.28 42.98
C LYS E 48 -17.67 -25.22 41.65
N ARG E 49 -18.24 -24.52 40.67
CA ARG E 49 -17.55 -24.27 39.41
C ARG E 49 -17.89 -22.86 38.92
N PHE E 50 -16.92 -22.20 38.28
CA PHE E 50 -17.01 -20.78 38.00
C PHE E 50 -16.36 -20.39 36.67
N LYS E 51 -16.52 -19.11 36.34
CA LYS E 51 -16.03 -18.45 35.13
C LYS E 51 -15.55 -17.06 35.51
N VAL E 52 -14.89 -16.39 34.57
CA VAL E 52 -14.28 -15.09 34.81
C VAL E 52 -14.86 -14.01 33.90
N ARG E 53 -15.22 -12.86 34.46
CA ARG E 53 -15.80 -11.79 33.67
C ARG E 53 -14.86 -10.60 33.69
N VAL E 54 -14.53 -10.11 32.49
CA VAL E 54 -13.68 -8.96 32.28
C VAL E 54 -14.57 -7.83 31.77
N GLY E 55 -14.09 -6.61 32.00
CA GLY E 55 -14.54 -5.35 31.48
C GLY E 55 -15.90 -4.93 31.99
N ASP E 56 -16.45 -5.64 32.99
CA ASP E 56 -17.73 -5.26 33.57
C ASP E 56 -17.51 -4.06 34.47
N ARG E 57 -18.46 -3.15 34.48
CA ARG E 57 -18.27 -1.97 35.29
C ARG E 57 -19.50 -1.61 36.15
N ASN E 58 -20.68 -2.19 35.84
CA ASN E 58 -21.99 -2.15 36.53
C ASN E 58 -22.75 -3.41 36.16
N THR E 59 -23.24 -4.13 37.18
CA THR E 59 -23.94 -5.40 36.96
C THR E 59 -25.27 -5.29 36.18
N GLU E 60 -25.93 -4.11 36.15
CA GLU E 60 -27.21 -3.94 35.46
C GLU E 60 -27.02 -3.59 34.00
N GLN E 61 -26.17 -2.63 33.66
CA GLN E 61 -26.22 -2.24 32.26
C GLN E 61 -25.01 -2.89 31.63
N GLU E 62 -25.23 -3.48 30.45
CA GLU E 62 -24.14 -3.97 29.62
C GLU E 62 -23.43 -2.86 28.89
N GLU E 63 -22.14 -2.71 29.14
CA GLU E 63 -21.40 -1.61 28.55
C GLU E 63 -20.70 -2.03 27.27
N GLY E 64 -21.14 -3.13 26.65
CA GLY E 64 -20.55 -3.49 25.39
C GLY E 64 -19.40 -4.46 25.55
N GLY E 65 -18.26 -3.94 26.07
CA GLY E 65 -17.00 -4.63 26.29
C GLY E 65 -16.87 -5.65 27.40
N GLU E 66 -17.93 -5.99 28.12
CA GLU E 66 -17.79 -7.09 29.07
C GLU E 66 -17.59 -8.37 28.27
N ALA E 67 -16.96 -9.37 28.90
CA ALA E 67 -16.77 -10.64 28.22
C ALA E 67 -16.40 -11.67 29.26
N VAL E 68 -16.87 -12.89 29.07
CA VAL E 68 -16.70 -13.94 30.06
C VAL E 68 -15.93 -15.12 29.45
N HIS E 69 -14.98 -15.63 30.23
CA HIS E 69 -14.07 -16.69 29.83
C HIS E 69 -14.16 -17.90 30.75
N GLU E 70 -14.15 -19.09 30.15
CA GLU E 70 -14.05 -20.35 30.87
C GLU E 70 -12.63 -20.55 31.43
N VAL E 71 -12.54 -21.20 32.58
CA VAL E 71 -11.23 -21.43 33.19
C VAL E 71 -10.76 -22.81 32.74
N GLU E 72 -9.51 -22.90 32.29
CA GLU E 72 -8.99 -24.16 31.77
C GLU E 72 -8.21 -24.92 32.83
N VAL E 73 -7.32 -24.24 33.54
CA VAL E 73 -6.59 -24.88 34.65
C VAL E 73 -6.54 -23.95 35.87
N VAL E 74 -6.62 -24.57 37.05
CA VAL E 74 -6.48 -23.90 38.33
C VAL E 74 -5.22 -24.40 38.99
N ILE E 75 -4.38 -23.47 39.43
CA ILE E 75 -3.11 -23.78 40.04
C ILE E 75 -3.25 -23.16 41.42
N LYS E 76 -3.60 -23.97 42.40
CA LYS E 76 -3.82 -23.47 43.73
C LYS E 76 -2.54 -23.76 44.49
N HIS E 77 -2.15 -22.85 45.37
CA HIS E 77 -0.94 -23.09 46.14
C HIS E 77 -1.10 -24.36 46.97
N ASN E 78 -0.14 -25.27 46.83
CA ASN E 78 -0.17 -26.50 47.60
C ASN E 78 -0.35 -26.22 49.07
N ARG E 79 0.36 -25.25 49.61
CA ARG E 79 0.41 -25.16 51.05
C ARG E 79 -0.68 -24.27 51.65
N PHE E 80 -1.68 -23.90 50.87
CA PHE E 80 -2.77 -23.12 51.44
C PHE E 80 -3.61 -24.03 52.30
N THR E 81 -4.02 -23.48 53.44
CA THR E 81 -4.79 -24.17 54.47
C THR E 81 -5.83 -23.20 54.99
N LYS E 82 -7.03 -23.75 55.22
CA LYS E 82 -8.20 -22.96 55.56
C LYS E 82 -8.13 -22.32 56.94
N GLU E 83 -7.38 -22.91 57.87
CA GLU E 83 -7.49 -22.35 59.20
C GLU E 83 -6.65 -21.10 59.40
N THR E 84 -5.54 -20.96 58.67
CA THR E 84 -4.69 -19.78 58.83
C THR E 84 -4.73 -18.74 57.73
N TYR E 85 -5.22 -19.07 56.53
CA TYR E 85 -5.29 -18.16 55.39
C TYR E 85 -3.90 -17.80 54.88
N ASP E 86 -2.91 -18.62 55.24
CA ASP E 86 -1.56 -18.61 54.66
C ASP E 86 -1.57 -19.09 53.21
N PHE E 87 -0.69 -18.50 52.42
CA PHE E 87 -0.53 -18.86 51.01
C PHE E 87 -1.84 -18.67 50.27
N ASP E 88 -2.48 -17.54 50.51
CA ASP E 88 -3.80 -17.31 49.94
C ASP E 88 -3.59 -16.77 48.54
N ILE E 89 -3.33 -17.70 47.62
CA ILE E 89 -3.00 -17.36 46.25
C ILE E 89 -3.34 -18.57 45.39
N ALA E 90 -3.80 -18.29 44.18
CA ALA E 90 -4.01 -19.28 43.14
C ALA E 90 -3.96 -18.53 41.82
N VAL E 91 -3.67 -19.25 40.74
CA VAL E 91 -3.65 -18.69 39.40
C VAL E 91 -4.54 -19.53 38.51
N LEU E 92 -5.26 -18.86 37.60
CA LEU E 92 -6.16 -19.50 36.66
C LEU E 92 -5.61 -19.27 35.26
N ARG E 93 -5.60 -20.33 34.47
CA ARG E 93 -5.26 -20.22 33.06
C ARG E 93 -6.58 -20.52 32.34
N LEU E 94 -6.93 -19.65 31.41
CA LEU E 94 -8.21 -19.73 30.73
C LEU E 94 -8.18 -20.63 29.51
N LYS E 95 -9.40 -21.04 29.09
CA LYS E 95 -9.59 -21.79 27.86
C LYS E 95 -9.50 -20.86 26.65
N THR E 96 -9.90 -19.60 26.83
CA THR E 96 -9.85 -18.57 25.81
C THR E 96 -9.06 -17.36 26.29
N PRO E 97 -8.32 -16.69 25.40
CA PRO E 97 -7.51 -15.54 25.80
C PRO E 97 -8.39 -14.33 26.01
N ILE E 98 -8.14 -13.55 27.07
CA ILE E 98 -8.92 -12.32 27.14
C ILE E 98 -8.29 -11.46 26.06
N THR E 99 -9.12 -10.69 25.38
CA THR E 99 -8.61 -9.76 24.38
C THR E 99 -8.65 -8.39 25.00
N PHE E 100 -7.49 -7.75 25.07
CA PHE E 100 -7.42 -6.47 25.70
C PHE E 100 -8.22 -5.47 24.87
N ARG E 101 -8.81 -4.49 25.54
CA ARG E 101 -9.70 -3.51 24.93
C ARG E 101 -9.62 -2.24 25.76
N MET E 102 -10.47 -1.28 25.47
CA MET E 102 -10.80 -0.30 26.48
C MET E 102 -11.39 -1.04 27.68
N ASN E 103 -10.82 -0.83 28.86
CA ASN E 103 -11.18 -1.39 30.18
C ASN E 103 -10.77 -2.82 30.47
N VAL E 104 -9.95 -3.48 29.65
CA VAL E 104 -9.37 -4.74 30.07
C VAL E 104 -7.94 -4.65 29.57
N ALA E 105 -7.02 -4.43 30.49
CA ALA E 105 -5.64 -4.25 30.19
C ALA E 105 -5.00 -4.85 31.42
N PRO E 106 -3.92 -5.60 31.28
CA PRO E 106 -3.34 -6.33 32.40
C PRO E 106 -2.51 -5.45 33.32
N ALA E 107 -2.40 -5.87 34.57
CA ALA E 107 -1.53 -5.20 35.52
C ALA E 107 -0.18 -5.90 35.48
N CYS E 108 0.89 -5.17 35.80
CA CYS E 108 2.25 -5.68 35.65
C CYS E 108 2.74 -6.50 36.82
N LEU E 109 3.51 -7.60 36.48
CA LEU E 109 4.26 -8.29 37.51
C LEU E 109 5.64 -7.66 37.60
N PRO E 110 6.08 -7.39 38.77
CA PRO E 110 7.41 -6.80 38.96
C PRO E 110 8.55 -7.78 39.06
N GLU E 111 9.78 -7.29 39.30
CA GLU E 111 10.90 -8.14 39.61
C GLU E 111 11.06 -8.03 41.14
N ARG E 112 11.31 -9.17 41.81
CA ARG E 112 11.11 -9.30 43.26
C ARG E 112 11.90 -8.27 44.08
N ASP E 113 13.22 -8.18 43.86
CA ASP E 113 14.06 -7.24 44.62
C ASP E 113 13.63 -5.79 44.44
N TRP E 114 13.43 -5.38 43.18
CA TRP E 114 13.05 -3.99 42.92
C TRP E 114 11.71 -3.70 43.59
N ALA E 115 10.73 -4.63 43.44
CA ALA E 115 9.41 -4.43 44.01
C ALA E 115 9.51 -4.31 45.53
N GLU E 116 10.37 -5.12 46.13
CA GLU E 116 10.42 -5.19 47.57
C GLU E 116 11.08 -3.92 48.12
N SER E 117 12.01 -3.29 47.37
CA SER E 117 12.64 -2.05 47.82
C SER E 117 12.01 -0.75 47.31
N THR E 118 11.24 -0.80 46.25
CA THR E 118 10.69 0.32 45.52
C THR E 118 9.18 0.32 45.52
N LEU E 119 8.58 -0.85 45.42
CA LEU E 119 7.15 -0.84 45.43
C LEU E 119 6.66 -0.88 46.89
N MET E 120 7.08 -1.87 47.69
CA MET E 120 6.68 -2.02 49.10
C MET E 120 7.14 -0.90 50.02
N THR E 121 7.95 0.04 49.53
CA THR E 121 8.39 1.21 50.28
C THR E 121 7.53 2.42 49.99
N GLN E 122 6.66 2.34 48.98
CA GLN E 122 5.77 3.43 48.68
C GLN E 122 4.80 3.57 49.86
N LYS E 123 4.18 4.75 49.97
CA LYS E 123 3.25 4.96 51.08
C LYS E 123 1.95 4.18 50.91
N THR E 124 1.47 4.03 49.69
CA THR E 124 0.16 3.44 49.50
C THR E 124 0.14 2.57 48.25
N GLY E 125 -0.92 1.79 48.18
CA GLY E 125 -1.28 1.05 46.98
C GLY E 125 -2.79 1.17 46.77
N ILE E 126 -3.29 0.48 45.77
CA ILE E 126 -4.65 0.67 45.28
C ILE E 126 -5.36 -0.68 45.21
N VAL E 127 -6.46 -0.85 45.96
CA VAL E 127 -7.27 -2.08 46.01
C VAL E 127 -8.60 -1.82 45.30
N SER E 128 -9.24 -2.86 44.75
CA SER E 128 -10.46 -2.61 43.99
C SER E 128 -11.37 -3.83 44.02
N GLY E 129 -12.63 -3.61 43.66
CA GLY E 129 -13.55 -4.73 43.64
C GLY E 129 -15.02 -4.34 43.67
N PHE E 130 -15.84 -5.38 43.54
CA PHE E 130 -17.30 -5.36 43.61
C PHE E 130 -17.75 -5.99 44.94
N GLY E 131 -16.93 -5.94 45.98
CA GLY E 131 -17.26 -6.66 47.18
C GLY E 131 -18.18 -5.83 48.05
N ARG E 132 -18.63 -6.41 49.16
CA ARG E 132 -19.56 -5.69 50.02
C ARG E 132 -19.15 -4.26 50.28
N THR E 133 -20.14 -3.43 50.63
CA THR E 133 -19.95 -2.01 50.86
C THR E 133 -19.93 -1.64 52.34
N HIS E 134 -20.33 -2.55 53.25
CA HIS E 134 -19.97 -2.32 54.64
C HIS E 134 -19.86 -3.68 55.32
N GLU E 135 -19.27 -3.64 56.52
CA GLU E 135 -18.78 -4.84 57.17
C GLU E 135 -19.83 -5.96 57.20
N LYS E 136 -21.03 -5.66 57.67
CA LYS E 136 -22.15 -6.58 57.50
C LYS E 136 -23.11 -6.09 56.43
N GLY E 137 -22.59 -5.71 55.27
CA GLY E 137 -23.33 -5.01 54.24
C GLY E 137 -23.59 -5.82 52.99
N ARG E 138 -24.01 -5.10 51.95
CA ARG E 138 -24.35 -5.67 50.66
C ARG E 138 -23.20 -5.54 49.66
N GLN E 139 -23.02 -6.56 48.83
CA GLN E 139 -22.17 -6.53 47.63
C GLN E 139 -22.45 -5.41 46.63
N SER E 140 -21.39 -4.72 46.22
CA SER E 140 -21.49 -3.60 45.30
C SER E 140 -21.73 -3.98 43.84
N THR E 141 -22.50 -3.12 43.17
CA THR E 141 -23.01 -3.22 41.81
C THR E 141 -22.03 -2.62 40.82
N ARG E 142 -21.35 -1.55 41.24
CA ARG E 142 -20.45 -0.78 40.41
C ARG E 142 -19.04 -1.04 40.93
N LEU E 143 -18.02 -0.86 40.11
CA LEU E 143 -16.71 -1.32 40.57
C LEU E 143 -16.08 -0.15 41.31
N LYS E 144 -15.49 -0.44 42.45
CA LYS E 144 -14.93 0.56 43.32
C LYS E 144 -13.45 0.36 43.58
N MET E 145 -12.75 1.45 43.88
CA MET E 145 -11.34 1.45 44.21
C MET E 145 -11.10 2.13 45.55
N LEU E 146 -9.92 1.87 46.13
CA LEU E 146 -9.49 2.39 47.41
C LEU E 146 -7.98 2.50 47.54
N GLU E 147 -7.51 3.66 48.01
CA GLU E 147 -6.10 3.90 48.31
C GLU E 147 -5.82 3.48 49.76
N VAL E 148 -4.93 2.53 49.97
CA VAL E 148 -4.67 1.97 51.31
C VAL E 148 -3.20 2.20 51.63
N PRO E 149 -2.88 2.92 52.70
CA PRO E 149 -1.47 3.05 53.05
C PRO E 149 -0.96 1.69 53.46
N TYR E 150 0.30 1.44 53.12
CA TYR E 150 1.00 0.28 53.66
C TYR E 150 1.08 0.54 55.16
N VAL E 151 0.80 -0.47 55.97
CA VAL E 151 0.88 -0.38 57.42
C VAL E 151 2.05 -1.23 57.87
N ASP E 152 3.01 -0.64 58.60
CA ASP E 152 4.21 -1.40 58.83
C ASP E 152 3.93 -2.66 59.64
N ARG E 153 4.80 -3.64 59.41
CA ARG E 153 4.56 -5.01 59.80
C ARG E 153 4.51 -5.16 61.30
N ASN E 154 5.27 -4.36 62.02
CA ASN E 154 5.30 -4.47 63.47
C ASN E 154 3.98 -3.97 64.07
N SER E 155 3.60 -2.72 63.74
CA SER E 155 2.32 -2.18 64.18
C SER E 155 1.16 -3.09 63.75
N CYS E 156 1.26 -3.64 62.53
CA CYS E 156 0.31 -4.64 62.02
C CYS E 156 0.16 -5.80 62.97
N LYS E 157 1.27 -6.44 63.26
CA LYS E 157 1.27 -7.62 64.08
C LYS E 157 0.63 -7.29 65.41
N LEU E 158 0.93 -6.11 65.93
CA LEU E 158 0.40 -5.74 67.23
C LEU E 158 -1.09 -5.48 67.19
N SER E 159 -1.63 -5.09 66.04
CA SER E 159 -3.06 -4.79 66.00
C SER E 159 -3.96 -6.01 65.87
N SER E 160 -3.40 -7.17 65.53
CA SER E 160 -4.19 -8.34 65.15
C SER E 160 -4.12 -9.47 66.16
N SER E 161 -5.22 -10.23 66.20
CA SER E 161 -5.37 -11.39 67.06
C SER E 161 -4.70 -12.64 66.46
N PHE E 162 -4.51 -12.67 65.16
CA PHE E 162 -4.05 -13.88 64.49
C PHE E 162 -2.65 -13.63 63.95
N ILE E 163 -1.96 -14.71 63.57
CA ILE E 163 -0.58 -14.58 63.15
C ILE E 163 -0.57 -13.94 61.77
N ILE E 164 0.34 -13.00 61.54
CA ILE E 164 0.55 -12.40 60.23
C ILE E 164 1.87 -12.89 59.67
N THR E 165 1.80 -13.92 58.82
CA THR E 165 3.00 -14.50 58.26
C THR E 165 3.64 -13.53 57.28
N GLN E 166 4.88 -13.85 56.89
CA GLN E 166 5.56 -13.03 55.91
C GLN E 166 5.00 -13.19 54.51
N ASN E 167 4.08 -14.12 54.28
CA ASN E 167 3.35 -14.18 53.02
C ASN E 167 2.09 -13.31 53.06
N MET E 168 2.04 -12.33 53.97
CA MET E 168 0.92 -11.43 54.14
C MET E 168 1.48 -10.06 54.47
N PHE E 169 0.68 -9.03 54.22
CA PHE E 169 1.02 -7.68 54.68
C PHE E 169 -0.25 -6.90 54.97
N CYS E 170 -0.07 -5.80 55.73
CA CYS E 170 -1.15 -4.91 56.16
C CYS E 170 -1.26 -3.67 55.30
N ALA E 171 -2.50 -3.30 55.03
CA ALA E 171 -2.72 -2.03 54.40
C ALA E 171 -4.12 -1.60 54.80
N GLY E 172 -4.27 -0.30 54.99
CA GLY E 172 -5.55 0.30 55.33
C GLY E 172 -5.46 1.27 56.48
N TYR E 173 -6.53 1.36 57.29
CA TYR E 173 -6.58 2.38 58.33
C TYR E 173 -7.01 1.81 59.69
N ASP E 174 -6.41 2.36 60.75
CA ASP E 174 -6.79 2.11 62.14
C ASP E 174 -8.28 2.38 62.35
N THR E 175 -8.68 3.64 62.52
CA THR E 175 -10.06 3.95 62.92
C THR E 175 -10.92 4.33 61.73
N LYS E 176 -10.36 4.98 60.72
CA LYS E 176 -11.13 5.44 59.57
C LYS E 176 -11.91 4.33 58.89
N GLN E 177 -13.10 4.69 58.40
CA GLN E 177 -14.07 3.71 57.90
C GLN E 177 -13.85 3.35 56.42
N GLU E 178 -12.63 2.91 56.14
CA GLU E 178 -12.21 2.50 54.80
C GLU E 178 -11.40 1.22 54.80
N ASP E 179 -11.81 0.26 53.98
CA ASP E 179 -11.24 -1.10 54.00
C ASP E 179 -11.84 -1.89 52.83
N ALA E 180 -11.16 -2.97 52.49
CA ALA E 180 -11.86 -3.92 51.64
C ALA E 180 -12.80 -4.76 52.50
N CYS E 181 -13.61 -5.58 51.85
CA CYS E 181 -14.57 -6.43 52.54
C CYS E 181 -14.81 -7.70 51.74
N GLN E 182 -15.70 -8.53 52.27
CA GLN E 182 -16.04 -9.78 51.61
C GLN E 182 -16.58 -9.49 50.23
N GLY E 183 -16.29 -10.41 49.31
CA GLY E 183 -16.59 -10.24 47.91
C GLY E 183 -15.50 -9.55 47.11
N ASP E 184 -14.67 -8.74 47.77
CA ASP E 184 -13.48 -8.20 47.13
C ASP E 184 -12.31 -9.20 47.12
N SER E 185 -12.32 -10.16 48.05
CA SER E 185 -11.26 -11.15 48.21
C SER E 185 -10.78 -11.74 46.89
N GLY E 186 -9.47 -11.74 46.70
CA GLY E 186 -8.91 -12.26 45.49
C GLY E 186 -8.57 -11.21 44.47
N GLY E 187 -9.17 -10.00 44.58
CA GLY E 187 -9.01 -8.96 43.61
C GLY E 187 -7.75 -8.17 43.86
N PRO E 188 -7.55 -7.15 43.06
CA PRO E 188 -6.20 -6.59 42.96
C PRO E 188 -5.89 -5.48 43.95
N HIS E 189 -4.69 -5.58 44.53
CA HIS E 189 -3.95 -4.52 45.21
C HIS E 189 -2.71 -4.22 44.38
N VAL E 190 -2.65 -3.03 43.77
CA VAL E 190 -1.56 -2.66 42.87
C VAL E 190 -0.85 -1.45 43.44
N THR E 191 0.43 -1.35 43.15
CA THR E 191 1.23 -0.21 43.57
C THR E 191 1.79 0.43 42.32
N ARG E 192 1.77 1.75 42.28
CA ARG E 192 2.14 2.54 41.11
C ARG E 192 3.54 3.09 41.30
N PHE E 193 4.34 3.05 40.23
CA PHE E 193 5.66 3.63 40.26
C PHE E 193 5.89 4.20 38.87
N LYS E 194 6.16 5.51 38.80
CA LYS E 194 6.37 6.19 37.53
C LYS E 194 5.27 5.78 36.57
N ASP E 195 4.06 6.02 37.01
CA ASP E 195 2.87 5.83 36.21
C ASP E 195 2.80 4.41 35.63
N THR E 196 3.14 3.40 36.43
CA THR E 196 2.80 2.02 36.09
C THR E 196 2.34 1.31 37.33
N TYR E 197 1.35 0.44 37.13
CA TYR E 197 0.63 -0.20 38.22
C TYR E 197 1.03 -1.67 38.20
N PHE E 198 1.74 -2.10 39.25
CA PHE E 198 2.20 -3.47 39.40
C PHE E 198 1.40 -4.21 40.45
N VAL E 199 1.14 -5.50 40.23
CA VAL E 199 0.44 -6.31 41.22
C VAL E 199 1.37 -6.49 42.41
N THR E 200 0.94 -6.03 43.61
CA THR E 200 1.71 -6.22 44.83
C THR E 200 1.03 -7.07 45.88
N GLY E 201 -0.28 -7.28 45.81
CA GLY E 201 -1.01 -8.03 46.81
C GLY E 201 -2.30 -8.57 46.26
N ILE E 202 -2.81 -9.62 46.90
CA ILE E 202 -4.15 -10.17 46.68
C ILE E 202 -5.01 -9.91 47.92
N VAL E 203 -6.25 -9.44 47.73
CA VAL E 203 -7.18 -9.35 48.87
C VAL E 203 -7.43 -10.72 49.48
N SER E 204 -7.09 -10.89 50.76
CA SER E 204 -7.11 -12.16 51.45
C SER E 204 -8.08 -12.17 52.62
N TRP E 205 -7.82 -11.39 53.66
CA TRP E 205 -8.68 -11.49 54.83
C TRP E 205 -8.62 -10.20 55.64
N GLY E 206 -9.38 -10.18 56.72
CA GLY E 206 -9.36 -9.08 57.63
C GLY E 206 -10.34 -9.32 58.75
N GLU E 207 -10.09 -8.63 59.86
CA GLU E 207 -11.02 -8.69 61.01
C GLU E 207 -12.13 -7.68 60.77
N GLY E 208 -13.30 -8.21 60.44
CA GLY E 208 -14.37 -7.38 59.99
C GLY E 208 -13.92 -6.65 58.75
N CYS E 209 -14.50 -5.47 58.56
CA CYS E 209 -14.22 -4.63 57.43
C CYS E 209 -14.31 -3.23 58.03
N ALA E 210 -13.29 -2.42 57.80
CA ALA E 210 -13.23 -1.08 58.36
C ALA E 210 -13.17 -1.04 59.88
N ARG E 211 -13.01 -2.15 60.57
CA ARG E 211 -13.09 -2.05 62.02
C ARG E 211 -12.11 -1.05 62.57
N LYS E 212 -12.54 -0.41 63.64
CA LYS E 212 -11.68 0.56 64.26
C LYS E 212 -10.48 -0.22 64.79
N GLY E 213 -9.27 0.31 64.59
CA GLY E 213 -8.10 -0.40 65.08
C GLY E 213 -7.71 -1.69 64.37
N LYS E 214 -8.31 -1.99 63.23
CA LYS E 214 -7.97 -3.16 62.45
C LYS E 214 -7.75 -2.76 61.00
N TYR E 215 -6.80 -3.42 60.33
CA TYR E 215 -6.43 -3.14 58.94
C TYR E 215 -6.85 -4.30 58.02
N GLY E 216 -6.65 -4.10 56.72
CA GLY E 216 -6.82 -5.21 55.75
C GLY E 216 -5.55 -6.02 55.53
N ILE E 217 -5.71 -7.35 55.39
CA ILE E 217 -4.61 -8.29 55.24
C ILE E 217 -4.62 -8.82 53.80
N TYR E 218 -3.47 -8.73 53.12
CA TYR E 218 -3.29 -9.12 51.71
C TYR E 218 -2.22 -10.20 51.59
N THR E 219 -2.41 -11.16 50.65
CA THR E 219 -1.35 -12.07 50.22
C THR E 219 -0.17 -11.27 49.69
N LYS E 220 1.01 -11.46 50.26
CA LYS E 220 2.13 -10.69 49.75
C LYS E 220 2.64 -11.32 48.46
N VAL E 221 2.48 -10.60 47.35
CA VAL E 221 2.63 -11.22 46.04
C VAL E 221 4.08 -11.46 45.76
N THR E 222 4.94 -10.50 46.10
CA THR E 222 6.35 -10.67 45.82
C THR E 222 6.85 -11.99 46.40
N ALA E 223 6.32 -12.37 47.55
CA ALA E 223 6.65 -13.64 48.18
C ALA E 223 6.25 -14.83 47.31
N PHE E 224 5.44 -14.58 46.29
CA PHE E 224 4.94 -15.60 45.39
C PHE E 224 5.24 -15.31 43.92
N LEU E 225 6.09 -14.34 43.61
CA LEU E 225 6.42 -14.14 42.19
C LEU E 225 7.05 -15.37 41.50
N LYS E 226 8.15 -15.91 42.08
CA LYS E 226 8.76 -17.13 41.56
C LYS E 226 7.78 -18.27 41.41
N TRP E 227 6.91 -18.45 42.41
CA TRP E 227 5.93 -19.52 42.30
C TRP E 227 4.99 -19.24 41.14
N ILE E 228 4.57 -17.98 40.98
CA ILE E 228 3.73 -17.60 39.85
C ILE E 228 4.43 -17.88 38.54
N ASP E 229 5.70 -17.52 38.47
CA ASP E 229 6.50 -17.76 37.28
C ASP E 229 6.48 -19.24 36.93
N ARG E 230 6.77 -20.08 37.92
CA ARG E 230 6.84 -21.53 37.68
C ARG E 230 5.48 -22.06 37.23
N SER E 231 4.38 -21.49 37.73
CA SER E 231 3.07 -21.99 37.31
C SER E 231 2.83 -21.73 35.83
N MET E 232 3.38 -20.62 35.32
CA MET E 232 3.30 -20.26 33.91
C MET E 232 4.24 -21.08 33.04
N LYS E 233 5.14 -21.85 33.64
CA LYS E 233 6.14 -22.64 32.93
C LYS E 233 6.00 -24.13 33.24
N THR E 234 4.77 -24.55 33.55
CA THR E 234 4.33 -25.92 33.86
C THR E 234 2.90 -26.15 33.35
N LYS F 3 22.53 8.72 44.64
CA LYS F 3 23.18 7.42 44.69
C LYS F 3 22.81 6.60 43.45
N LEU F 4 22.93 5.27 43.48
CA LEU F 4 22.66 4.58 42.21
C LEU F 4 21.22 4.14 42.04
N CYS F 5 20.83 2.97 42.57
CA CYS F 5 19.40 2.69 42.58
C CYS F 5 18.64 3.56 43.57
N SER F 6 19.36 4.15 44.54
CA SER F 6 18.72 5.06 45.48
C SER F 6 18.25 6.37 44.85
N LEU F 7 18.92 6.85 43.79
CA LEU F 7 18.64 8.17 43.28
C LEU F 7 17.78 8.01 42.05
N ASP F 8 16.51 8.40 42.17
CA ASP F 8 15.58 8.35 41.06
C ASP F 8 15.62 6.96 40.44
N ASN F 9 15.78 5.93 41.30
CA ASN F 9 15.75 4.55 40.83
C ASN F 9 16.89 4.23 39.84
N GLY F 10 18.04 4.87 40.00
CA GLY F 10 19.12 4.85 39.03
C GLY F 10 18.64 5.39 37.73
N ASP F 11 17.58 6.17 37.80
CA ASP F 11 16.88 6.78 36.69
C ASP F 11 16.30 5.76 35.75
N CYS F 12 16.25 4.50 36.19
CA CYS F 12 15.60 3.56 35.33
C CYS F 12 14.12 3.89 35.41
N ASP F 13 13.39 3.53 34.37
CA ASP F 13 11.97 3.81 34.44
C ASP F 13 11.30 2.79 35.33
N GLN F 14 11.78 1.56 35.24
CA GLN F 14 11.14 0.47 35.92
C GLN F 14 12.16 -0.31 36.73
N PHE F 15 12.53 -1.49 36.30
CA PHE F 15 13.47 -2.22 37.15
C PHE F 15 14.82 -1.53 37.16
N CYS F 16 15.45 -1.54 38.33
CA CYS F 16 16.79 -1.04 38.53
C CYS F 16 17.43 -2.18 39.28
N HIS F 17 18.63 -2.58 38.86
CA HIS F 17 19.39 -3.62 39.52
C HIS F 17 20.85 -3.20 39.53
N GLU F 18 21.58 -3.55 40.55
CA GLU F 18 22.98 -3.17 40.62
C GLU F 18 23.91 -4.30 40.17
N GLU F 19 24.83 -3.97 39.24
CA GLU F 19 25.86 -4.83 38.63
C GLU F 19 27.09 -3.97 38.45
N GLN F 20 28.26 -4.55 38.75
CA GLN F 20 29.51 -3.96 38.31
C GLN F 20 29.70 -2.61 39.00
N ASN F 21 29.09 -2.48 40.20
CA ASN F 21 29.02 -1.23 40.96
C ASN F 21 28.48 -0.06 40.12
N SER F 22 27.66 -0.40 39.13
CA SER F 22 26.87 0.50 38.28
C SER F 22 25.43 -0.03 38.21
N VAL F 23 24.56 0.77 37.61
CA VAL F 23 23.11 0.55 37.61
C VAL F 23 22.68 -0.03 36.28
N VAL F 24 21.80 -1.03 36.30
CA VAL F 24 21.35 -1.73 35.09
C VAL F 24 19.82 -1.75 35.15
N CYS F 25 19.22 -1.09 34.17
CA CYS F 25 17.78 -1.05 34.07
C CYS F 25 17.25 -2.23 33.31
N SER F 26 16.03 -2.60 33.64
CA SER F 26 15.24 -3.51 32.85
C SER F 26 13.82 -3.00 32.80
N CYS F 27 12.96 -3.78 32.16
CA CYS F 27 11.60 -3.33 31.93
C CYS F 27 10.72 -4.57 32.07
N ALA F 28 9.42 -4.36 32.17
CA ALA F 28 8.56 -5.52 32.30
C ALA F 28 8.19 -6.11 30.94
N ARG F 29 7.64 -7.31 31.00
CA ARG F 29 7.28 -8.04 29.79
C ARG F 29 6.31 -7.19 28.98
N GLY F 30 6.45 -7.22 27.65
CA GLY F 30 5.68 -6.31 26.81
C GLY F 30 6.21 -4.89 26.74
N TYR F 31 7.39 -4.64 27.30
CA TYR F 31 8.17 -3.43 27.17
C TYR F 31 9.56 -3.88 26.72
N THR F 32 10.28 -3.00 26.05
CA THR F 32 11.68 -3.27 25.83
C THR F 32 12.49 -2.05 26.18
N LEU F 33 13.71 -2.28 26.64
CA LEU F 33 14.50 -1.20 27.19
C LEU F 33 14.98 -0.32 26.04
N ALA F 34 14.90 0.98 26.25
CA ALA F 34 15.21 1.88 25.16
C ALA F 34 16.69 1.83 24.82
N ASP F 35 17.07 2.68 23.87
CA ASP F 35 18.45 2.74 23.40
C ASP F 35 19.34 3.32 24.47
N ASN F 36 18.81 4.22 25.30
CA ASN F 36 19.49 4.94 26.38
C ASN F 36 19.66 4.12 27.65
N GLY F 37 19.28 2.85 27.64
CA GLY F 37 19.55 2.01 28.79
C GLY F 37 18.70 2.25 30.02
N LYS F 38 17.64 3.09 29.94
CA LYS F 38 16.81 3.31 31.13
C LYS F 38 15.30 3.34 30.89
N ALA F 39 14.84 4.14 29.94
CA ALA F 39 13.43 4.15 29.56
C ALA F 39 12.97 2.86 28.88
N CYS F 40 11.65 2.60 28.98
CA CYS F 40 11.02 1.38 28.55
C CYS F 40 9.99 1.75 27.49
N ILE F 41 10.02 1.06 26.35
CA ILE F 41 9.19 1.35 25.18
C ILE F 41 8.15 0.25 25.02
N PRO F 42 6.85 0.57 24.83
CA PRO F 42 5.87 -0.49 24.57
C PRO F 42 6.06 -1.21 23.24
N THR F 43 6.09 -2.55 23.31
CA THR F 43 6.13 -3.46 22.17
C THR F 43 4.76 -3.68 21.55
N GLY F 44 3.69 -3.34 22.26
CA GLY F 44 2.33 -3.49 21.76
C GLY F 44 1.42 -2.34 22.13
N PRO F 45 0.14 -2.41 21.70
CA PRO F 45 -0.84 -1.34 22.01
C PRO F 45 -1.47 -1.37 23.41
N TYR F 46 -1.46 -2.51 24.13
CA TYR F 46 -2.07 -2.61 25.46
C TYR F 46 -1.03 -3.15 26.43
N PRO F 47 -0.05 -2.34 26.80
CA PRO F 47 0.92 -2.81 27.77
C PRO F 47 0.34 -2.79 29.18
N CYS F 48 0.96 -3.63 30.02
CA CYS F 48 0.49 -3.87 31.36
C CYS F 48 0.65 -2.64 32.23
N GLY F 49 -0.20 -2.52 33.26
CA GLY F 49 0.01 -1.50 34.27
C GLY F 49 -0.33 -0.10 33.81
N LYS F 50 -1.00 0.03 32.67
CA LYS F 50 -1.34 1.31 32.07
C LYS F 50 -2.84 1.44 31.96
N GLN F 51 -3.38 2.53 32.52
CA GLN F 51 -4.81 2.75 32.51
C GLN F 51 -5.20 3.09 31.09
N THR F 52 -6.36 2.59 30.65
CA THR F 52 -6.75 2.75 29.27
C THR F 52 -7.28 4.17 29.07
N LEU F 53 -6.93 4.79 27.95
CA LEU F 53 -7.46 6.10 27.58
C LEU F 53 -8.10 5.99 26.20
N GLU F 54 -8.73 7.07 25.78
CA GLU F 54 -9.37 7.07 24.46
C GLU F 54 -8.81 8.13 23.53
N ILE G 1 -11.20 58.06 -4.96
CA ILE G 1 -12.63 58.32 -4.76
C ILE G 1 -12.83 59.70 -4.12
N VAL G 2 -13.94 60.34 -4.46
CA VAL G 2 -14.34 61.61 -3.84
C VAL G 2 -15.57 61.27 -3.00
N GLY G 3 -15.42 61.45 -1.70
CA GLY G 3 -16.49 61.12 -0.80
C GLY G 3 -16.30 59.67 -0.41
N GLY G 4 -17.40 58.98 -0.16
CA GLY G 4 -17.43 57.59 0.21
C GLY G 4 -16.75 57.30 1.54
N GLN G 5 -16.27 56.06 1.66
CA GLN G 5 -15.71 55.50 2.89
C GLN G 5 -14.30 55.00 2.66
N GLU G 6 -13.77 54.20 3.58
CA GLU G 6 -12.51 53.51 3.38
C GLU G 6 -12.79 52.01 3.44
N CYS G 7 -12.11 51.21 2.62
CA CYS G 7 -12.47 49.79 2.52
C CYS G 7 -11.85 49.04 3.71
N LYS G 8 -12.68 48.52 4.60
CA LYS G 8 -12.15 47.63 5.63
C LYS G 8 -11.57 46.36 5.01
N ASP G 9 -10.83 45.61 5.82
CA ASP G 9 -10.00 44.55 5.27
C ASP G 9 -10.94 43.45 4.76
N GLY G 10 -10.78 43.09 3.49
CA GLY G 10 -11.56 42.06 2.86
C GLY G 10 -12.92 42.45 2.28
N GLU G 11 -13.33 43.72 2.33
CA GLU G 11 -14.66 44.00 1.78
C GLU G 11 -14.54 44.39 0.33
N CYS G 12 -13.33 44.66 -0.14
CA CYS G 12 -13.04 44.95 -1.54
C CYS G 12 -11.88 44.07 -2.02
N PRO G 13 -12.00 42.73 -1.94
CA PRO G 13 -10.82 41.89 -2.18
C PRO G 13 -10.48 41.67 -3.66
N TRP G 14 -11.38 42.00 -4.58
CA TRP G 14 -11.17 41.90 -6.03
C TRP G 14 -10.45 43.10 -6.57
N GLN G 15 -10.10 44.03 -5.70
CA GLN G 15 -9.41 45.23 -6.11
C GLN G 15 -7.98 44.85 -6.50
N ALA G 16 -7.55 45.35 -7.65
CA ALA G 16 -6.15 45.34 -8.05
C ALA G 16 -5.62 46.77 -8.14
N LEU G 17 -4.30 46.85 -8.27
CA LEU G 17 -3.59 48.12 -8.37
C LEU G 17 -2.46 47.99 -9.38
N LEU G 18 -2.48 48.84 -10.39
CA LEU G 18 -1.37 48.82 -11.33
C LEU G 18 -0.28 49.77 -10.84
N ILE G 19 0.95 49.31 -10.95
CA ILE G 19 2.07 50.05 -10.37
C ILE G 19 3.07 50.23 -11.50
N ASN G 20 3.69 51.41 -11.53
CA ASN G 20 4.60 51.75 -12.62
C ASN G 20 6.01 51.25 -12.30
N GLU G 21 7.00 51.86 -12.94
CA GLU G 21 8.40 51.47 -12.74
C GLU G 21 8.85 51.86 -11.33
N GLU G 22 8.38 53.02 -10.87
CA GLU G 22 8.55 53.55 -9.53
C GLU G 22 7.56 52.94 -8.54
N ASN G 23 6.95 51.80 -8.89
CA ASN G 23 6.01 51.08 -8.02
C ASN G 23 4.96 52.04 -7.40
N GLU G 24 4.27 52.79 -8.27
CA GLU G 24 3.34 53.86 -7.91
C GLU G 24 2.02 53.70 -8.68
N GLY G 25 0.91 53.94 -7.98
CA GLY G 25 -0.40 53.56 -8.46
C GLY G 25 -1.03 54.60 -9.35
N PHE G 26 -1.44 54.18 -10.54
CA PHE G 26 -2.02 55.08 -11.53
C PHE G 26 -3.36 54.62 -12.06
N CYS G 27 -3.72 53.34 -11.88
CA CYS G 27 -5.00 52.84 -12.35
C CYS G 27 -5.44 51.71 -11.43
N GLY G 28 -6.77 51.51 -11.35
CA GLY G 28 -7.31 50.37 -10.63
C GLY G 28 -7.51 49.17 -11.54
N GLY G 29 -7.82 48.03 -10.93
CA GLY G 29 -8.13 46.85 -11.71
C GLY G 29 -9.10 45.95 -10.98
N THR G 30 -9.65 44.97 -11.71
CA THR G 30 -10.57 44.02 -11.09
C THR G 30 -10.06 42.61 -11.35
N ILE G 31 -9.95 41.83 -10.29
CA ILE G 31 -9.49 40.45 -10.37
C ILE G 31 -10.66 39.58 -10.83
N LEU G 32 -10.50 38.92 -11.96
CA LEU G 32 -11.51 38.01 -12.51
C LEU G 32 -11.16 36.55 -12.26
N SER G 33 -9.88 36.23 -12.15
CA SER G 33 -9.42 34.87 -11.96
C SER G 33 -8.01 34.94 -11.38
N GLU G 34 -7.37 33.77 -11.25
CA GLU G 34 -5.98 33.70 -10.78
C GLU G 34 -5.02 34.42 -11.72
N PHE G 35 -5.42 34.56 -12.98
CA PHE G 35 -4.61 34.98 -14.13
C PHE G 35 -5.13 36.21 -14.82
N TYR G 36 -6.39 36.59 -14.60
CA TYR G 36 -7.05 37.61 -15.38
C TYR G 36 -7.50 38.80 -14.56
N ILE G 37 -7.17 39.99 -15.08
CA ILE G 37 -7.52 41.29 -14.55
C ILE G 37 -8.33 42.09 -15.55
N LEU G 38 -9.37 42.75 -15.08
CA LEU G 38 -10.18 43.63 -15.88
C LEU G 38 -9.74 45.07 -15.64
N THR G 39 -9.57 45.83 -16.71
CA THR G 39 -9.19 47.21 -16.59
C THR G 39 -9.76 47.99 -17.76
N ALA G 40 -9.50 49.29 -17.76
CA ALA G 40 -9.91 50.20 -18.82
C ALA G 40 -8.78 50.15 -19.84
N ALA G 41 -9.11 50.25 -21.12
CA ALA G 41 -8.07 50.18 -22.14
C ALA G 41 -7.08 51.34 -21.99
N HIS G 42 -7.58 52.54 -21.68
CA HIS G 42 -6.73 53.72 -21.67
C HIS G 42 -5.68 53.72 -20.56
N CYS G 43 -5.85 52.87 -19.55
CA CYS G 43 -4.82 52.74 -18.53
C CYS G 43 -3.53 52.18 -19.08
N LEU G 44 -3.57 51.58 -20.25
CA LEU G 44 -2.37 50.98 -20.80
C LEU G 44 -1.41 52.01 -21.35
N TYR G 45 -1.87 53.24 -21.54
CA TYR G 45 -1.02 54.27 -22.11
C TYR G 45 -0.33 55.17 -21.08
N GLN G 46 -0.62 55.00 -19.79
CA GLN G 46 -0.03 55.83 -18.75
C GLN G 46 1.22 55.22 -18.11
N ALA G 47 1.84 54.22 -18.73
CA ALA G 47 3.06 53.65 -18.17
C ALA G 47 3.70 52.75 -19.21
N LYS G 48 5.04 52.81 -19.27
CA LYS G 48 5.78 52.00 -20.23
C LYS G 48 5.71 50.52 -19.92
N ARG G 49 6.13 50.12 -18.71
CA ARG G 49 5.94 48.75 -18.29
C ARG G 49 5.56 48.76 -16.81
N PHE G 50 4.71 47.83 -16.42
CA PHE G 50 4.06 47.89 -15.13
C PHE G 50 3.83 46.48 -14.56
N LYS G 51 3.30 46.46 -13.35
CA LYS G 51 3.03 45.23 -12.64
C LYS G 51 1.70 45.38 -11.91
N VAL G 52 1.19 44.27 -11.39
CA VAL G 52 -0.12 44.26 -10.77
C VAL G 52 0.04 43.87 -9.31
N ARG G 53 -0.58 44.61 -8.42
CA ARG G 53 -0.47 44.36 -7.01
C ARG G 53 -1.87 43.98 -6.58
N VAL G 54 -1.97 42.85 -5.92
CA VAL G 54 -3.21 42.30 -5.40
C VAL G 54 -3.18 42.49 -3.90
N GLY G 55 -4.38 42.54 -3.31
CA GLY G 55 -4.47 42.46 -1.87
C GLY G 55 -3.92 43.70 -1.20
N ASP G 56 -3.70 44.77 -1.98
CA ASP G 56 -3.17 46.00 -1.40
C ASP G 56 -4.24 46.70 -0.61
N ARG G 57 -3.80 47.31 0.49
CA ARG G 57 -4.68 47.98 1.41
C ARG G 57 -4.15 49.39 1.74
N ASN G 58 -2.89 49.70 1.43
CA ASN G 58 -2.33 51.04 1.56
C ASN G 58 -1.15 51.39 0.67
N THR G 59 -1.25 52.50 -0.08
CA THR G 59 -0.13 52.84 -0.94
C THR G 59 1.11 53.19 -0.15
N GLU G 60 0.96 53.61 1.10
CA GLU G 60 2.14 54.01 1.83
C GLU G 60 2.76 52.84 2.56
N GLN G 61 1.91 52.14 3.29
CA GLN G 61 2.39 51.15 4.22
C GLN G 61 2.08 49.84 3.53
N GLU G 62 2.96 48.85 3.63
CA GLU G 62 2.58 47.55 3.11
C GLU G 62 1.56 46.90 4.01
N GLU G 63 0.39 46.64 3.42
CA GLU G 63 -0.75 46.13 4.17
C GLU G 63 -0.82 44.62 4.14
N GLY G 64 0.29 43.95 3.82
CA GLY G 64 0.35 42.50 3.91
C GLY G 64 0.01 41.65 2.69
N GLY G 65 -1.29 41.59 2.38
CA GLY G 65 -1.81 40.80 1.30
C GLY G 65 -1.45 41.33 -0.05
N GLU G 66 -0.64 42.38 -0.06
CA GLU G 66 -0.17 42.86 -1.33
C GLU G 66 0.72 41.78 -1.88
N ALA G 67 0.82 41.76 -3.19
CA ALA G 67 1.67 40.82 -3.89
C ALA G 67 1.75 41.35 -5.29
N VAL G 68 2.90 41.22 -5.92
CA VAL G 68 3.05 41.84 -7.21
C VAL G 68 3.32 40.74 -8.20
N HIS G 69 2.62 40.83 -9.31
CA HIS G 69 2.64 39.85 -10.36
C HIS G 69 3.05 40.59 -11.60
N GLU G 70 3.94 39.99 -12.36
CA GLU G 70 4.24 40.52 -13.68
C GLU G 70 3.07 40.26 -14.63
N VAL G 71 2.89 41.13 -15.56
CA VAL G 71 1.80 40.98 -16.50
C VAL G 71 2.35 40.19 -17.67
N GLU G 72 1.60 39.18 -18.09
CA GLU G 72 2.07 38.30 -19.16
C GLU G 72 1.52 38.71 -20.52
N VAL G 73 0.20 38.98 -20.64
CA VAL G 73 -0.39 39.45 -21.89
C VAL G 73 -1.36 40.60 -21.64
N VAL G 74 -1.36 41.57 -22.58
CA VAL G 74 -2.29 42.70 -22.58
C VAL G 74 -3.20 42.63 -23.76
N ILE G 75 -4.50 42.69 -23.50
CA ILE G 75 -5.50 42.60 -24.54
C ILE G 75 -6.29 43.88 -24.48
N LYS G 76 -5.98 44.83 -25.35
CA LYS G 76 -6.66 46.11 -25.33
C LYS G 76 -7.70 45.97 -26.41
N HIS G 77 -8.88 46.52 -26.18
CA HIS G 77 -9.85 46.36 -27.22
C HIS G 77 -9.30 47.01 -28.48
N ASN G 78 -9.26 46.24 -29.56
CA ASN G 78 -8.78 46.73 -30.84
C ASN G 78 -9.47 48.02 -31.25
N ARG G 79 -10.79 48.08 -31.05
CA ARG G 79 -11.64 49.12 -31.60
C ARG G 79 -11.71 50.32 -30.65
N PHE G 80 -10.84 50.31 -29.65
CA PHE G 80 -10.65 51.38 -28.68
C PHE G 80 -9.93 52.60 -29.23
N THR G 81 -10.36 53.79 -28.81
CA THR G 81 -9.72 55.00 -29.30
C THR G 81 -9.59 55.91 -28.10
N LYS G 82 -8.41 56.53 -28.00
CA LYS G 82 -8.09 57.34 -26.83
C LYS G 82 -8.90 58.63 -26.83
N GLU G 83 -9.33 59.09 -28.01
CA GLU G 83 -9.96 60.40 -28.11
C GLU G 83 -11.44 60.38 -27.70
N THR G 84 -12.16 59.28 -27.87
CA THR G 84 -13.57 59.25 -27.49
C THR G 84 -13.84 58.45 -26.21
N TYR G 85 -12.89 57.59 -25.80
CA TYR G 85 -12.99 56.73 -24.63
C TYR G 85 -14.03 55.65 -24.78
N ASP G 86 -14.43 55.39 -26.01
CA ASP G 86 -15.22 54.21 -26.34
C ASP G 86 -14.38 52.95 -26.20
N PHE G 87 -15.04 51.87 -25.79
CA PHE G 87 -14.37 50.58 -25.66
C PHE G 87 -13.24 50.69 -24.66
N ASP G 88 -13.48 51.34 -23.53
CA ASP G 88 -12.40 51.56 -22.58
C ASP G 88 -12.33 50.32 -21.71
N ILE G 89 -11.67 49.30 -22.26
CA ILE G 89 -11.58 47.99 -21.62
C ILE G 89 -10.36 47.28 -22.15
N ALA G 90 -9.73 46.53 -21.27
CA ALA G 90 -8.66 45.62 -21.59
C ALA G 90 -8.61 44.54 -20.52
N VAL G 91 -7.99 43.41 -20.87
CA VAL G 91 -7.79 42.34 -19.93
C VAL G 91 -6.33 41.95 -19.92
N LEU G 92 -5.83 41.62 -18.73
CA LEU G 92 -4.45 41.20 -18.50
C LEU G 92 -4.41 39.76 -18.02
N ARG G 93 -3.46 39.01 -18.60
CA ARG G 93 -3.15 37.67 -18.14
C ARG G 93 -1.76 37.66 -17.50
N LEU G 94 -1.68 37.12 -16.30
CA LEU G 94 -0.45 37.13 -15.50
C LEU G 94 0.47 35.98 -15.81
N LYS G 95 1.73 36.16 -15.42
CA LYS G 95 2.71 35.10 -15.56
C LYS G 95 2.55 34.07 -14.46
N THR G 96 2.10 34.50 -13.29
CA THR G 96 1.90 33.61 -12.16
C THR G 96 0.47 33.74 -11.62
N PRO G 97 -0.09 32.63 -11.14
CA PRO G 97 -1.47 32.62 -10.66
C PRO G 97 -1.54 33.32 -9.31
N ILE G 98 -2.59 34.12 -9.12
CA ILE G 98 -2.78 34.71 -7.81
C ILE G 98 -3.22 33.63 -6.84
N THR G 99 -2.75 33.72 -5.61
CA THR G 99 -3.23 32.80 -4.61
C THR G 99 -4.19 33.61 -3.77
N PHE G 100 -5.43 33.17 -3.73
CA PHE G 100 -6.42 33.91 -2.99
C PHE G 100 -6.15 33.81 -1.49
N ARG G 101 -6.48 34.88 -0.78
CA ARG G 101 -6.20 35.02 0.64
C ARG G 101 -7.26 35.96 1.21
N MET G 102 -7.08 36.36 2.46
CA MET G 102 -7.72 37.58 2.92
C MET G 102 -7.31 38.78 2.08
N ASN G 103 -8.33 39.47 1.55
CA ASN G 103 -8.29 40.69 0.73
C ASN G 103 -7.87 40.40 -0.71
N VAL G 104 -7.82 39.13 -1.12
CA VAL G 104 -7.67 38.85 -2.55
C VAL G 104 -8.60 37.70 -2.89
N ALA G 105 -9.70 38.03 -3.55
CA ALA G 105 -10.78 37.19 -3.96
C ALA G 105 -11.35 37.76 -5.27
N PRO G 106 -11.69 36.94 -6.25
CA PRO G 106 -12.09 37.47 -7.54
C PRO G 106 -13.52 37.95 -7.51
N ALA G 107 -13.86 38.88 -8.38
CA ALA G 107 -15.24 39.30 -8.50
C ALA G 107 -15.89 38.48 -9.63
N CYS G 108 -17.21 38.30 -9.54
CA CYS G 108 -17.89 37.42 -10.48
C CYS G 108 -18.22 38.10 -11.79
N LEU G 109 -18.03 37.34 -12.87
CA LEU G 109 -18.60 37.80 -14.11
C LEU G 109 -20.00 37.22 -14.19
N PRO G 110 -20.97 38.01 -14.53
CA PRO G 110 -22.35 37.52 -14.67
C PRO G 110 -22.69 36.94 -16.02
N GLU G 111 -23.94 36.55 -16.21
CA GLU G 111 -24.40 36.17 -17.53
C GLU G 111 -25.15 37.39 -18.01
N ARG G 112 -24.92 37.74 -19.27
CA ARG G 112 -25.25 39.05 -19.82
C ARG G 112 -26.72 39.41 -19.65
N ASP G 113 -27.59 38.52 -20.09
CA ASP G 113 -29.01 38.77 -20.02
C ASP G 113 -29.46 39.00 -18.58
N TRP G 114 -29.04 38.11 -17.69
CA TRP G 114 -29.44 38.23 -16.29
C TRP G 114 -28.91 39.54 -15.73
N ALA G 115 -27.64 39.89 -16.02
CA ALA G 115 -27.06 41.11 -15.46
C ALA G 115 -27.86 42.31 -15.92
N GLU G 116 -28.30 42.30 -17.18
CA GLU G 116 -28.94 43.47 -17.75
C GLU G 116 -30.34 43.61 -17.16
N SER G 117 -30.94 42.49 -16.79
CA SER G 117 -32.26 42.49 -16.19
C SER G 117 -32.33 42.47 -14.66
N THR G 118 -31.28 42.09 -13.96
CA THR G 118 -31.30 41.88 -12.52
C THR G 118 -30.32 42.76 -11.77
N LEU G 119 -29.13 42.96 -12.33
CA LEU G 119 -28.13 43.80 -11.71
C LEU G 119 -28.27 45.27 -12.13
N MET G 120 -28.28 45.55 -13.44
CA MET G 120 -28.40 46.94 -13.93
C MET G 120 -29.74 47.57 -13.59
N THR G 121 -30.68 46.84 -13.01
CA THR G 121 -31.97 47.37 -12.59
C THR G 121 -31.98 47.77 -11.12
N GLN G 122 -30.94 47.38 -10.39
CA GLN G 122 -30.84 47.75 -9.00
C GLN G 122 -30.65 49.27 -8.90
N LYS G 123 -30.93 49.81 -7.72
CA LYS G 123 -30.82 51.26 -7.53
C LYS G 123 -29.38 51.71 -7.53
N THR G 124 -28.48 50.90 -6.98
CA THR G 124 -27.10 51.32 -6.81
C THR G 124 -26.12 50.17 -7.04
N GLY G 125 -24.87 50.57 -7.22
CA GLY G 125 -23.72 49.69 -7.24
C GLY G 125 -22.60 50.31 -6.45
N ILE G 126 -21.43 49.68 -6.45
CA ILE G 126 -20.35 50.03 -5.56
C ILE G 126 -19.08 50.19 -6.39
N VAL G 127 -18.48 51.38 -6.37
CA VAL G 127 -17.27 51.70 -7.13
C VAL G 127 -16.12 51.80 -6.10
N SER G 128 -14.89 51.56 -6.53
CA SER G 128 -13.80 51.58 -5.55
C SER G 128 -12.48 51.94 -6.22
N GLY G 129 -11.49 52.28 -5.41
CA GLY G 129 -10.20 52.62 -5.96
C GLY G 129 -9.32 53.41 -5.01
N PHE G 130 -8.08 53.62 -5.46
CA PHE G 130 -7.06 54.41 -4.77
C PHE G 130 -6.88 55.79 -5.43
N GLY G 131 -7.90 56.31 -6.12
CA GLY G 131 -7.78 57.52 -6.90
C GLY G 131 -8.01 58.79 -6.08
N ARG G 132 -7.83 59.94 -6.75
CA ARG G 132 -7.97 61.25 -6.11
C ARG G 132 -9.22 61.41 -5.25
N THR G 133 -9.17 62.35 -4.28
CA THR G 133 -10.24 62.64 -3.35
C THR G 133 -11.02 63.93 -3.66
N HIS G 134 -10.51 64.79 -4.53
CA HIS G 134 -11.31 65.86 -5.13
C HIS G 134 -10.71 66.15 -6.50
N GLU G 135 -11.44 66.91 -7.29
CA GLU G 135 -11.15 66.96 -8.73
C GLU G 135 -9.66 67.19 -9.05
N LYS G 136 -9.05 68.22 -8.47
CA LYS G 136 -7.60 68.34 -8.56
C LYS G 136 -6.82 68.00 -7.29
N GLY G 137 -7.05 66.82 -6.74
CA GLY G 137 -6.55 66.45 -5.44
C GLY G 137 -5.45 65.41 -5.54
N ARG G 138 -5.13 64.83 -4.40
CA ARG G 138 -4.06 63.86 -4.39
C ARG G 138 -4.68 62.47 -4.48
N GLN G 139 -4.00 61.59 -5.20
CA GLN G 139 -4.30 60.17 -5.24
C GLN G 139 -4.34 59.63 -3.82
N SER G 140 -5.41 58.92 -3.50
CA SER G 140 -5.57 58.40 -2.16
C SER G 140 -4.66 57.20 -1.94
N THR G 141 -4.12 57.10 -0.71
CA THR G 141 -3.14 56.12 -0.24
C THR G 141 -3.81 54.87 0.29
N ARG G 142 -4.97 55.01 0.90
CA ARG G 142 -5.67 53.89 1.51
C ARG G 142 -6.87 53.66 0.58
N LEU G 143 -7.43 52.46 0.57
CA LEU G 143 -8.38 52.15 -0.50
C LEU G 143 -9.79 52.53 -0.10
N LYS G 144 -10.50 53.14 -1.04
CA LYS G 144 -11.83 53.65 -0.76
C LYS G 144 -12.89 53.05 -1.66
N MET G 145 -14.12 53.03 -1.14
CA MET G 145 -15.31 52.55 -1.83
C MET G 145 -16.38 53.63 -1.81
N LEU G 146 -17.35 53.50 -2.71
CA LEU G 146 -18.44 54.46 -2.82
C LEU G 146 -19.68 53.77 -3.39
N GLU G 147 -20.84 53.98 -2.78
CA GLU G 147 -22.09 53.47 -3.33
C GLU G 147 -22.64 54.55 -4.28
N VAL G 148 -22.81 54.20 -5.55
CA VAL G 148 -23.17 55.11 -6.63
C VAL G 148 -24.49 54.70 -7.26
N PRO G 149 -25.52 55.56 -7.23
CA PRO G 149 -26.77 55.21 -7.88
C PRO G 149 -26.57 55.06 -9.38
N TYR G 150 -27.32 54.12 -9.92
CA TYR G 150 -27.42 54.02 -11.35
C TYR G 150 -28.09 55.28 -11.87
N VAL G 151 -27.53 55.83 -12.94
CA VAL G 151 -28.08 57.01 -13.61
C VAL G 151 -28.57 56.58 -14.98
N ASP G 152 -29.86 56.81 -15.22
CA ASP G 152 -30.50 56.31 -16.42
C ASP G 152 -29.88 56.95 -17.65
N ARG G 153 -29.97 56.23 -18.77
CA ARG G 153 -29.14 56.56 -19.93
C ARG G 153 -29.49 57.93 -20.48
N ASN G 154 -30.76 58.35 -20.36
CA ASN G 154 -31.18 59.66 -20.87
C ASN G 154 -30.60 60.81 -20.03
N SER G 155 -30.84 60.79 -18.71
CA SER G 155 -30.24 61.81 -17.85
C SER G 155 -28.75 61.83 -18.07
N CYS G 156 -28.18 60.63 -18.25
CA CYS G 156 -26.77 60.45 -18.59
C CYS G 156 -26.39 61.22 -19.84
N LYS G 157 -27.06 60.95 -20.94
CA LYS G 157 -26.70 61.59 -22.20
C LYS G 157 -26.83 63.09 -22.11
N LEU G 158 -27.91 63.56 -21.47
CA LEU G 158 -28.15 64.99 -21.40
C LEU G 158 -27.23 65.69 -20.42
N SER G 159 -26.68 64.98 -19.44
CA SER G 159 -25.83 65.61 -18.44
C SER G 159 -24.43 65.82 -18.95
N SER G 160 -24.08 65.20 -20.07
CA SER G 160 -22.69 65.17 -20.52
C SER G 160 -22.50 65.97 -21.79
N SER G 161 -21.29 66.49 -21.90
CA SER G 161 -20.85 67.25 -23.05
C SER G 161 -20.39 66.36 -24.19
N PHE G 162 -20.01 65.13 -23.87
CA PHE G 162 -19.37 64.18 -24.78
C PHE G 162 -20.33 63.03 -25.05
N ILE G 163 -20.01 62.25 -26.10
CA ILE G 163 -20.91 61.18 -26.54
C ILE G 163 -20.86 60.03 -25.53
N ILE G 164 -22.03 59.47 -25.18
CA ILE G 164 -22.12 58.27 -24.34
C ILE G 164 -22.63 57.10 -25.19
N THR G 165 -21.71 56.28 -25.67
CA THR G 165 -22.04 55.13 -26.51
C THR G 165 -22.71 54.06 -25.63
N GLN G 166 -23.28 53.03 -26.27
CA GLN G 166 -23.87 51.94 -25.50
C GLN G 166 -22.81 51.07 -24.86
N ASN G 167 -21.54 51.32 -25.14
CA ASN G 167 -20.47 50.71 -24.37
C ASN G 167 -20.10 51.54 -23.14
N MET G 168 -21.01 52.40 -22.67
CA MET G 168 -20.82 53.25 -21.51
C MET G 168 -22.14 53.35 -20.77
N PHE G 169 -22.06 53.66 -19.47
CA PHE G 169 -23.25 54.01 -18.68
C PHE G 169 -22.86 54.97 -17.57
N CYS G 170 -23.89 55.64 -17.04
CA CYS G 170 -23.80 56.64 -15.99
C CYS G 170 -24.13 56.09 -14.62
N ALA G 171 -23.37 56.53 -13.63
CA ALA G 171 -23.70 56.23 -12.25
C ALA G 171 -23.14 57.35 -11.40
N GLY G 172 -23.84 57.66 -10.33
CA GLY G 172 -23.36 58.69 -9.42
C GLY G 172 -24.41 59.72 -9.01
N TYR G 173 -23.96 60.96 -8.79
CA TYR G 173 -24.81 62.03 -8.26
C TYR G 173 -24.73 63.31 -9.06
N ASP G 174 -25.88 63.96 -9.19
CA ASP G 174 -26.00 65.30 -9.75
C ASP G 174 -25.09 66.25 -8.99
N THR G 175 -25.58 66.72 -7.84
CA THR G 175 -24.96 67.79 -7.07
C THR G 175 -24.09 67.31 -5.93
N LYS G 176 -24.46 66.20 -5.29
CA LYS G 176 -23.71 65.69 -4.15
C LYS G 176 -22.26 65.45 -4.51
N GLN G 177 -21.39 65.67 -3.53
CA GLN G 177 -19.95 65.65 -3.82
C GLN G 177 -19.37 64.24 -3.72
N GLU G 178 -19.97 63.32 -4.50
CA GLU G 178 -19.57 61.92 -4.55
C GLU G 178 -19.49 61.37 -5.95
N ASP G 179 -18.35 60.78 -6.26
CA ASP G 179 -18.00 60.35 -7.60
C ASP G 179 -16.68 59.61 -7.49
N ALA G 180 -16.36 58.84 -8.53
CA ALA G 180 -15.00 58.37 -8.65
C ALA G 180 -14.18 59.52 -9.22
N CYS G 181 -12.87 59.33 -9.30
CA CYS G 181 -12.06 60.43 -9.79
C CYS G 181 -10.85 59.89 -10.52
N GLN G 182 -10.02 60.81 -10.99
CA GLN G 182 -8.83 60.39 -11.69
C GLN G 182 -7.98 59.49 -10.78
N GLY G 183 -7.31 58.51 -11.39
CA GLY G 183 -6.58 57.50 -10.64
C GLY G 183 -7.39 56.28 -10.28
N ASP G 184 -8.71 56.42 -10.22
CA ASP G 184 -9.63 55.32 -10.05
C ASP G 184 -9.86 54.54 -11.33
N SER G 185 -9.60 55.17 -12.48
CA SER G 185 -9.76 54.59 -13.80
C SER G 185 -9.26 53.17 -13.92
N GLY G 186 -10.13 52.31 -14.46
CA GLY G 186 -9.85 50.92 -14.63
C GLY G 186 -10.43 50.03 -13.58
N GLY G 187 -10.80 50.58 -12.43
CA GLY G 187 -11.27 49.78 -11.34
C GLY G 187 -12.73 49.46 -11.44
N PRO G 188 -13.22 48.78 -10.42
CA PRO G 188 -14.50 48.07 -10.50
C PRO G 188 -15.72 48.85 -10.08
N HIS G 189 -16.79 48.71 -10.86
CA HIS G 189 -18.14 49.05 -10.46
C HIS G 189 -18.87 47.72 -10.39
N VAL G 190 -19.25 47.30 -9.19
CA VAL G 190 -19.89 46.01 -8.95
C VAL G 190 -21.26 46.24 -8.37
N THR G 191 -22.14 45.28 -8.64
CA THR G 191 -23.51 45.28 -8.15
C THR G 191 -23.70 44.01 -7.33
N ARG G 192 -24.38 44.16 -6.21
CA ARG G 192 -24.55 43.08 -5.24
C ARG G 192 -25.92 42.50 -5.44
N PHE G 193 -26.02 41.17 -5.39
CA PHE G 193 -27.31 40.51 -5.49
C PHE G 193 -27.23 39.31 -4.55
N LYS G 194 -28.13 39.26 -3.56
CA LYS G 194 -28.15 38.20 -2.57
C LYS G 194 -26.74 38.00 -2.06
N ASP G 195 -26.14 39.08 -1.58
CA ASP G 195 -24.82 39.03 -0.93
C ASP G 195 -23.81 38.30 -1.81
N THR G 196 -23.84 38.59 -3.13
CA THR G 196 -22.76 38.23 -4.05
C THR G 196 -22.51 39.39 -4.99
N TYR G 197 -21.23 39.59 -5.34
CA TYR G 197 -20.79 40.78 -6.08
C TYR G 197 -20.37 40.47 -7.52
N PHE G 198 -21.17 40.97 -8.49
CA PHE G 198 -20.91 40.77 -9.91
C PHE G 198 -20.40 42.06 -10.56
N VAL G 199 -19.46 41.93 -11.50
CA VAL G 199 -18.91 43.06 -12.26
C VAL G 199 -19.93 43.65 -13.25
N THR G 200 -20.24 44.95 -13.09
CA THR G 200 -21.10 45.68 -14.00
C THR G 200 -20.40 46.83 -14.73
N GLY G 201 -19.27 47.31 -14.26
CA GLY G 201 -18.67 48.45 -14.92
C GLY G 201 -17.20 48.61 -14.68
N ILE G 202 -16.55 49.35 -15.59
CA ILE G 202 -15.18 49.84 -15.45
C ILE G 202 -15.24 51.36 -15.29
N VAL G 203 -14.54 51.91 -14.31
CA VAL G 203 -14.43 53.36 -14.26
C VAL G 203 -13.72 53.84 -15.52
N SER G 204 -14.40 54.70 -16.29
CA SER G 204 -13.88 55.10 -17.59
C SER G 204 -13.58 56.59 -17.59
N TRP G 205 -14.59 57.43 -17.49
CA TRP G 205 -14.29 58.84 -17.61
C TRP G 205 -15.37 59.66 -16.93
N GLY G 206 -15.16 60.96 -16.98
CA GLY G 206 -16.14 61.90 -16.50
C GLY G 206 -15.57 63.28 -16.64
N GLU G 207 -16.48 64.24 -16.70
CA GLU G 207 -16.12 65.65 -16.70
C GLU G 207 -15.98 66.08 -15.24
N GLY G 208 -14.74 66.26 -14.80
CA GLY G 208 -14.36 66.46 -13.42
C GLY G 208 -14.76 65.29 -12.54
N CYS G 209 -15.00 65.60 -11.26
CA CYS G 209 -15.38 64.59 -10.28
C CYS G 209 -16.37 65.22 -9.31
N ALA G 210 -17.48 64.53 -9.09
CA ALA G 210 -18.56 64.96 -8.21
C ALA G 210 -19.18 66.27 -8.65
N ARG G 211 -18.80 66.78 -9.81
CA ARG G 211 -19.27 68.09 -10.26
C ARG G 211 -20.77 68.14 -10.35
N LYS G 212 -21.31 69.32 -10.10
CA LYS G 212 -22.75 69.47 -10.14
C LYS G 212 -23.18 69.22 -11.58
N GLY G 213 -24.26 68.48 -11.73
CA GLY G 213 -24.80 68.14 -13.04
C GLY G 213 -23.97 67.15 -13.83
N LYS G 214 -22.94 66.55 -13.22
CA LYS G 214 -22.14 65.53 -13.90
C LYS G 214 -22.02 64.29 -13.02
N TYR G 215 -22.06 63.13 -13.66
CA TYR G 215 -22.01 61.82 -13.03
C TYR G 215 -20.69 61.16 -13.41
N GLY G 216 -20.43 59.97 -12.87
CA GLY G 216 -19.31 59.16 -13.32
C GLY G 216 -19.73 58.23 -14.46
N ILE G 217 -18.83 58.08 -15.44
CA ILE G 217 -19.08 57.31 -16.65
C ILE G 217 -18.25 56.04 -16.61
N TYR G 218 -18.90 54.90 -16.83
CA TYR G 218 -18.24 53.61 -16.76
C TYR G 218 -18.38 52.86 -18.07
N THR G 219 -17.32 52.15 -18.49
CA THR G 219 -17.50 51.18 -19.57
C THR G 219 -18.54 50.16 -19.13
N LYS G 220 -19.59 50.03 -19.91
CA LYS G 220 -20.64 49.07 -19.57
C LYS G 220 -20.23 47.65 -19.91
N VAL G 221 -20.11 46.83 -18.88
CA VAL G 221 -19.42 45.54 -18.99
C VAL G 221 -20.28 44.58 -19.76
N THR G 222 -21.57 44.59 -19.53
CA THR G 222 -22.43 43.65 -20.25
C THR G 222 -22.19 43.69 -21.76
N ALA G 223 -21.92 44.88 -22.33
CA ALA G 223 -21.60 44.96 -23.75
C ALA G 223 -20.30 44.24 -24.18
N PHE G 224 -19.40 43.90 -23.24
CA PHE G 224 -18.11 43.27 -23.56
C PHE G 224 -17.84 41.95 -22.85
N LEU G 225 -18.83 41.39 -22.18
CA LEU G 225 -18.68 40.10 -21.51
C LEU G 225 -18.22 39.00 -22.46
N LYS G 226 -18.92 38.84 -23.59
CA LYS G 226 -18.48 37.89 -24.61
C LYS G 226 -17.03 38.11 -25.00
N TRP G 227 -16.61 39.37 -25.13
CA TRP G 227 -15.22 39.62 -25.50
C TRP G 227 -14.30 39.08 -24.42
N ILE G 228 -14.70 39.27 -23.15
CA ILE G 228 -13.92 38.73 -22.03
C ILE G 228 -13.79 37.23 -22.16
N ASP G 229 -14.89 36.56 -22.48
CA ASP G 229 -14.84 35.11 -22.68
C ASP G 229 -13.83 34.74 -23.74
N ARG G 230 -13.90 35.39 -24.89
CA ARG G 230 -12.97 35.01 -25.95
C ARG G 230 -11.53 35.21 -25.51
N SER G 231 -11.30 36.26 -24.72
CA SER G 231 -9.96 36.60 -24.23
C SER G 231 -9.41 35.57 -23.23
N MET G 232 -10.28 34.93 -22.46
CA MET G 232 -9.88 33.86 -21.54
C MET G 232 -9.57 32.55 -22.25
N LYS G 233 -9.89 32.45 -23.55
CA LYS G 233 -9.76 31.26 -24.37
C LYS G 233 -8.82 31.46 -25.54
N THR G 234 -7.83 32.36 -25.38
CA THR G 234 -6.80 32.64 -26.40
C THR G 234 -5.46 32.95 -25.71
N LEU H 4 -42.21 34.05 -14.30
CA LEU H 4 -41.30 32.98 -13.94
C LEU H 4 -39.91 33.45 -13.50
N CYS H 5 -38.96 33.75 -14.40
CA CYS H 5 -37.76 34.43 -13.89
C CYS H 5 -38.03 35.86 -13.47
N SER H 6 -39.15 36.44 -13.92
CA SER H 6 -39.53 37.78 -13.51
C SER H 6 -39.88 37.86 -12.03
N LEU H 7 -40.36 36.78 -11.45
CA LEU H 7 -40.88 36.83 -10.10
C LEU H 7 -39.81 36.24 -9.22
N ASP H 8 -39.19 37.10 -8.42
CA ASP H 8 -38.18 36.67 -7.46
C ASP H 8 -37.08 35.83 -8.11
N ASN H 9 -36.69 36.20 -9.33
CA ASN H 9 -35.59 35.54 -10.03
C ASN H 9 -35.85 34.05 -10.29
N GLY H 10 -37.12 33.70 -10.48
CA GLY H 10 -37.50 32.30 -10.55
C GLY H 10 -37.12 31.52 -9.34
N ASP H 11 -36.92 32.22 -8.23
CA ASP H 11 -36.44 31.67 -6.97
C ASP H 11 -35.04 31.13 -7.08
N CYS H 12 -34.33 31.48 -8.15
CA CYS H 12 -32.95 31.03 -8.24
C CYS H 12 -32.10 31.81 -7.26
N ASP H 13 -30.99 31.21 -6.88
CA ASP H 13 -30.05 31.88 -5.98
C ASP H 13 -29.23 32.90 -6.76
N GLN H 14 -28.87 32.57 -8.01
CA GLN H 14 -28.04 33.46 -8.80
C GLN H 14 -28.69 33.63 -10.17
N PHE H 15 -28.11 33.06 -11.23
CA PHE H 15 -28.73 33.26 -12.55
C PHE H 15 -30.04 32.52 -12.66
N CYS H 16 -30.99 33.12 -13.35
CA CYS H 16 -32.23 32.46 -13.61
C CYS H 16 -32.41 32.64 -15.10
N HIS H 17 -32.72 31.54 -15.80
CA HIS H 17 -32.98 31.59 -17.23
C HIS H 17 -34.12 30.65 -17.60
N GLU H 18 -34.87 31.04 -18.60
CA GLU H 18 -36.00 30.27 -19.11
C GLU H 18 -35.65 29.45 -20.38
N GLU H 19 -35.96 28.15 -20.37
CA GLU H 19 -35.76 27.21 -21.48
C GLU H 19 -36.91 26.22 -21.54
N GLN H 20 -37.40 25.92 -22.74
CA GLN H 20 -38.23 24.73 -22.87
C GLN H 20 -39.50 24.92 -22.06
N ASN H 21 -39.90 26.19 -21.95
CA ASN H 21 -40.99 26.72 -21.12
C ASN H 21 -40.90 26.34 -19.63
N SER H 22 -39.69 26.11 -19.13
CA SER H 22 -39.46 25.94 -17.70
C SER H 22 -38.28 26.81 -17.24
N VAL H 23 -38.11 26.93 -15.92
CA VAL H 23 -37.15 27.86 -15.32
C VAL H 23 -35.96 27.05 -14.86
N VAL H 24 -34.76 27.53 -15.13
CA VAL H 24 -33.52 26.81 -14.81
C VAL H 24 -32.55 27.77 -14.14
N CYS H 25 -32.17 27.45 -12.90
CA CYS H 25 -31.20 28.27 -12.23
C CYS H 25 -29.81 27.83 -12.61
N SER H 26 -28.88 28.79 -12.58
CA SER H 26 -27.47 28.48 -12.69
C SER H 26 -26.69 29.31 -11.69
N CYS H 27 -25.38 29.16 -11.78
CA CYS H 27 -24.44 29.72 -10.84
C CYS H 27 -23.22 30.13 -11.66
N ALA H 28 -22.34 30.91 -11.05
CA ALA H 28 -21.11 31.34 -11.71
C ALA H 28 -19.98 30.33 -11.53
N ARG H 29 -18.93 30.54 -12.30
CA ARG H 29 -17.80 29.63 -12.24
C ARG H 29 -17.30 29.57 -10.80
N GLY H 30 -16.88 28.38 -10.38
CA GLY H 30 -16.53 28.13 -9.01
C GLY H 30 -17.73 27.93 -8.11
N TYR H 31 -18.94 27.86 -8.68
CA TYR H 31 -20.14 27.46 -7.97
C TYR H 31 -20.75 26.34 -8.82
N THR H 32 -21.51 25.46 -8.17
CA THR H 32 -22.38 24.50 -8.85
C THR H 32 -23.74 24.46 -8.18
N LEU H 33 -24.77 24.14 -8.93
CA LEU H 33 -26.12 24.26 -8.40
C LEU H 33 -26.38 23.17 -7.38
N ALA H 34 -27.02 23.58 -6.30
CA ALA H 34 -27.28 22.73 -5.14
C ALA H 34 -28.26 21.64 -5.52
N ASP H 35 -28.67 20.87 -4.51
CA ASP H 35 -29.57 19.75 -4.75
C ASP H 35 -30.92 20.26 -5.20
N ASN H 36 -31.32 21.45 -4.71
CA ASN H 36 -32.61 22.08 -5.00
C ASN H 36 -32.65 22.82 -6.33
N GLY H 37 -31.60 22.74 -7.15
CA GLY H 37 -31.70 23.31 -8.48
C GLY H 37 -31.73 24.82 -8.56
N LYS H 38 -31.50 25.50 -7.43
CA LYS H 38 -31.51 26.95 -7.42
C LYS H 38 -30.39 27.51 -6.55
N ALA H 39 -30.19 26.98 -5.36
CA ALA H 39 -29.05 27.41 -4.54
C ALA H 39 -27.71 26.96 -5.13
N CYS H 40 -26.66 27.72 -4.78
CA CYS H 40 -25.33 27.57 -5.37
C CYS H 40 -24.32 27.24 -4.28
N ILE H 41 -23.52 26.21 -4.50
CA ILE H 41 -22.56 25.72 -3.52
C ILE H 41 -21.18 26.11 -4.05
N PRO H 42 -20.33 26.72 -3.23
CA PRO H 42 -18.98 27.06 -3.69
C PRO H 42 -18.13 25.84 -4.01
N THR H 43 -17.52 25.89 -5.21
CA THR H 43 -16.59 24.86 -5.65
C THR H 43 -15.17 25.02 -5.04
N GLY H 44 -14.84 26.20 -4.46
CA GLY H 44 -13.55 26.45 -3.83
C GLY H 44 -13.63 27.27 -2.54
N PRO H 45 -12.47 27.53 -1.90
CA PRO H 45 -12.47 28.32 -0.64
C PRO H 45 -12.60 29.84 -0.79
N TYR H 46 -12.29 30.39 -1.95
CA TYR H 46 -12.36 31.82 -2.24
C TYR H 46 -13.19 31.97 -3.50
N PRO H 47 -14.49 31.76 -3.39
CA PRO H 47 -15.35 31.93 -4.56
C PRO H 47 -15.58 33.39 -4.85
N CYS H 48 -15.93 33.65 -6.09
CA CYS H 48 -16.05 35.02 -6.54
C CYS H 48 -17.24 35.68 -5.84
N GLY H 49 -17.16 36.99 -5.68
CA GLY H 49 -18.29 37.75 -5.21
C GLY H 49 -18.58 37.59 -3.72
N LYS H 50 -17.66 36.99 -2.96
CA LYS H 50 -17.83 36.74 -1.54
C LYS H 50 -16.71 37.48 -0.82
N GLN H 51 -17.05 38.33 0.12
CA GLN H 51 -16.05 39.10 0.84
C GLN H 51 -15.29 38.22 1.81
N THR H 52 -13.99 38.45 1.93
CA THR H 52 -13.17 37.55 2.72
C THR H 52 -13.36 37.84 4.21
N LEU H 53 -13.45 36.77 5.00
CA LEU H 53 -13.51 36.83 6.46
C LEU H 53 -12.44 35.93 7.07
N GLU H 54 -12.30 35.98 8.39
CA GLU H 54 -11.32 35.14 9.09
C GLU H 54 -12.09 34.26 10.06
N 0GJ I . -14.15 -13.80 58.48
CA 0GJ I . -12.74 -13.48 58.45
C 0GJ I . -12.24 -13.25 57.02
O 0GJ I . -12.17 -12.12 56.65
CB 0GJ I . -11.91 -14.60 59.11
CG 0GJ I . -10.39 -14.37 58.95
CD 0GJ I . -9.62 -15.26 59.91
OE1 0GJ I . -8.36 -15.36 59.85
OE2 0GJ I . -10.26 -15.90 60.79
N1 0GJ I . -11.92 -14.45 56.14
CA1 0GJ I . -11.41 -14.44 54.74
C1 0GJ I . -12.29 -13.69 53.72
O1 0GJ I . -13.46 -13.82 53.72
N2 0GJ I . -11.62 -12.82 52.73
CA2 0GJ I . -12.38 -12.05 51.72
C2 0GJ I . -12.46 -12.84 50.40
O2 0GJ I . -13.68 -13.39 50.76
CB1 0GJ I . -11.89 -10.56 51.79
CG1 0GJ I . -11.41 -10.28 53.25
CD1 0GJ I . -10.82 -8.88 53.41
NE 0GJ I . -11.26 -8.37 54.76
CZ 0GJ I . -11.16 -6.95 55.12
NH1 0GJ I . -10.65 -6.02 54.20
NH2 0GJ I . -11.53 -6.57 56.24
C3 0GJ I . -11.65 -14.16 50.33
CA CA J . -22.41 -5.56 32.52
N 0GJ K . -12.37 64.44 -16.83
CA 0GJ K . -13.12 63.34 -17.40
C 0GJ K . -12.26 62.05 -17.41
O 0GJ K . -12.60 61.17 -16.68
CB 0GJ K . -13.61 63.73 -18.81
CG 0GJ K . -12.44 64.00 -19.78
CD 0GJ K . -12.94 64.05 -21.22
OE1 0GJ K . -13.39 63.02 -21.77
OE2 0GJ K . -12.89 65.14 -21.86
N1 0GJ K . -11.01 61.82 -18.25
CA1 0GJ K . -10.25 60.54 -18.19
C1 0GJ K . -9.77 60.24 -16.74
O1 0GJ K . -9.32 61.14 -16.13
N2 0GJ K . -9.87 58.88 -16.13
CA2 0GJ K . -9.44 58.58 -14.75
C2 0GJ K . -8.73 57.25 -14.66
O2 0GJ K . -8.35 57.11 -13.33
CB1 0GJ K . -10.72 58.48 -13.86
CG1 0GJ K . -11.98 59.13 -14.52
CD1 0GJ K . -13.26 58.85 -13.69
NE 0GJ K . -14.14 60.08 -13.70
CZ 0GJ K . -15.27 60.19 -12.77
NH1 0GJ K . -15.56 59.14 -11.88
NH2 0GJ K . -15.99 61.18 -12.77
C3 0GJ K . -7.46 57.26 -15.47
CA CA L . 1.11 48.79 1.13
#